data_4YSZ
#
_entry.id   4YSZ
#
_cell.length_a   123.934
_cell.length_b   126.968
_cell.length_c   219.335
_cell.angle_alpha   90.00
_cell.angle_beta   90.00
_cell.angle_gamma   90.00
#
_symmetry.space_group_name_H-M   'P 21 21 21'
#
loop_
_entity.id
_entity.type
_entity.pdbx_description
1 polymer 'Succinate dehydrogenase flavoprotein'
2 polymer 'Succinate dehydrogenase [ubiquinone] iron-sulfur subunit, mitochondrial'
3 polymer 'Cytochrome b-large subunit'
4 polymer 'Succinate dehydrogenase [ubiquinone] cytochrome b small subunit, mitochondrial'
5 non-polymer 'MALONATE ION'
6 non-polymer 'FLAVIN-ADENINE DINUCLEOTIDE'
7 non-polymer 'FE2/S2 (INORGANIC) CLUSTER'
8 non-polymer 'IRON/SULFUR CLUSTER'
9 non-polymer 'FE3-S4 CLUSTER'
10 non-polymer 'PROTOPORPHYRIN IX CONTAINING FE'
11 non-polymer 2-iodo-N-[3-(1-methylethoxy)phenyl]benzamide
12 non-polymer L-ALPHA-PHOSPHATIDYL-BETA-OLEOYL-GAMMA-PALMITOYL-PHOSPHATIDYLETHANOLAMINE
13 water water
#
loop_
_entity_poly.entity_id
_entity_poly.type
_entity_poly.pdbx_seq_one_letter_code
_entity_poly.pdbx_strand_id
1 'polypeptide(L)'
;MLRAVRALICRIGARRTLSVSSSRLDVSTSNIAQYKVIDHAYDVVIIGAGGAGLRAAMGLGEAGFKTAVVTKMFPTRSHT
TAAQGGINAALGSMNPDDWKWHFYDTVKGSDWLGDQNAMHYLTRNAVEAVTELENFGMPFSRTPEGKIYQRSFGGQSNNY
GKGGVAKRTCCVADRTGHSMLHTLYGNSLRCHCTFFIEYFALDLLMDKGRCVGVIALCLEDGTIHRFRSKRTIVATGGYG
RAYFSCTTAHMNTGDGTALATRAGIALEDLEFIQFHPTGIYGVGCLITEGSRGEGGFLVNSEGERFMERYAPKAKDLASR
DVVSRAETIEIMEGRGVGPEKDHIYLQLHHLPAEQLHQRLPGISETAKIFAGVDVTKEPIPVIPTVHYNMGGIPTNYKAQ
VIKYTKEGGDKIVPGLYACGECACHSVHGANRLGANSLLDAVVFGRACSINIKEELKPDEKIPELPEGAGEESIANLDAV
RYANGDVPTAELRLTMQKTMQKHAGVFRRGDILAEGVKKMMDLFKELKRLKTTDRSLIWNSDLTESLELQNLMLNATQTI
VAAENRKESRGAHARDDFPKREDEYDYSKPIEGQTKRPFEKHWRKHTLTKQDPRTGHITLDYRPVIDKTLDPAEVDWIPP
IIRSY
;
A,E
2 'polypeptide(L)'
;MLRGSTSVCRSLELVTQAARYASAATAAAPTGKRIKTFEIYRFNPEEPGAKPKLQKFDVDLDKCGTMVLDALIKIKNEVD
PTLTFRRSCREGICGSCAMNIAGENTLACICNIDQNTSKTTKIYPLPHMFVIKDLVPDMNLFYAQYASIQPWLQKKTKIN
LGEKQQYQSIKEQEKLDGLYECILCACCSASCPSYWWNADKYLGPAVLMQAYRWIIDSRDDSAAERLARMQDGFSAFKCH
TIMNCTKTCPKHLNPARAIGEIKMLLTKMKTKPAPLPTPANF
;
B,F
3 'polypeptide(L)'
;MSLLPYNATLCRVLRHNVKFIRSVQTSAARVSAEKTPIQVWGWDYLMRQRALKRPIAPHLTIYKPQMTWMVSGLHRVTGC
AMAGTLLIGGVGFSVLPLDFTTFVEFIRGLGIPWVILDTFKFIIAFPIAFHTLNGIRFIGFDMAKGTDIPSIYRGAYLVL
GLAALISLAVVVYPRWERHKKATLPTNH
;
C,G
4 'polypeptide(L)'
;MLSAVRRAIPLSARILRTSLIQRCAGATSAAVTGAAPPQFDPIAAEKGFKPLHSHGTLFKIERYFAAAMVPLIPAAYFIH
GREMDLCLALALTLHVHWGVWGVVNDYGRPFVLGDTLAAAVRVGAYIFTACLLAGLLYFNEHDVGLTRAFEMVWEL
;
D,H
#
loop_
_chem_comp.id
_chem_comp.type
_chem_comp.name
_chem_comp.formula
12J non-polymer 2-iodo-N-[3-(1-methylethoxy)phenyl]benzamide 'C16 H16 I N O2'
EPH non-polymer L-ALPHA-PHOSPHATIDYL-BETA-OLEOYL-GAMMA-PALMITOYL-PHOSPHATIDYLETHANOLAMINE 'C39 H68 N O8 P'
F3S non-polymer 'FE3-S4 CLUSTER' 'Fe3 S4'
FAD non-polymer 'FLAVIN-ADENINE DINUCLEOTIDE' 'C27 H33 N9 O15 P2'
FES non-polymer 'FE2/S2 (INORGANIC) CLUSTER' 'Fe2 S2'
HEM non-polymer 'PROTOPORPHYRIN IX CONTAINING FE' 'C34 H32 Fe N4 O4'
MLI non-polymer 'MALONATE ION' 'C3 H2 O4 -2'
SF4 non-polymer 'IRON/SULFUR CLUSTER' 'Fe4 S4'
#
# COMPACT_ATOMS: atom_id res chain seq x y z
N SER A 30 24.41 -12.23 33.10
CA SER A 30 23.25 -13.15 33.32
C SER A 30 23.42 -14.04 34.55
N ASN A 31 24.51 -13.83 35.30
CA ASN A 31 25.04 -14.80 36.27
C ASN A 31 24.01 -15.54 37.12
N ILE A 32 23.26 -14.80 37.94
CA ILE A 32 22.58 -15.40 39.09
C ILE A 32 21.07 -15.65 38.88
N ALA A 33 20.65 -15.84 37.62
CA ALA A 33 19.23 -16.21 37.34
C ALA A 33 18.96 -16.79 35.95
N GLN A 34 17.76 -17.38 35.80
CA GLN A 34 17.24 -17.88 34.51
C GLN A 34 16.29 -16.88 33.87
N TYR A 35 16.28 -16.87 32.53
CA TYR A 35 15.50 -15.89 31.78
C TYR A 35 14.91 -16.51 30.53
N LYS A 36 13.60 -16.40 30.37
CA LYS A 36 12.93 -16.91 29.19
C LYS A 36 13.11 -15.87 28.12
N VAL A 37 13.89 -16.19 27.09
CA VAL A 37 13.99 -15.32 25.93
C VAL A 37 12.98 -15.78 24.89
N ILE A 38 12.45 -14.81 24.14
CA ILE A 38 11.39 -15.08 23.18
C ILE A 38 11.63 -14.25 21.91
N ASP A 39 11.81 -14.92 20.78
CA ASP A 39 12.23 -14.26 19.55
C ASP A 39 11.06 -13.97 18.61
N HIS A 40 11.08 -12.77 18.00
CA HIS A 40 10.05 -12.32 17.06
C HIS A 40 10.71 -11.80 15.81
N ALA A 41 10.03 -11.93 14.67
CA ALA A 41 10.55 -11.36 13.40
C ALA A 41 9.60 -10.33 12.80
N TYR A 42 10.02 -9.06 12.76
CA TYR A 42 9.18 -7.99 12.23
C TYR A 42 9.86 -7.16 11.14
N ASP A 43 9.06 -6.59 10.25
CA ASP A 43 9.58 -5.71 9.20
C ASP A 43 10.19 -4.45 9.85
N VAL A 44 9.44 -3.85 10.75
CA VAL A 44 9.89 -2.65 11.46
C VAL A 44 9.36 -2.66 12.90
N VAL A 45 10.22 -2.28 13.83
CA VAL A 45 9.86 -2.25 15.24
C VAL A 45 9.99 -0.85 15.77
N ILE A 46 8.89 -0.29 16.28
CA ILE A 46 8.87 1.07 16.81
C ILE A 46 8.97 1.01 18.33
N ILE A 47 10.02 1.63 18.88
CA ILE A 47 10.08 1.88 20.32
C ILE A 47 9.40 3.23 20.59
N GLY A 48 8.20 3.17 21.14
CA GLY A 48 7.43 4.37 21.43
C GLY A 48 6.02 4.22 20.90
N ALA A 49 5.07 4.80 21.62
CA ALA A 49 3.70 4.90 21.15
C ALA A 49 3.01 6.19 21.60
N GLY A 50 3.74 7.30 21.48
CA GLY A 50 3.14 8.64 21.57
C GLY A 50 2.80 9.18 20.19
N GLY A 51 2.86 10.50 20.03
CA GLY A 51 2.60 11.10 18.73
C GLY A 51 3.46 10.47 17.65
N ALA A 52 4.76 10.65 17.76
CA ALA A 52 5.66 10.21 16.70
C ALA A 52 5.48 8.72 16.40
N GLY A 53 5.71 7.90 17.43
CA GLY A 53 5.57 6.45 17.35
C GLY A 53 4.35 5.98 16.57
N LEU A 54 3.16 6.47 16.95
CA LEU A 54 1.92 5.98 16.36
C LEU A 54 1.75 6.43 14.90
N ARG A 55 1.99 7.70 14.63
CA ARG A 55 1.84 8.20 13.27
C ARG A 55 2.70 7.41 12.33
N ALA A 56 3.92 7.08 12.78
CA ALA A 56 4.79 6.18 12.02
C ALA A 56 4.14 4.83 11.82
N ALA A 57 3.63 4.23 12.91
CA ALA A 57 3.00 2.91 12.84
C ALA A 57 1.90 2.86 11.79
N MET A 58 1.01 3.86 11.81
CA MET A 58 -0.11 3.93 10.88
C MET A 58 0.35 3.85 9.44
N GLY A 59 1.30 4.71 9.09
CA GLY A 59 1.81 4.78 7.71
C GLY A 59 2.44 3.48 7.26
N LEU A 60 3.11 2.83 8.19
CA LEU A 60 3.78 1.57 7.92
C LEU A 60 2.78 0.44 7.71
N GLY A 61 1.85 0.29 8.64
CA GLY A 61 0.80 -0.72 8.53
C GLY A 61 -0.09 -0.52 7.32
N GLU A 62 -0.40 0.73 6.99
CA GLU A 62 -1.06 1.10 5.73
C GLU A 62 -0.28 0.63 4.50
N ALA A 63 1.00 0.95 4.46
CA ALA A 63 1.88 0.53 3.37
C ALA A 63 2.19 -0.97 3.36
N GLY A 64 1.72 -1.69 4.37
CA GLY A 64 1.68 -3.15 4.33
C GLY A 64 2.54 -3.87 5.35
N PHE A 65 3.54 -3.19 5.88
CA PHE A 65 4.57 -3.81 6.72
C PHE A 65 4.09 -4.51 7.99
N LYS A 66 4.74 -5.62 8.33
CA LYS A 66 4.55 -6.27 9.63
C LYS A 66 5.21 -5.37 10.68
N THR A 67 4.40 -4.47 11.24
CA THR A 67 4.88 -3.48 12.20
C THR A 67 4.63 -3.92 13.63
N ALA A 68 5.64 -3.78 14.48
CA ALA A 68 5.53 -4.05 15.91
C ALA A 68 5.87 -2.80 16.72
N VAL A 69 5.03 -2.50 17.71
CA VAL A 69 5.17 -1.29 18.54
C VAL A 69 5.48 -1.65 19.98
N VAL A 70 6.68 -1.30 20.44
CA VAL A 70 7.09 -1.64 21.80
C VAL A 70 7.01 -0.38 22.64
N THR A 71 6.29 -0.46 23.75
CA THR A 71 6.12 0.70 24.62
C THR A 71 6.01 0.20 26.05
N LYS A 72 6.64 0.92 26.97
CA LYS A 72 6.63 0.57 28.41
C LYS A 72 5.37 1.05 29.15
N MET A 73 4.45 1.69 28.43
CA MET A 73 3.14 1.99 28.97
C MET A 73 2.10 1.97 27.86
N PHE A 74 0.84 1.77 28.25
CA PHE A 74 -0.26 1.79 27.30
C PHE A 74 -0.18 3.12 26.58
N PRO A 75 -0.33 3.11 25.23
CA PRO A 75 0.04 4.24 24.38
C PRO A 75 -0.65 5.56 24.71
N THR A 76 -1.87 5.50 25.21
CA THR A 76 -2.61 6.67 25.68
C THR A 76 -1.94 7.37 26.90
N ARG A 77 -1.22 6.62 27.73
CA ARG A 77 -0.54 7.22 28.88
C ARG A 77 0.72 8.00 28.45
N SER A 78 1.12 7.88 27.18
CA SER A 78 2.29 8.55 26.65
C SER A 78 2.21 10.03 26.91
N HIS A 79 3.34 10.71 26.91
CA HIS A 79 3.34 12.08 27.36
C HIS A 79 2.63 13.03 26.40
N THR A 80 2.61 12.67 25.13
CA THR A 80 1.82 13.40 24.14
C THR A 80 0.43 13.74 24.69
N THR A 81 -0.20 12.79 25.38
CA THR A 81 -1.55 12.99 25.94
C THR A 81 -1.61 14.20 26.90
N ALA A 82 -0.47 14.62 27.44
CA ALA A 82 -0.43 15.75 28.36
C ALA A 82 -0.31 17.11 27.67
N ALA A 83 -0.09 17.10 26.35
CA ALA A 83 0.03 18.35 25.61
C ALA A 83 -1.31 19.07 25.53
N GLN A 84 -1.23 20.38 25.28
CA GLN A 84 -2.32 21.32 25.58
C GLN A 84 -2.63 22.36 24.49
N GLY A 85 -1.66 23.24 24.23
CA GLY A 85 -1.87 24.49 23.51
C GLY A 85 -2.18 24.37 22.04
N GLY A 86 -1.66 23.34 21.39
CA GLY A 86 -1.99 23.14 20.00
C GLY A 86 -0.89 22.63 19.13
N ILE A 87 -1.13 22.72 17.83
CA ILE A 87 -0.23 22.23 16.82
C ILE A 87 -0.26 23.20 15.65
N ASN A 88 0.92 23.61 15.22
CA ASN A 88 1.04 24.72 14.32
C ASN A 88 0.82 24.25 12.93
N ALA A 89 0.10 25.05 12.17
CA ALA A 89 0.03 24.91 10.72
C ALA A 89 -0.60 26.18 10.15
N ALA A 90 -0.15 26.57 8.97
CA ALA A 90 -0.71 27.72 8.32
C ALA A 90 -1.99 27.33 7.57
N LEU A 91 -3.04 27.03 8.35
CA LEU A 91 -4.37 26.72 7.78
C LEU A 91 -5.08 27.99 7.32
N GLY A 92 -4.68 29.13 7.88
CA GLY A 92 -5.29 30.41 7.57
C GLY A 92 -6.74 30.46 7.96
N SER A 93 -7.11 29.76 9.03
CA SER A 93 -8.49 29.72 9.47
C SER A 93 -8.94 30.99 10.17
N MET A 94 -8.00 31.89 10.51
CA MET A 94 -8.35 33.16 11.18
C MET A 94 -7.91 34.41 10.43
N ASN A 95 -6.89 34.27 9.59
CA ASN A 95 -6.36 35.36 8.79
C ASN A 95 -5.44 34.73 7.74
N PRO A 96 -5.25 35.38 6.57
CA PRO A 96 -4.39 34.74 5.55
C PRO A 96 -3.01 34.38 6.11
N ASP A 97 -2.42 33.28 5.63
CA ASP A 97 -1.16 32.76 6.19
C ASP A 97 -0.34 32.01 5.15
N ASP A 98 0.93 31.79 5.44
CA ASP A 98 1.85 31.22 4.47
C ASP A 98 2.81 30.33 5.23
N TRP A 99 2.99 29.09 4.79
CA TRP A 99 3.92 28.21 5.49
C TRP A 99 5.37 28.75 5.50
N LYS A 100 5.70 29.66 4.59
CA LYS A 100 7.04 30.28 4.58
C LYS A 100 7.21 31.20 5.80
N TRP A 101 6.12 31.83 6.23
CA TRP A 101 6.18 32.72 7.39
C TRP A 101 6.45 31.88 8.64
N HIS A 102 5.84 30.69 8.65
CA HIS A 102 5.96 29.71 9.72
C HIS A 102 7.38 29.17 9.71
N PHE A 103 7.83 28.77 8.53
CA PHE A 103 9.23 28.46 8.30
C PHE A 103 10.11 29.56 8.93
N TYR A 104 9.94 30.80 8.51
CA TYR A 104 10.72 31.89 9.10
C TYR A 104 10.72 31.78 10.61
N ASP A 105 9.53 31.89 11.20
CA ASP A 105 9.41 31.98 12.65
C ASP A 105 10.08 30.83 13.35
N THR A 106 10.00 29.66 12.71
CA THR A 106 10.63 28.44 13.18
C THR A 106 12.15 28.56 13.19
N VAL A 107 12.74 29.14 12.16
CA VAL A 107 14.20 29.27 12.10
C VAL A 107 14.68 30.36 13.06
N LYS A 108 14.04 31.52 13.04
CA LYS A 108 14.36 32.53 14.03
C LYS A 108 14.27 31.91 15.42
N GLY A 109 13.31 31.02 15.59
CA GLY A 109 13.14 30.31 16.85
C GLY A 109 14.40 29.61 17.24
N SER A 110 14.98 28.88 16.29
CA SER A 110 16.11 28.01 16.60
C SER A 110 17.37 28.75 17.02
N ASP A 111 17.39 30.08 16.89
CA ASP A 111 18.58 30.92 17.09
C ASP A 111 19.74 30.40 16.21
N TRP A 112 19.35 30.02 14.99
CA TRP A 112 20.22 29.49 13.94
C TRP A 112 21.09 28.31 14.34
N LEU A 113 20.58 27.48 15.23
CA LEU A 113 21.18 26.18 15.46
C LEU A 113 20.35 25.13 14.74
N GLY A 114 19.27 25.56 14.09
CA GLY A 114 18.37 24.63 13.44
C GLY A 114 18.85 24.23 12.05
N ASP A 115 18.70 22.97 11.73
CA ASP A 115 19.00 22.51 10.40
C ASP A 115 17.83 22.92 9.51
N GLN A 116 18.09 23.78 8.53
CA GLN A 116 17.01 24.48 7.80
C GLN A 116 16.30 23.60 6.78
N ASN A 117 17.02 22.59 6.29
CA ASN A 117 16.42 21.55 5.46
C ASN A 117 15.31 20.80 6.19
N ALA A 118 15.59 20.40 7.43
CA ALA A 118 14.62 19.70 8.25
C ALA A 118 13.52 20.66 8.70
N MET A 119 13.88 21.91 9.02
CA MET A 119 12.89 22.91 9.41
C MET A 119 12.00 23.27 8.24
N HIS A 120 12.52 23.08 7.03
CA HIS A 120 11.75 23.26 5.79
C HIS A 120 10.74 22.12 5.65
N TYR A 121 11.21 20.89 5.76
CA TYR A 121 10.31 19.76 5.67
C TYR A 121 9.21 19.86 6.71
N LEU A 122 9.58 20.24 7.93
CA LEU A 122 8.61 20.39 9.00
C LEU A 122 7.45 21.30 8.59
N THR A 123 7.77 22.49 8.09
CA THR A 123 6.77 23.54 7.86
C THR A 123 6.03 23.41 6.51
N ARG A 124 6.76 23.02 5.47
CA ARG A 124 6.11 22.74 4.20
C ARG A 124 4.95 21.79 4.46
N ASN A 125 5.21 20.71 5.20
CA ASN A 125 4.22 19.62 5.39
C ASN A 125 3.23 19.82 6.56
N ALA A 126 3.23 21.00 7.18
CA ALA A 126 2.34 21.26 8.33
C ALA A 126 0.86 21.20 7.98
N VAL A 127 0.48 21.98 6.97
CA VAL A 127 -0.92 22.11 6.54
C VAL A 127 -1.57 20.76 6.24
N GLU A 128 -0.78 19.87 5.64
CA GLU A 128 -1.26 18.55 5.25
C GLU A 128 -1.32 17.64 6.47
N ALA A 129 -0.27 17.68 7.28
CA ALA A 129 -0.20 16.82 8.46
C ALA A 129 -1.37 17.06 9.40
N VAL A 130 -1.68 18.33 9.67
CA VAL A 130 -2.71 18.67 10.63
C VAL A 130 -4.09 18.45 10.03
N THR A 131 -4.21 18.64 8.73
CA THR A 131 -5.45 18.33 8.04
C THR A 131 -5.78 16.85 8.20
N GLU A 132 -4.78 16.00 8.01
CA GLU A 132 -4.96 14.56 8.19
C GLU A 132 -5.54 14.26 9.56
N LEU A 133 -4.94 14.82 10.60
CA LEU A 133 -5.39 14.59 11.95
C LEU A 133 -6.88 14.80 11.99
N GLU A 134 -7.34 15.93 11.44
CA GLU A 134 -8.77 16.23 11.39
C GLU A 134 -9.51 15.20 10.54
N ASN A 135 -8.91 14.84 9.42
CA ASN A 135 -9.50 13.83 8.57
C ASN A 135 -9.54 12.44 9.24
N PHE A 136 -8.71 12.21 10.24
CA PHE A 136 -8.77 10.99 11.04
C PHE A 136 -9.88 11.04 12.11
N GLY A 137 -10.51 12.19 12.29
CA GLY A 137 -11.51 12.36 13.33
C GLY A 137 -11.02 13.07 14.58
N MET A 138 -9.87 13.74 14.52
CA MET A 138 -9.46 14.58 15.64
C MET A 138 -10.46 15.72 15.71
N PRO A 139 -11.07 15.93 16.89
CA PRO A 139 -12.17 16.86 17.05
C PRO A 139 -11.73 18.30 17.36
N PHE A 140 -11.16 18.98 16.36
CA PHE A 140 -10.62 20.31 16.60
C PHE A 140 -11.76 21.22 16.97
N SER A 141 -11.45 22.20 17.82
CA SER A 141 -12.37 23.29 18.10
C SER A 141 -12.68 23.94 16.76
N ARG A 142 -13.70 24.80 16.69
CA ARG A 142 -14.09 25.35 15.38
C ARG A 142 -14.36 26.86 15.34
N THR A 143 -14.23 27.42 14.14
CA THR A 143 -14.63 28.80 13.85
C THR A 143 -16.08 28.81 13.35
N PRO A 144 -16.75 29.99 13.38
CA PRO A 144 -18.10 30.07 12.81
C PRO A 144 -18.18 29.51 11.40
N GLU A 145 -17.15 29.71 10.59
CA GLU A 145 -17.13 29.20 9.22
C GLU A 145 -17.06 27.66 9.14
N GLY A 146 -16.85 27.01 10.30
CA GLY A 146 -16.72 25.55 10.40
C GLY A 146 -15.29 24.99 10.30
N LYS A 147 -14.30 25.87 10.17
CA LYS A 147 -12.91 25.47 9.98
C LYS A 147 -12.21 25.26 11.33
N ILE A 148 -10.99 24.76 11.28
CA ILE A 148 -10.22 24.49 12.48
C ILE A 148 -9.87 25.80 13.17
N TYR A 149 -10.22 25.92 14.45
CA TYR A 149 -9.88 27.12 15.21
C TYR A 149 -8.39 27.21 15.44
N GLN A 150 -7.84 28.42 15.29
CA GLN A 150 -6.43 28.69 15.57
C GLN A 150 -6.26 29.81 16.60
N ARG A 151 -5.33 29.59 17.53
CA ARG A 151 -4.97 30.60 18.50
C ARG A 151 -3.54 31.11 18.28
N SER A 152 -3.24 32.26 18.90
CA SER A 152 -1.91 32.82 18.88
C SER A 152 -1.05 32.09 19.92
N PHE A 153 0.27 32.27 19.82
CA PHE A 153 1.17 31.51 20.65
C PHE A 153 2.52 32.24 20.76
N GLY A 154 3.55 31.53 21.22
CA GLY A 154 4.86 32.10 21.43
C GLY A 154 5.75 32.05 20.20
N GLY A 155 6.44 33.15 19.94
CA GLY A 155 7.48 33.23 18.91
C GLY A 155 7.03 33.06 17.47
N GLN A 156 5.80 33.47 17.15
CA GLN A 156 5.29 33.43 15.77
C GLN A 156 4.71 34.76 15.25
N SER A 157 4.72 34.90 13.92
CA SER A 157 4.49 36.18 13.26
C SER A 157 4.21 36.04 11.76
N ASN A 158 3.42 36.97 11.24
CA ASN A 158 3.13 37.05 9.80
C ASN A 158 4.13 37.94 9.04
N ASN A 159 4.26 37.69 7.74
CA ASN A 159 5.26 38.33 6.87
C ASN A 159 6.70 38.39 7.42
N TYR A 160 7.30 37.21 7.58
CA TYR A 160 8.70 37.03 7.94
C TYR A 160 9.13 37.98 9.05
N GLY A 161 8.31 38.08 10.09
CA GLY A 161 8.64 38.91 11.24
C GLY A 161 8.23 40.37 11.16
N LYS A 162 7.85 40.83 9.98
CA LYS A 162 7.41 42.22 9.86
C LYS A 162 5.97 42.41 10.33
N GLY A 163 5.09 41.47 9.97
CA GLY A 163 3.67 41.55 10.34
C GLY A 163 3.35 41.47 11.82
N GLY A 164 2.14 40.99 12.14
CA GLY A 164 1.65 40.98 13.51
C GLY A 164 1.86 39.64 14.22
N VAL A 165 1.11 39.43 15.30
CA VAL A 165 1.19 38.17 16.06
C VAL A 165 0.33 37.12 15.35
N ALA A 166 0.96 36.05 14.86
CA ALA A 166 0.29 35.11 13.98
C ALA A 166 -0.72 34.26 14.71
N LYS A 167 -1.71 33.78 13.97
CA LYS A 167 -2.67 32.77 14.45
C LYS A 167 -2.54 31.51 13.62
N ARG A 168 -1.65 30.63 14.09
CA ARG A 168 -1.34 29.38 13.40
C ARG A 168 -1.57 28.13 14.27
N THR A 169 -1.84 28.34 15.55
CA THR A 169 -1.75 27.27 16.53
C THR A 169 -3.11 26.59 16.70
N CYS A 170 -3.30 25.49 15.94
CA CYS A 170 -4.56 24.77 15.93
C CYS A 170 -4.74 24.04 17.23
N CYS A 171 -5.88 24.21 17.87
CA CYS A 171 -6.07 23.67 19.19
C CYS A 171 -7.39 23.00 19.33
N VAL A 172 -7.43 21.93 20.08
CA VAL A 172 -8.66 21.41 20.61
C VAL A 172 -8.85 21.97 21.99
N ALA A 173 -9.15 23.23 22.10
CA ALA A 173 -9.26 23.78 23.41
C ALA A 173 -7.98 23.71 24.12
N ASP A 174 -8.05 23.14 25.29
CA ASP A 174 -6.96 23.08 26.23
C ASP A 174 -6.08 21.86 26.16
N ARG A 175 -6.50 20.86 25.39
CA ARG A 175 -6.15 19.46 25.56
C ARG A 175 -5.80 18.91 24.18
N THR A 176 -5.13 19.71 23.38
CA THR A 176 -4.84 19.33 22.02
C THR A 176 -4.09 18.01 21.96
N GLY A 177 -3.04 17.89 22.78
CA GLY A 177 -2.27 16.64 22.91
C GLY A 177 -3.07 15.40 23.28
N HIS A 178 -3.97 15.55 24.23
CA HIS A 178 -4.90 14.50 24.62
C HIS A 178 -5.68 14.02 23.41
N SER A 179 -6.31 14.95 22.71
CA SER A 179 -7.18 14.59 21.61
C SER A 179 -6.36 14.01 20.45
N MET A 180 -5.22 14.62 20.13
CA MET A 180 -4.40 14.12 19.03
C MET A 180 -3.95 12.65 19.25
N LEU A 181 -3.50 12.33 20.47
CA LEU A 181 -2.93 11.02 20.73
C LEU A 181 -4.00 9.96 20.73
N HIS A 182 -5.09 10.22 21.46
CA HIS A 182 -6.27 9.33 21.47
C HIS A 182 -6.83 9.04 20.08
N THR A 183 -6.72 10.04 19.19
CA THR A 183 -7.14 9.91 17.79
C THR A 183 -6.18 8.97 17.05
N LEU A 184 -4.89 9.31 17.10
CA LEU A 184 -3.87 8.47 16.48
C LEU A 184 -3.99 7.03 17.00
N TYR A 185 -4.02 6.87 18.32
CA TYR A 185 -4.19 5.54 18.88
C TYR A 185 -5.42 4.88 18.23
N GLY A 186 -6.53 5.60 18.24
CA GLY A 186 -7.77 5.12 17.65
C GLY A 186 -7.55 4.59 16.25
N ASN A 187 -6.98 5.43 15.39
CA ASN A 187 -6.72 5.05 14.00
C ASN A 187 -5.61 4.03 13.85
N SER A 188 -4.81 3.85 14.90
CA SER A 188 -3.77 2.82 14.86
C SER A 188 -4.37 1.41 15.09
N LEU A 189 -5.67 1.30 15.34
CA LEU A 189 -6.27 -0.01 15.55
C LEU A 189 -6.76 -0.58 14.23
N ARG A 190 -7.11 0.31 13.30
CA ARG A 190 -7.34 -0.06 11.91
C ARG A 190 -6.08 -0.56 11.13
N CYS A 191 -4.88 0.01 11.38
CA CYS A 191 -3.62 -0.35 10.61
C CYS A 191 -2.98 -1.72 10.89
N HIS A 192 -3.65 -2.58 11.65
CA HIS A 192 -3.17 -3.95 11.93
C HIS A 192 -1.75 -4.00 12.48
N CYS A 193 -1.32 -2.90 13.09
CA CYS A 193 -0.01 -2.80 13.71
C CYS A 193 -0.13 -3.54 15.03
N THR A 194 0.79 -4.48 15.29
CA THR A 194 0.69 -5.38 16.47
C THR A 194 1.43 -4.84 17.71
N PHE A 195 0.68 -4.58 18.79
CA PHE A 195 1.16 -3.91 20.02
C PHE A 195 1.75 -4.81 21.12
N PHE A 196 2.88 -4.37 21.67
CA PHE A 196 3.52 -5.00 22.82
C PHE A 196 3.53 -3.96 23.93
N ILE A 197 2.53 -4.02 24.80
CA ILE A 197 2.24 -2.94 25.76
C ILE A 197 2.80 -3.27 27.14
N GLU A 198 3.58 -2.34 27.66
CA GLU A 198 4.37 -2.50 28.88
C GLU A 198 5.43 -3.56 28.62
N TYR A 199 6.27 -3.22 27.65
CA TYR A 199 7.57 -3.83 27.44
C TYR A 199 8.59 -2.72 27.63
N PHE A 200 9.57 -2.95 28.51
CA PHE A 200 10.60 -1.96 28.78
C PHE A 200 11.80 -2.24 27.90
N ALA A 201 12.10 -1.35 26.95
CA ALA A 201 13.18 -1.60 25.99
C ALA A 201 14.54 -1.40 26.64
N LEU A 202 15.39 -2.42 26.51
CA LEU A 202 16.66 -2.43 27.21
C LEU A 202 17.73 -1.84 26.32
N ASP A 203 17.86 -2.39 25.11
CA ASP A 203 18.92 -1.97 24.21
C ASP A 203 18.56 -2.18 22.74
N LEU A 204 19.27 -1.50 21.86
CA LEU A 204 19.15 -1.77 20.44
C LEU A 204 20.00 -3.00 20.17
N LEU A 205 19.50 -3.89 19.32
CA LEU A 205 20.26 -5.03 18.83
C LEU A 205 21.11 -4.66 17.62
N MET A 206 22.40 -4.45 17.87
CA MET A 206 23.35 -4.01 16.84
C MET A 206 24.14 -5.20 16.30
N ASP A 207 24.44 -5.17 15.00
CA ASP A 207 25.27 -6.18 14.34
C ASP A 207 26.25 -5.49 13.39
N LYS A 208 27.34 -5.00 13.97
CA LYS A 208 28.39 -4.32 13.23
C LYS A 208 27.84 -3.04 12.61
N GLY A 209 27.55 -2.07 13.48
CA GLY A 209 27.12 -0.74 13.05
C GLY A 209 25.73 -0.64 12.43
N ARG A 210 25.03 -1.77 12.34
CA ARG A 210 23.71 -1.85 11.75
C ARG A 210 22.75 -2.33 12.84
N CYS A 211 21.54 -1.78 12.88
CA CYS A 211 20.54 -2.16 13.89
C CYS A 211 19.58 -3.23 13.33
N VAL A 212 19.60 -4.40 13.95
CA VAL A 212 18.69 -5.50 13.57
C VAL A 212 17.50 -5.69 14.53
N GLY A 213 17.36 -4.80 15.52
CA GLY A 213 16.19 -4.83 16.39
C GLY A 213 16.33 -4.27 17.80
N VAL A 214 15.45 -4.74 18.68
CA VAL A 214 15.35 -4.26 20.05
C VAL A 214 15.26 -5.47 20.98
N ILE A 215 15.67 -5.28 22.23
CA ILE A 215 15.46 -6.26 23.27
C ILE A 215 14.76 -5.60 24.46
N ALA A 216 13.71 -6.26 24.96
CA ALA A 216 12.84 -5.68 25.98
C ALA A 216 12.38 -6.68 27.04
N LEU A 217 11.91 -6.14 28.15
CA LEU A 217 11.43 -6.93 29.27
C LEU A 217 9.92 -6.81 29.33
N CYS A 218 9.22 -7.93 29.21
CA CYS A 218 7.79 -7.94 29.32
C CYS A 218 7.38 -7.92 30.80
N LEU A 219 6.65 -6.90 31.23
CA LEU A 219 6.36 -6.69 32.66
C LEU A 219 5.34 -7.65 33.20
N GLU A 220 4.47 -8.12 32.31
CA GLU A 220 3.38 -9.00 32.75
C GLU A 220 3.89 -10.34 33.27
N ASP A 221 5.00 -10.83 32.73
CA ASP A 221 5.50 -12.16 33.05
C ASP A 221 7.02 -12.31 33.23
N GLY A 222 7.77 -11.22 33.13
CA GLY A 222 9.22 -11.28 33.28
C GLY A 222 9.96 -12.01 32.17
N THR A 223 9.29 -12.22 31.04
CA THR A 223 9.94 -12.81 29.91
C THR A 223 10.77 -11.71 29.20
N ILE A 224 11.85 -12.13 28.54
CA ILE A 224 12.72 -11.24 27.77
C ILE A 224 12.47 -11.46 26.30
N HIS A 225 12.45 -10.38 25.53
CA HIS A 225 12.03 -10.44 24.12
C HIS A 225 13.06 -9.82 23.20
N ARG A 226 13.40 -10.51 22.12
CA ARG A 226 14.32 -10.01 21.11
C ARG A 226 13.59 -9.84 19.80
N PHE A 227 13.44 -8.60 19.37
CA PHE A 227 12.72 -8.31 18.14
C PHE A 227 13.71 -8.15 16.96
N ARG A 228 13.62 -9.07 16.01
CA ARG A 228 14.40 -8.96 14.79
C ARG A 228 13.58 -8.10 13.86
N SER A 229 14.23 -7.13 13.23
CA SER A 229 13.54 -6.26 12.31
C SER A 229 14.47 -5.52 11.38
N LYS A 230 14.02 -5.41 10.13
CA LYS A 230 14.75 -4.69 9.08
C LYS A 230 14.92 -3.21 9.39
N ARG A 231 13.96 -2.64 10.10
CA ARG A 231 14.10 -1.29 10.63
C ARG A 231 13.82 -1.23 12.12
N THR A 232 14.23 -0.13 12.73
CA THR A 232 13.90 0.16 14.10
C THR A 232 13.71 1.66 14.20
N ILE A 233 12.52 2.09 14.62
CA ILE A 233 12.28 3.51 14.80
C ILE A 233 12.31 3.81 16.29
N VAL A 234 13.15 4.76 16.70
CA VAL A 234 13.27 5.16 18.11
C VAL A 234 12.41 6.41 18.33
N ALA A 235 11.35 6.28 19.12
CA ALA A 235 10.40 7.36 19.38
C ALA A 235 9.99 7.40 20.85
N THR A 236 10.98 7.57 21.71
CA THR A 236 10.83 7.36 23.16
C THR A 236 10.56 8.62 24.03
N GLY A 237 10.40 9.79 23.42
CA GLY A 237 10.13 11.01 24.17
C GLY A 237 11.41 11.53 24.78
N GLY A 238 11.25 12.45 25.73
CA GLY A 238 12.37 13.21 26.30
C GLY A 238 12.82 12.74 27.66
N TYR A 239 13.64 13.58 28.33
CA TYR A 239 14.25 13.27 29.63
C TYR A 239 14.05 14.38 30.69
N GLY A 240 12.85 14.92 30.76
CA GLY A 240 12.52 15.88 31.82
C GLY A 240 12.88 15.48 33.25
N ARG A 241 12.68 14.20 33.61
CA ARG A 241 12.96 13.71 34.99
C ARG A 241 14.44 13.67 35.34
N ALA A 242 15.32 14.11 34.43
CA ALA A 242 16.70 14.37 34.80
C ALA A 242 16.83 15.44 35.86
N TYR A 243 15.84 16.33 35.93
CA TYR A 243 15.82 17.48 36.84
C TYR A 243 14.87 17.27 38.00
N PHE A 244 15.02 18.12 39.00
CA PHE A 244 14.19 18.04 40.17
C PHE A 244 12.75 18.43 39.83
N SER A 245 12.58 19.52 39.09
CA SER A 245 11.25 20.03 38.71
C SER A 245 11.01 20.15 37.18
N CYS A 246 9.97 19.47 36.69
CA CYS A 246 9.64 19.42 35.26
C CYS A 246 8.15 19.27 35.03
N THR A 247 7.69 19.59 33.83
CA THR A 247 6.27 19.38 33.47
C THR A 247 6.04 17.98 32.92
N THR A 248 7.14 17.34 32.54
CA THR A 248 7.16 16.00 31.93
C THR A 248 6.62 14.91 32.84
N ALA A 249 6.38 13.74 32.29
CA ALA A 249 5.79 12.64 33.05
C ALA A 249 6.88 11.79 33.67
N HIS A 250 6.52 11.02 34.71
CA HIS A 250 7.48 10.17 35.43
C HIS A 250 8.26 9.26 34.49
N MET A 251 7.71 9.07 33.29
CA MET A 251 8.24 8.14 32.31
C MET A 251 9.21 8.78 31.35
N ASN A 252 9.40 10.10 31.45
CA ASN A 252 10.39 10.80 30.64
C ASN A 252 11.81 10.62 31.18
N THR A 253 12.40 9.48 30.84
CA THR A 253 13.67 9.05 31.41
C THR A 253 14.81 8.96 30.37
N GLY A 254 14.54 9.40 29.14
CA GLY A 254 15.57 9.42 28.10
C GLY A 254 16.10 8.04 27.77
N ASP A 255 15.19 7.08 27.70
CA ASP A 255 15.60 5.71 27.43
C ASP A 255 16.15 5.62 26.02
N GLY A 256 15.40 6.12 25.04
CA GLY A 256 15.81 6.08 23.62
C GLY A 256 17.20 6.66 23.37
N THR A 257 17.56 7.71 24.11
CA THR A 257 18.87 8.33 24.04
C THR A 257 19.91 7.47 24.73
N ALA A 258 19.49 6.82 25.81
CA ALA A 258 20.35 5.86 26.51
C ALA A 258 20.68 4.69 25.58
N LEU A 259 19.65 4.22 24.88
CA LEU A 259 19.77 3.10 23.93
C LEU A 259 20.82 3.38 22.86
N ALA A 260 20.73 4.58 22.28
CA ALA A 260 21.62 5.02 21.23
C ALA A 260 23.02 5.17 21.80
N THR A 261 23.14 5.91 22.90
CA THR A 261 24.41 6.01 23.61
C THR A 261 25.05 4.65 23.85
N ARG A 262 24.26 3.65 24.25
CA ARG A 262 24.78 2.28 24.44
C ARG A 262 25.09 1.57 23.15
N ALA A 263 24.49 1.98 22.04
CA ALA A 263 24.83 1.43 20.71
C ALA A 263 26.01 2.18 20.09
N GLY A 264 26.75 2.90 20.93
CA GLY A 264 27.85 3.73 20.48
C GLY A 264 27.44 4.89 19.58
N ILE A 265 26.24 5.45 19.76
CA ILE A 265 25.83 6.61 18.95
C ILE A 265 25.92 7.87 19.78
N ALA A 266 26.64 8.86 19.25
CA ALA A 266 26.77 10.15 19.90
C ALA A 266 25.46 10.92 19.78
N LEU A 267 25.07 11.58 20.86
CA LEU A 267 23.87 12.39 20.92
C LEU A 267 24.22 13.83 20.66
N GLU A 268 23.25 14.57 20.12
CA GLU A 268 23.45 15.93 19.63
C GLU A 268 22.64 16.96 20.43
N ASP A 269 23.23 18.13 20.62
CA ASP A 269 22.55 19.31 21.21
C ASP A 269 21.97 19.17 22.62
N LEU A 270 22.42 18.16 23.36
CA LEU A 270 21.81 17.82 24.66
C LEU A 270 21.74 18.97 25.65
N GLU A 271 22.64 19.94 25.52
CA GLU A 271 22.67 21.09 26.44
C GLU A 271 21.49 22.04 26.25
N PHE A 272 20.76 21.88 25.15
CA PHE A 272 19.57 22.71 24.90
C PHE A 272 18.27 22.16 25.55
N ILE A 273 18.01 22.66 26.76
CA ILE A 273 16.90 22.25 27.63
C ILE A 273 15.93 23.41 27.78
N GLN A 274 14.71 23.22 27.26
CA GLN A 274 13.70 24.27 27.25
C GLN A 274 13.04 24.38 28.63
N PHE A 275 13.04 25.59 29.18
CA PHE A 275 12.28 25.88 30.40
C PHE A 275 11.01 26.59 29.97
N HIS A 276 9.86 25.91 30.09
CA HIS A 276 8.57 26.52 29.81
C HIS A 276 8.37 27.57 30.86
N PRO A 277 8.02 28.79 30.47
CA PRO A 277 7.83 29.91 31.37
C PRO A 277 6.82 29.72 32.50
N THR A 278 5.81 28.86 32.30
CA THR A 278 4.66 28.81 33.19
C THR A 278 4.27 27.38 33.59
N GLY A 279 5.03 26.81 34.51
CA GLY A 279 4.64 25.56 35.22
C GLY A 279 4.15 25.99 36.59
N ILE A 280 3.22 25.28 37.21
CA ILE A 280 2.66 25.75 38.48
C ILE A 280 3.75 25.71 39.55
N TYR A 281 3.85 26.77 40.35
CA TYR A 281 4.95 26.99 41.29
C TYR A 281 5.31 25.79 42.16
N GLY A 282 4.31 25.25 42.85
CA GLY A 282 4.56 24.17 43.79
C GLY A 282 4.82 22.80 43.17
N VAL A 283 4.30 22.56 41.98
CA VAL A 283 4.15 21.19 41.46
C VAL A 283 4.63 20.91 40.04
N GLY A 284 5.03 21.93 39.30
CA GLY A 284 5.54 21.73 37.94
C GLY A 284 4.48 21.49 36.86
N CYS A 285 3.21 21.36 37.23
CA CYS A 285 2.15 21.14 36.26
C CYS A 285 2.07 22.27 35.25
N LEU A 286 2.14 21.92 33.97
CA LEU A 286 2.15 22.93 32.91
C LEU A 286 0.85 23.71 32.84
N ILE A 287 0.99 25.05 32.75
CA ILE A 287 -0.10 25.97 32.36
C ILE A 287 0.19 26.49 30.96
N THR A 288 -0.73 26.29 30.04
CA THR A 288 -0.37 26.45 28.63
C THR A 288 -0.09 27.90 28.16
N GLU A 289 0.89 27.98 27.28
CA GLU A 289 1.21 29.20 26.55
C GLU A 289 -0.03 29.72 25.82
N GLY A 290 -0.95 28.81 25.51
CA GLY A 290 -2.25 29.17 24.97
C GLY A 290 -2.90 30.22 25.84
N SER A 291 -2.76 30.08 27.16
CA SER A 291 -3.37 31.02 28.09
C SER A 291 -2.83 32.45 27.94
N ARG A 292 -1.63 32.62 27.40
CA ARG A 292 -1.11 33.96 27.08
C ARG A 292 -1.62 34.39 25.73
N GLY A 293 -1.40 33.55 24.72
CA GLY A 293 -1.86 33.84 23.38
C GLY A 293 -3.36 33.97 23.24
N GLU A 294 -4.10 33.72 24.31
CA GLU A 294 -5.52 34.07 24.38
C GLU A 294 -5.73 35.39 25.15
N GLY A 295 -4.65 35.99 25.64
CA GLY A 295 -4.72 37.30 26.31
C GLY A 295 -4.19 37.39 27.72
N GLY A 296 -3.79 36.27 28.30
CA GLY A 296 -3.18 36.29 29.62
C GLY A 296 -1.81 36.96 29.59
N PHE A 297 -1.40 37.53 30.73
CA PHE A 297 -0.02 38.02 30.87
C PHE A 297 0.63 37.71 32.23
N LEU A 298 1.96 37.77 32.20
CA LEU A 298 2.78 37.65 33.39
C LEU A 298 2.84 38.99 34.12
N VAL A 299 2.85 38.91 35.45
CA VAL A 299 2.80 40.05 36.35
C VAL A 299 3.81 39.87 37.50
N ASN A 300 4.49 40.94 37.89
CA ASN A 300 5.48 40.89 38.99
C ASN A 300 4.92 41.46 40.30
N SER A 301 5.78 41.70 41.29
CA SER A 301 5.32 42.24 42.60
C SER A 301 4.87 43.69 42.53
N GLU A 302 5.41 44.46 41.58
CA GLU A 302 4.98 45.85 41.38
C GLU A 302 3.54 45.88 40.92
N GLY A 303 3.14 44.86 40.18
CA GLY A 303 1.87 44.86 39.48
C GLY A 303 2.12 45.15 38.02
N GLU A 304 3.38 45.35 37.67
CA GLU A 304 3.79 45.61 36.30
C GLU A 304 3.63 44.35 35.44
N ARG A 305 3.31 44.59 34.16
CA ARG A 305 3.25 43.56 33.14
C ARG A 305 4.63 43.45 32.46
N PHE A 306 5.60 43.01 33.25
CA PHE A 306 7.02 43.23 32.93
C PHE A 306 7.50 42.80 31.54
N MET A 307 6.79 41.89 30.87
CA MET A 307 7.26 41.44 29.57
C MET A 307 7.29 42.55 28.52
N GLU A 308 6.60 43.66 28.77
CA GLU A 308 6.66 44.79 27.85
C GLU A 308 8.01 45.46 27.80
N ARG A 309 8.82 45.29 28.86
CA ARG A 309 10.21 45.73 28.86
C ARG A 309 11.12 44.73 28.15
N TYR A 310 11.11 43.48 28.60
CA TYR A 310 12.03 42.47 28.08
C TYR A 310 11.82 42.14 26.59
N ALA A 311 10.66 42.49 26.03
CA ALA A 311 10.33 42.17 24.65
C ALA A 311 9.15 43.00 24.13
N PRO A 312 9.39 44.28 23.80
CA PRO A 312 8.29 45.23 23.45
C PRO A 312 7.37 44.79 22.29
N LYS A 313 7.96 44.18 21.26
CA LYS A 313 7.20 43.78 20.05
C LYS A 313 6.20 42.63 20.29
N ALA A 314 6.61 41.61 21.05
CA ALA A 314 5.79 40.42 21.27
C ALA A 314 5.34 40.24 22.71
N LYS A 315 5.82 41.12 23.59
CA LYS A 315 5.36 41.18 24.98
C LYS A 315 5.36 39.79 25.64
N ASP A 316 4.19 39.32 26.11
CA ASP A 316 4.12 38.03 26.79
C ASP A 316 4.12 36.82 25.83
N LEU A 317 4.07 37.08 24.52
CA LEU A 317 4.27 36.02 23.51
C LEU A 317 5.66 35.99 22.88
N ALA A 318 6.65 36.54 23.57
CA ALA A 318 8.02 36.34 23.13
C ALA A 318 8.33 34.84 23.24
N SER A 319 9.48 34.42 22.69
CA SER A 319 9.85 33.00 22.71
C SER A 319 10.02 32.47 24.13
N ARG A 320 10.02 31.15 24.26
CA ARG A 320 10.07 30.52 25.57
C ARG A 320 11.35 30.82 26.37
N ASP A 321 12.49 30.83 25.69
CA ASP A 321 13.76 31.08 26.38
C ASP A 321 13.86 32.49 26.92
N VAL A 322 13.35 33.45 26.15
CA VAL A 322 13.35 34.88 26.52
C VAL A 322 12.36 35.15 27.67
N VAL A 323 11.16 34.58 27.62
CA VAL A 323 10.22 34.80 28.70
C VAL A 323 10.73 34.19 30.01
N SER A 324 11.15 32.93 29.97
CA SER A 324 11.66 32.27 31.17
C SER A 324 12.79 33.08 31.81
N ARG A 325 13.77 33.47 31.01
CA ARG A 325 14.84 34.36 31.50
C ARG A 325 14.30 35.68 32.04
N ALA A 326 13.30 36.25 31.38
CA ALA A 326 12.68 37.46 31.91
C ALA A 326 12.24 37.21 33.35
N GLU A 327 11.42 36.19 33.56
CA GLU A 327 10.93 35.89 34.90
C GLU A 327 12.10 35.67 35.84
N THR A 328 13.08 34.89 35.39
CA THR A 328 14.17 34.45 36.26
C THR A 328 14.97 35.61 36.86
N ILE A 329 15.09 36.69 36.08
CA ILE A 329 15.72 37.94 36.53
C ILE A 329 14.85 38.66 37.55
N GLU A 330 13.62 38.99 37.15
CA GLU A 330 12.62 39.56 38.06
C GLU A 330 12.63 38.89 39.44
N ILE A 331 12.77 37.57 39.47
CA ILE A 331 12.94 36.82 40.74
C ILE A 331 14.25 37.26 41.41
N MET A 332 15.36 37.14 40.68
CA MET A 332 16.68 37.62 41.12
C MET A 332 16.67 39.04 41.65
N GLU A 333 15.99 39.94 40.96
CA GLU A 333 15.96 41.36 41.32
C GLU A 333 14.77 41.71 42.21
N GLY A 334 14.27 40.75 42.98
CA GLY A 334 13.35 41.04 44.07
C GLY A 334 11.92 41.42 43.73
N ARG A 335 11.53 41.28 42.46
CA ARG A 335 10.13 41.49 42.05
C ARG A 335 9.37 40.15 42.01
N GLY A 336 9.95 39.13 42.63
CA GLY A 336 9.27 37.86 42.83
C GLY A 336 7.96 38.07 43.57
N VAL A 337 7.15 37.02 43.63
CA VAL A 337 5.80 37.15 44.14
C VAL A 337 5.54 35.99 45.13
N GLY A 338 4.47 36.09 45.92
CA GLY A 338 4.15 35.07 46.92
C GLY A 338 4.86 35.31 48.24
N PRO A 339 4.79 34.33 49.16
CA PRO A 339 5.45 34.50 50.46
C PRO A 339 6.94 34.74 50.31
N GLU A 340 7.64 33.84 49.64
CA GLU A 340 9.11 33.89 49.60
C GLU A 340 9.63 34.74 48.44
N LYS A 341 8.74 35.35 47.65
CA LYS A 341 9.12 36.11 46.45
C LYS A 341 9.99 35.32 45.46
N ASP A 342 9.54 34.12 45.09
CA ASP A 342 10.34 33.20 44.26
C ASP A 342 9.58 32.57 43.08
N HIS A 343 8.39 33.10 42.79
CA HIS A 343 7.71 32.79 41.54
C HIS A 343 7.03 34.07 41.05
N ILE A 344 6.51 34.07 39.82
CA ILE A 344 5.66 35.19 39.39
C ILE A 344 4.21 34.72 39.13
N TYR A 345 3.31 35.67 38.87
CA TYR A 345 1.91 35.39 38.59
C TYR A 345 1.67 35.38 37.09
N LEU A 346 0.86 34.44 36.63
CA LEU A 346 0.30 34.46 35.29
C LEU A 346 -1.12 34.88 35.50
N GLN A 347 -1.53 35.99 34.88
CA GLN A 347 -2.87 36.54 35.13
C GLN A 347 -3.85 36.28 33.99
N LEU A 348 -5.03 35.79 34.33
CA LEU A 348 -6.09 35.51 33.36
C LEU A 348 -7.45 36.11 33.72
N HIS A 349 -7.65 36.45 35.00
CA HIS A 349 -8.97 36.83 35.53
C HIS A 349 -9.62 37.98 34.78
N HIS A 350 -8.82 38.86 34.21
CA HIS A 350 -9.32 39.93 33.36
C HIS A 350 -10.02 39.48 32.06
N LEU A 351 -9.91 38.20 31.66
CA LEU A 351 -10.61 37.70 30.45
C LEU A 351 -12.03 37.23 30.78
N PRO A 352 -12.94 37.33 29.80
CA PRO A 352 -14.29 36.77 29.91
C PRO A 352 -14.29 35.29 30.28
N ALA A 353 -15.25 34.91 31.11
CA ALA A 353 -15.34 33.53 31.56
C ALA A 353 -15.88 32.67 30.44
N GLU A 354 -16.71 33.24 29.57
CA GLU A 354 -17.13 32.48 28.40
C GLU A 354 -15.88 32.06 27.61
N GLN A 355 -14.87 32.92 27.53
CA GLN A 355 -13.64 32.58 26.80
C GLN A 355 -12.70 31.66 27.58
N LEU A 356 -12.62 31.88 28.89
CA LEU A 356 -11.80 31.04 29.78
C LEU A 356 -12.25 29.56 29.86
N HIS A 357 -13.51 29.30 29.57
CA HIS A 357 -14.05 27.95 29.65
C HIS A 357 -14.11 27.32 28.27
N GLN A 358 -14.16 28.18 27.26
CA GLN A 358 -14.22 27.72 25.87
C GLN A 358 -12.80 27.42 25.37
N ARG A 359 -11.83 28.10 25.93
CA ARG A 359 -10.47 27.99 25.44
C ARG A 359 -9.50 27.38 26.44
N LEU A 360 -9.70 27.57 27.74
CA LEU A 360 -8.73 27.05 28.71
C LEU A 360 -9.40 26.27 29.86
N PRO A 361 -10.27 25.30 29.53
CA PRO A 361 -11.02 24.55 30.54
C PRO A 361 -10.18 23.62 31.40
N GLY A 362 -9.12 23.06 30.83
CA GLY A 362 -8.31 22.09 31.56
C GLY A 362 -7.44 22.77 32.58
N ILE A 363 -6.76 23.83 32.15
CA ILE A 363 -5.92 24.60 33.05
C ILE A 363 -6.75 25.44 34.01
N SER A 364 -8.01 25.69 33.64
CA SER A 364 -8.95 26.25 34.60
C SER A 364 -9.02 25.31 35.77
N GLU A 365 -9.29 24.05 35.45
CA GLU A 365 -9.42 22.99 36.46
C GLU A 365 -8.09 22.67 37.15
N THR A 366 -7.00 22.61 36.40
CA THR A 366 -5.73 22.16 37.00
C THR A 366 -5.26 23.16 38.06
N ALA A 367 -5.47 24.44 37.77
CA ALA A 367 -5.14 25.54 38.70
C ALA A 367 -5.99 25.49 39.97
N LYS A 368 -7.24 25.06 39.84
CA LYS A 368 -8.10 24.79 40.99
C LYS A 368 -7.50 23.67 41.83
N ILE A 369 -7.26 22.52 41.21
CA ILE A 369 -6.84 21.30 41.92
C ILE A 369 -5.52 21.46 42.69
N PHE A 370 -4.59 22.20 42.10
CA PHE A 370 -3.20 22.22 42.54
C PHE A 370 -2.76 23.54 43.17
N ALA A 371 -3.25 24.65 42.66
CA ALA A 371 -2.86 25.94 43.21
C ALA A 371 -3.96 26.60 44.04
N GLY A 372 -5.13 25.96 44.18
CA GLY A 372 -6.29 26.54 44.89
C GLY A 372 -6.90 27.77 44.23
N VAL A 373 -6.71 27.90 42.94
CA VAL A 373 -6.95 29.15 42.25
C VAL A 373 -8.21 29.13 41.41
N ASP A 374 -9.16 30.02 41.70
CA ASP A 374 -10.23 30.30 40.74
C ASP A 374 -9.60 31.17 39.66
N VAL A 375 -9.43 30.64 38.44
CA VAL A 375 -8.67 31.37 37.42
C VAL A 375 -9.37 32.64 36.90
N THR A 376 -10.68 32.73 37.07
CA THR A 376 -11.46 33.91 36.67
C THR A 376 -11.42 35.05 37.68
N LYS A 377 -10.78 34.83 38.83
CA LYS A 377 -10.75 35.82 39.90
C LYS A 377 -9.35 36.08 40.48
N GLU A 378 -8.50 35.04 40.53
CA GLU A 378 -7.12 35.18 41.02
C GLU A 378 -6.10 34.77 39.96
N PRO A 379 -4.87 35.28 40.09
CA PRO A 379 -3.80 34.82 39.21
C PRO A 379 -3.22 33.49 39.67
N ILE A 380 -2.58 32.79 38.72
CA ILE A 380 -1.92 31.51 38.97
C ILE A 380 -0.46 31.70 39.35
N PRO A 381 0.00 31.05 40.44
CA PRO A 381 1.42 31.12 40.75
C PRO A 381 2.21 30.18 39.85
N VAL A 382 3.11 30.73 39.04
CA VAL A 382 3.87 29.99 38.02
C VAL A 382 5.36 30.33 38.03
N ILE A 383 6.16 29.49 37.39
CA ILE A 383 7.61 29.67 37.38
C ILE A 383 8.27 28.81 36.28
N PRO A 384 9.33 29.34 35.64
CA PRO A 384 9.92 28.53 34.59
C PRO A 384 10.17 27.09 35.03
N THR A 385 10.01 26.15 34.09
CA THR A 385 10.06 24.75 34.41
C THR A 385 10.53 23.94 33.22
N VAL A 386 11.53 23.09 33.46
CA VAL A 386 11.98 22.08 32.49
C VAL A 386 10.81 21.39 31.77
N HIS A 387 10.84 21.41 30.43
CA HIS A 387 9.65 21.06 29.63
C HIS A 387 9.97 20.20 28.40
N TYR A 388 10.83 20.70 27.52
CA TYR A 388 11.19 20.03 26.27
C TYR A 388 12.69 19.78 26.18
N ASN A 389 13.06 18.83 25.33
CA ASN A 389 14.45 18.48 25.06
C ASN A 389 14.73 18.53 23.54
N MET A 390 15.09 19.73 23.05
CA MET A 390 15.44 19.86 21.63
C MET A 390 16.57 18.91 21.28
N GLY A 391 17.48 18.69 22.22
CA GLY A 391 18.56 17.73 22.02
C GLY A 391 18.06 16.31 21.83
N GLY A 392 18.97 15.43 21.40
CA GLY A 392 18.67 14.01 21.27
C GLY A 392 19.53 13.24 20.28
N ILE A 393 18.94 12.21 19.69
CA ILE A 393 19.61 11.39 18.70
C ILE A 393 19.74 12.17 17.39
N PRO A 394 20.98 12.34 16.87
CA PRO A 394 21.12 13.02 15.58
C PRO A 394 20.54 12.23 14.40
N THR A 395 19.99 12.96 13.43
CA THR A 395 19.40 12.39 12.21
C THR A 395 19.57 13.35 11.00
N ASN A 396 19.25 12.88 9.79
CA ASN A 396 19.17 13.77 8.63
C ASN A 396 17.71 14.20 8.40
N TYR A 397 17.45 14.97 7.35
CA TYR A 397 16.07 15.40 7.01
C TYR A 397 15.04 14.23 6.88
N LYS A 398 15.53 13.03 6.60
CA LYS A 398 14.70 11.84 6.48
C LYS A 398 14.58 11.05 7.77
N ALA A 399 15.09 11.62 8.88
CA ALA A 399 14.97 11.00 10.21
C ALA A 399 15.81 9.72 10.40
N GLN A 400 16.81 9.54 9.55
CA GLN A 400 17.72 8.40 9.67
C GLN A 400 18.86 8.73 10.63
N VAL A 401 18.98 7.97 11.70
CA VAL A 401 20.01 8.26 12.70
C VAL A 401 21.39 8.37 12.01
N ILE A 402 22.26 9.23 12.54
CA ILE A 402 23.60 9.47 11.93
C ILE A 402 24.76 9.53 12.95
N LYS A 403 25.91 8.99 12.54
CA LYS A 403 27.19 9.18 13.25
C LYS A 403 28.01 10.17 12.44
N TYR A 404 28.89 10.89 13.12
CA TYR A 404 29.62 11.96 12.47
C TYR A 404 31.11 11.84 12.72
N THR A 405 31.86 11.73 11.61
CA THR A 405 33.32 11.97 11.59
C THR A 405 33.63 13.38 11.10
N LYS A 406 34.74 13.90 11.58
CA LYS A 406 35.25 15.21 11.19
C LYS A 406 35.56 15.25 9.67
N GLU A 407 36.05 14.12 9.13
CA GLU A 407 36.61 14.03 7.77
C GLU A 407 35.75 13.20 6.80
N GLY A 408 34.92 12.30 7.33
CA GLY A 408 33.96 11.52 6.53
C GLY A 408 32.54 12.07 6.53
N GLY A 409 32.17 12.74 7.63
CA GLY A 409 30.92 13.49 7.73
C GLY A 409 29.75 12.70 8.30
N ASP A 410 28.57 12.93 7.71
CA ASP A 410 27.34 12.30 8.17
C ASP A 410 27.23 10.91 7.60
N LYS A 411 27.51 9.90 8.41
CA LYS A 411 27.44 8.50 8.00
C LYS A 411 26.20 7.89 8.64
N ILE A 412 25.25 7.41 7.84
CA ILE A 412 23.96 6.97 8.37
C ILE A 412 24.14 5.62 9.05
N VAL A 413 23.38 5.39 10.13
CA VAL A 413 23.39 4.09 10.81
C VAL A 413 22.35 3.19 10.11
N PRO A 414 22.81 2.12 9.43
CA PRO A 414 21.84 1.30 8.70
C PRO A 414 20.76 0.68 9.60
N GLY A 415 19.51 0.85 9.19
CA GLY A 415 18.39 0.18 9.87
C GLY A 415 17.67 1.02 10.93
N LEU A 416 18.36 2.04 11.46
CA LEU A 416 17.84 2.84 12.59
C LEU A 416 17.24 4.15 12.13
N TYR A 417 16.09 4.50 12.72
CA TYR A 417 15.41 5.80 12.55
C TYR A 417 15.01 6.33 13.93
N ALA A 418 14.92 7.66 14.07
CA ALA A 418 14.45 8.28 15.30
C ALA A 418 13.57 9.49 15.02
N CYS A 419 12.54 9.71 15.83
CA CYS A 419 11.68 10.90 15.70
C CYS A 419 10.97 11.31 17.03
N GLY A 420 10.34 12.48 17.03
CA GLY A 420 9.80 13.03 18.28
C GLY A 420 10.89 13.56 19.21
N GLU A 421 10.51 13.84 20.46
CA GLU A 421 11.39 14.52 21.43
C GLU A 421 12.77 13.83 21.53
N CYS A 422 12.77 12.51 21.40
CA CYS A 422 14.00 11.73 21.49
C CYS A 422 14.99 12.06 20.35
N ALA A 423 14.49 12.66 19.27
CA ALA A 423 15.34 13.01 18.13
C ALA A 423 15.94 14.42 18.24
N CYS A 424 16.99 14.66 17.43
CA CYS A 424 17.52 16.00 17.12
C CYS A 424 17.78 16.06 15.62
N HIS A 425 16.78 16.54 14.89
CA HIS A 425 16.77 16.49 13.42
C HIS A 425 17.72 17.42 12.65
N SER A 426 18.01 18.64 13.11
CA SER A 426 17.42 19.31 14.27
C SER A 426 16.46 20.40 13.82
N VAL A 427 15.16 20.23 14.10
CA VAL A 427 14.13 21.21 13.72
C VAL A 427 13.95 22.33 14.74
N HIS A 428 14.53 22.16 15.92
CA HIS A 428 14.37 23.14 16.99
C HIS A 428 15.67 23.88 17.33
N GLY A 429 16.81 23.27 16.98
CA GLY A 429 18.11 23.87 17.25
C GLY A 429 18.28 24.16 18.72
N ALA A 430 18.15 25.43 19.09
CA ALA A 430 18.42 25.89 20.45
C ALA A 430 17.17 26.38 21.20
N ASN A 431 16.08 26.57 20.45
CA ASN A 431 14.79 26.88 21.05
C ASN A 431 13.63 26.30 20.24
N ARG A 432 12.90 25.40 20.89
CA ARG A 432 11.70 24.84 20.32
C ARG A 432 10.60 25.91 20.33
N LEU A 433 9.84 25.96 19.24
CA LEU A 433 8.75 26.91 19.19
C LEU A 433 7.52 26.27 19.80
N GLY A 434 6.62 27.09 20.33
CA GLY A 434 5.39 26.58 20.90
C GLY A 434 4.52 25.98 19.82
N ALA A 435 3.98 24.80 20.10
CA ALA A 435 3.14 24.02 19.16
C ALA A 435 3.88 23.45 17.95
N ASN A 436 5.21 23.39 18.00
CA ASN A 436 6.00 22.81 16.91
C ASN A 436 6.40 21.36 17.13
N SER A 437 6.20 20.83 18.34
CA SER A 437 6.64 19.46 18.65
C SER A 437 5.61 18.42 18.25
N LEU A 438 4.36 18.61 18.65
CA LEU A 438 3.31 17.74 18.15
C LEU A 438 3.38 17.66 16.63
N LEU A 439 3.74 18.77 15.99
CA LEU A 439 3.98 18.82 14.55
C LEU A 439 5.17 17.94 14.12
N ASP A 440 6.33 18.17 14.74
CA ASP A 440 7.55 17.39 14.46
C ASP A 440 7.29 15.90 14.64
N ALA A 441 6.53 15.53 15.67
CA ALA A 441 6.22 14.13 15.94
C ALA A 441 5.39 13.50 14.82
N VAL A 442 4.32 14.17 14.44
CA VAL A 442 3.45 13.69 13.37
C VAL A 442 4.14 13.76 12.01
N VAL A 443 4.89 14.83 11.75
CA VAL A 443 5.46 15.02 10.43
C VAL A 443 6.60 14.03 10.17
N PHE A 444 7.52 13.93 11.12
CA PHE A 444 8.71 13.09 10.98
C PHE A 444 8.46 11.64 11.37
N GLY A 445 7.38 11.42 12.11
CA GLY A 445 6.85 10.09 12.30
C GLY A 445 6.38 9.58 10.95
N ARG A 446 5.56 10.39 10.27
CA ARG A 446 5.08 10.02 8.97
C ARG A 446 6.26 9.86 8.04
N ALA A 447 7.17 10.82 8.10
CA ALA A 447 8.36 10.78 7.26
C ALA A 447 9.10 9.46 7.40
N CYS A 448 9.07 8.83 8.58
CA CYS A 448 9.73 7.54 8.77
C CYS A 448 9.06 6.48 7.91
N SER A 449 7.73 6.44 7.94
CA SER A 449 6.97 5.49 7.12
C SER A 449 7.19 5.79 5.66
N ILE A 450 7.11 7.05 5.28
CA ILE A 450 7.30 7.44 3.89
C ILE A 450 8.70 7.07 3.44
N ASN A 451 9.70 7.44 4.22
CA ASN A 451 11.08 7.21 3.81
C ASN A 451 11.44 5.75 3.80
N ILE A 452 10.73 4.93 4.58
CA ILE A 452 11.01 3.48 4.65
C ILE A 452 10.34 2.71 3.52
N LYS A 453 9.09 3.03 3.22
CA LYS A 453 8.39 2.50 2.02
C LYS A 453 9.29 2.67 0.78
N GLU A 454 9.92 3.84 0.66
CA GLU A 454 10.70 4.23 -0.52
C GLU A 454 12.20 3.90 -0.43
N GLU A 455 12.60 3.07 0.55
CA GLU A 455 13.98 2.59 0.65
C GLU A 455 14.12 1.09 1.01
N LEU A 456 13.05 0.46 1.47
CA LEU A 456 13.06 -0.94 1.88
C LEU A 456 12.28 -1.79 0.87
N LYS A 457 12.98 -2.60 0.06
CA LYS A 457 12.29 -3.49 -0.90
C LYS A 457 12.23 -4.96 -0.39
N PRO A 458 11.14 -5.69 -0.74
CA PRO A 458 10.86 -7.01 -0.12
C PRO A 458 11.66 -8.23 -0.65
N ASP A 459 12.81 -7.98 -1.30
CA ASP A 459 13.80 -9.03 -1.57
C ASP A 459 14.58 -9.28 -0.26
N GLU A 460 15.01 -8.19 0.36
CA GLU A 460 15.69 -8.17 1.65
C GLU A 460 14.83 -8.82 2.72
N LYS A 461 15.40 -9.78 3.44
CA LYS A 461 14.68 -10.51 4.51
C LYS A 461 15.04 -9.96 5.87
N ILE A 462 14.32 -10.42 6.89
CA ILE A 462 14.53 -9.95 8.25
C ILE A 462 15.95 -10.36 8.65
N PRO A 463 16.73 -9.43 9.23
CA PRO A 463 18.06 -9.75 9.70
C PRO A 463 18.10 -10.86 10.72
N GLU A 464 18.94 -11.86 10.48
CA GLU A 464 19.19 -12.92 11.45
C GLU A 464 20.02 -12.32 12.59
N LEU A 465 19.72 -12.70 13.83
CA LEU A 465 20.42 -12.10 14.96
C LEU A 465 21.82 -12.69 15.01
N PRO A 466 22.84 -11.87 15.37
CA PRO A 466 24.13 -12.47 15.71
C PRO A 466 24.00 -13.24 17.00
N GLU A 467 24.88 -14.20 17.21
CA GLU A 467 24.86 -14.99 18.44
C GLU A 467 25.21 -14.11 19.64
N GLY A 468 24.61 -14.43 20.78
CA GLY A 468 24.80 -13.66 22.00
C GLY A 468 24.13 -12.29 21.94
N ALA A 469 23.22 -12.08 21.00
CA ALA A 469 22.50 -10.82 20.91
C ALA A 469 21.76 -10.52 22.21
N GLY A 470 22.04 -9.34 22.77
CA GLY A 470 21.35 -8.87 23.97
C GLY A 470 21.74 -9.56 25.25
N GLU A 471 22.82 -10.33 25.22
CA GLU A 471 23.25 -11.08 26.39
C GLU A 471 23.71 -10.13 27.47
N GLU A 472 24.41 -9.06 27.08
CA GLU A 472 24.85 -8.06 28.04
C GLU A 472 23.68 -7.27 28.63
N SER A 473 22.68 -6.97 27.79
CA SER A 473 21.49 -6.23 28.23
C SER A 473 20.78 -6.97 29.34
N ILE A 474 20.78 -8.30 29.19
CA ILE A 474 20.26 -9.20 30.18
C ILE A 474 21.15 -9.17 31.42
N ALA A 475 22.47 -9.17 31.21
CA ALA A 475 23.42 -9.09 32.34
C ALA A 475 23.18 -7.89 33.23
N ASN A 476 22.90 -6.76 32.61
CA ASN A 476 22.59 -5.56 33.33
C ASN A 476 21.32 -5.71 34.15
N LEU A 477 20.32 -6.31 33.53
CA LEU A 477 19.02 -6.52 34.17
C LEU A 477 19.19 -7.25 35.50
N ASP A 478 19.80 -8.44 35.44
CA ASP A 478 20.13 -9.29 36.60
C ASP A 478 20.93 -8.54 37.65
N ALA A 479 21.95 -7.82 37.19
CA ALA A 479 22.81 -7.02 38.07
C ALA A 479 22.03 -5.96 38.82
N VAL A 480 21.17 -5.25 38.10
CA VAL A 480 20.37 -4.21 38.70
C VAL A 480 19.34 -4.88 39.58
N ARG A 481 18.82 -6.00 39.08
CA ARG A 481 17.74 -6.72 39.73
C ARG A 481 18.09 -7.16 41.14
N TYR A 482 19.29 -7.71 41.30
CA TYR A 482 19.75 -8.17 42.61
C TYR A 482 20.77 -7.22 43.25
N ALA A 483 20.86 -6.01 42.73
CA ALA A 483 21.84 -5.07 43.23
C ALA A 483 21.84 -4.98 44.77
N ASN A 484 23.06 -4.97 45.36
CA ASN A 484 23.33 -5.13 46.80
C ASN A 484 23.60 -3.87 47.64
N GLY A 485 24.29 -2.90 47.02
CA GLY A 485 25.02 -1.80 47.69
C GLY A 485 24.37 -0.84 48.70
N ASP A 486 25.07 0.25 48.98
CA ASP A 486 24.75 1.08 50.15
C ASP A 486 23.69 2.10 49.82
N VAL A 487 23.68 2.52 48.56
CA VAL A 487 22.88 3.65 48.11
C VAL A 487 21.66 3.17 47.30
N PRO A 488 20.46 3.41 47.84
CA PRO A 488 19.24 3.01 47.16
C PRO A 488 19.01 3.83 45.91
N THR A 489 18.17 3.29 45.05
CA THR A 489 17.97 3.81 43.72
C THR A 489 17.24 5.17 43.73
N ALA A 490 16.34 5.38 44.69
CA ALA A 490 15.62 6.65 44.75
C ALA A 490 16.46 7.80 45.28
N GLU A 491 17.44 7.49 46.13
CA GLU A 491 18.32 8.53 46.74
C GLU A 491 19.22 9.14 45.68
N LEU A 492 19.69 8.27 44.81
CA LEU A 492 20.65 8.65 43.79
C LEU A 492 19.95 9.52 42.76
N ARG A 493 18.82 9.03 42.22
CA ARG A 493 18.00 9.82 41.29
C ARG A 493 17.83 11.24 41.80
N LEU A 494 17.48 11.34 43.08
CA LEU A 494 17.16 12.64 43.64
C LEU A 494 18.38 13.56 43.58
N THR A 495 19.54 13.09 44.02
CA THR A 495 20.71 13.96 44.03
C THR A 495 21.21 14.22 42.62
N MET A 496 20.85 13.33 41.69
CA MET A 496 21.02 13.61 40.26
C MET A 496 20.15 14.83 39.92
N GLN A 497 18.85 14.68 40.14
CA GLN A 497 17.87 15.72 39.87
C GLN A 497 18.20 17.04 40.56
N LYS A 498 18.64 16.97 41.81
CA LYS A 498 18.91 18.18 42.60
C LYS A 498 20.17 18.88 42.09
N THR A 499 21.22 18.11 41.84
CA THR A 499 22.45 18.62 41.28
C THR A 499 22.17 19.39 40.02
N MET A 500 21.39 18.75 39.16
CA MET A 500 21.12 19.23 37.80
C MET A 500 20.33 20.52 37.76
N GLN A 501 19.40 20.63 38.70
CA GLN A 501 18.59 21.82 38.86
C GLN A 501 19.44 23.01 39.27
N LYS A 502 20.50 22.75 40.04
CA LYS A 502 21.33 23.82 40.59
C LYS A 502 22.43 24.26 39.62
N HIS A 503 22.96 23.32 38.83
CA HIS A 503 24.17 23.55 38.07
C HIS A 503 23.92 23.75 36.58
N ALA A 504 22.85 23.18 36.05
CA ALA A 504 22.47 23.36 34.63
C ALA A 504 21.09 24.00 34.52
N GLY A 505 20.94 25.18 35.11
CA GLY A 505 19.64 25.89 35.12
C GLY A 505 19.45 26.88 33.99
N VAL A 506 18.59 27.87 34.21
CA VAL A 506 18.23 28.86 33.18
C VAL A 506 19.37 29.82 32.86
N PHE A 507 20.13 30.20 33.89
CA PHE A 507 21.37 30.94 33.74
C PHE A 507 22.55 30.12 34.27
N ARG A 508 23.61 30.00 33.46
CA ARG A 508 24.74 29.13 33.78
C ARG A 508 26.07 29.85 33.78
N ARG A 509 27.03 29.32 34.55
CA ARG A 509 28.41 29.83 34.61
C ARG A 509 29.41 28.69 34.54
N GLY A 510 30.61 28.98 34.05
CA GLY A 510 31.63 27.96 33.78
C GLY A 510 32.15 27.23 35.00
N ASP A 511 32.10 27.90 36.15
CA ASP A 511 32.59 27.33 37.43
C ASP A 511 31.52 26.48 38.09
N ILE A 512 30.31 27.03 38.16
CA ILE A 512 29.14 26.30 38.62
C ILE A 512 29.00 25.03 37.78
N LEU A 513 29.05 25.20 36.46
CA LEU A 513 28.97 24.06 35.54
C LEU A 513 30.08 23.05 35.80
N ALA A 514 31.32 23.53 35.89
CA ALA A 514 32.46 22.63 36.13
C ALA A 514 32.32 21.87 37.44
N GLU A 515 31.85 22.57 38.47
CA GLU A 515 31.55 21.95 39.76
C GLU A 515 30.39 20.95 39.62
N GLY A 516 29.45 21.26 38.72
CA GLY A 516 28.30 20.39 38.43
C GLY A 516 28.68 19.14 37.65
N VAL A 517 29.59 19.26 36.70
CA VAL A 517 30.18 18.08 36.05
C VAL A 517 30.92 17.24 37.10
N LYS A 518 31.72 17.91 37.92
CA LYS A 518 32.50 17.23 38.94
C LYS A 518 31.57 16.36 39.81
N LYS A 519 30.42 16.92 40.23
CA LYS A 519 29.48 16.17 41.07
C LYS A 519 28.73 15.08 40.29
N MET A 520 28.35 15.39 39.07
CA MET A 520 27.62 14.40 38.25
C MET A 520 28.46 13.16 37.94
N MET A 521 29.74 13.36 37.62
CA MET A 521 30.63 12.26 37.33
C MET A 521 30.91 11.45 38.57
N ASP A 522 30.78 12.05 39.74
CA ASP A 522 30.87 11.30 40.97
C ASP A 522 29.61 10.44 41.16
N LEU A 523 28.43 11.03 40.98
CA LEU A 523 27.16 10.28 41.02
C LEU A 523 27.12 9.13 40.05
N PHE A 524 27.79 9.28 38.92
CA PHE A 524 27.90 8.18 37.98
C PHE A 524 28.64 7.00 38.59
N LYS A 525 29.57 7.30 39.49
CA LYS A 525 30.37 6.27 40.12
C LYS A 525 29.56 5.64 41.24
N GLU A 526 28.71 6.43 41.89
CA GLU A 526 27.85 5.90 42.96
C GLU A 526 26.87 4.85 42.42
N LEU A 527 26.62 4.85 41.10
CA LEU A 527 25.81 3.81 40.42
C LEU A 527 26.27 2.38 40.74
N LYS A 528 27.56 2.17 40.90
CA LYS A 528 28.08 0.83 41.20
C LYS A 528 27.63 0.38 42.59
N ARG A 529 27.38 1.32 43.49
CA ARG A 529 26.87 1.01 44.83
C ARG A 529 25.32 1.10 44.92
N LEU A 530 24.62 0.55 43.92
CA LEU A 530 23.17 0.68 43.86
C LEU A 530 22.50 -0.35 44.75
N LYS A 531 21.48 0.04 45.49
CA LYS A 531 20.62 -0.93 46.16
C LYS A 531 19.29 -1.04 45.43
N THR A 532 18.90 -2.28 45.16
CA THR A 532 17.52 -2.60 44.84
C THR A 532 17.07 -3.66 45.83
N THR A 533 15.78 -3.93 45.81
CA THR A 533 15.10 -4.57 46.94
C THR A 533 14.10 -5.59 46.40
N ASP A 534 13.25 -5.15 45.48
CA ASP A 534 12.31 -6.04 44.80
C ASP A 534 13.09 -6.96 43.91
N ARG A 535 12.89 -8.24 44.09
CA ARG A 535 13.64 -9.25 43.36
C ARG A 535 12.84 -9.89 42.20
N SER A 536 11.56 -9.56 42.09
CA SER A 536 10.69 -10.23 41.13
C SER A 536 11.02 -9.89 39.68
N LEU A 537 10.44 -10.67 38.78
CA LEU A 537 10.48 -10.39 37.35
C LEU A 537 9.13 -9.81 36.94
N ILE A 538 8.07 -10.31 37.58
CA ILE A 538 6.73 -9.86 37.27
C ILE A 538 6.47 -8.46 37.83
N TRP A 539 6.20 -7.54 36.90
CA TRP A 539 5.87 -6.15 37.17
C TRP A 539 6.71 -5.50 38.24
N ASN A 540 8.02 -5.43 37.99
CA ASN A 540 8.91 -4.91 39.01
C ASN A 540 9.29 -3.47 38.76
N SER A 541 8.58 -2.56 39.39
CA SER A 541 8.86 -1.14 39.21
C SER A 541 10.15 -0.70 39.91
N ASP A 542 10.58 -1.38 40.98
CA ASP A 542 11.89 -1.07 41.57
C ASP A 542 12.97 -1.27 40.50
N LEU A 543 12.92 -2.40 39.82
CA LEU A 543 13.87 -2.74 38.76
C LEU A 543 13.87 -1.75 37.58
N THR A 544 12.70 -1.50 36.98
CA THR A 544 12.62 -0.66 35.78
C THR A 544 12.96 0.78 36.08
N GLU A 545 12.56 1.29 37.24
CA GLU A 545 12.94 2.63 37.63
C GLU A 545 14.47 2.73 37.79
N SER A 546 15.11 1.65 38.19
CA SER A 546 16.58 1.61 38.28
C SER A 546 17.22 1.57 36.89
N LEU A 547 16.67 0.77 35.99
CA LEU A 547 17.02 0.86 34.59
C LEU A 547 16.84 2.29 34.08
N GLU A 548 15.74 2.92 34.46
CA GLU A 548 15.48 4.30 34.05
C GLU A 548 16.55 5.24 34.62
N LEU A 549 16.97 4.99 35.85
CA LEU A 549 17.95 5.85 36.52
C LEU A 549 19.29 5.83 35.81
N GLN A 550 19.73 4.63 35.44
CA GLN A 550 20.92 4.47 34.60
C GLN A 550 20.77 5.28 33.33
N ASN A 551 19.60 5.18 32.72
CA ASN A 551 19.37 5.87 31.47
C ASN A 551 19.39 7.38 31.66
N LEU A 552 18.83 7.84 32.77
CA LEU A 552 18.82 9.27 33.07
C LEU A 552 20.23 9.81 33.34
N MET A 553 21.10 9.01 33.96
CA MET A 553 22.50 9.42 34.23
C MET A 553 23.26 9.69 32.93
N LEU A 554 23.09 8.80 31.95
CA LEU A 554 23.70 8.99 30.65
C LEU A 554 23.30 10.33 30.04
N ASN A 555 22.00 10.64 30.09
CA ASN A 555 21.52 11.88 29.49
C ASN A 555 22.03 13.08 30.26
N ALA A 556 21.96 13.01 31.58
CA ALA A 556 22.29 14.15 32.43
C ALA A 556 23.78 14.44 32.35
N THR A 557 24.60 13.40 32.35
CA THR A 557 26.04 13.64 32.32
C THR A 557 26.39 14.26 30.99
N GLN A 558 25.88 13.70 29.90
CA GLN A 558 26.16 14.23 28.55
C GLN A 558 25.61 15.65 28.37
N THR A 559 24.45 15.90 28.95
CA THR A 559 23.80 17.21 28.90
C THR A 559 24.66 18.29 29.54
N ILE A 560 25.27 17.98 30.68
CA ILE A 560 25.99 19.00 31.45
C ILE A 560 27.39 19.25 30.92
N VAL A 561 28.12 18.21 30.51
CA VAL A 561 29.47 18.47 30.01
C VAL A 561 29.33 19.31 28.73
N ALA A 562 28.34 18.99 27.92
CA ALA A 562 28.06 19.78 26.72
C ALA A 562 27.78 21.22 27.10
N ALA A 563 26.95 21.40 28.11
CA ALA A 563 26.54 22.71 28.57
C ALA A 563 27.69 23.47 29.18
N GLU A 564 28.57 22.74 29.86
CA GLU A 564 29.72 23.34 30.52
C GLU A 564 30.74 23.91 29.54
N ASN A 565 30.84 23.28 28.38
CA ASN A 565 31.83 23.63 27.38
C ASN A 565 31.40 24.72 26.39
N ARG A 566 30.10 24.82 26.11
CA ARG A 566 29.56 25.84 25.18
C ARG A 566 29.69 27.27 25.74
N LYS A 567 30.82 27.91 25.42
CA LYS A 567 31.14 29.24 25.93
C LYS A 567 30.48 30.28 25.08
N GLU A 568 29.15 30.33 25.17
CA GLU A 568 28.35 31.31 24.47
C GLU A 568 26.96 31.37 25.11
N SER A 569 26.08 32.17 24.51
CA SER A 569 24.67 32.17 24.88
C SER A 569 23.83 32.10 23.60
N ARG A 570 22.97 31.08 23.54
CA ARG A 570 22.14 30.85 22.36
C ARG A 570 20.91 30.06 22.81
N GLY A 571 19.76 30.50 22.36
CA GLY A 571 18.52 29.83 22.70
C GLY A 571 18.40 29.61 24.20
N ALA A 572 17.91 28.44 24.58
CA ALA A 572 17.72 28.12 25.99
C ALA A 572 19.02 28.21 26.79
N HIS A 573 20.12 27.82 26.17
CA HIS A 573 21.43 27.81 26.83
C HIS A 573 21.96 29.23 26.98
N ALA A 574 21.95 29.74 28.21
CA ALA A 574 22.45 31.11 28.50
C ALA A 574 23.59 31.07 29.51
N ARG A 575 24.77 31.52 29.07
CA ARG A 575 25.94 31.69 29.93
C ARG A 575 26.02 33.14 30.38
N ASP A 576 25.94 33.36 31.69
CA ASP A 576 26.21 34.65 32.30
C ASP A 576 27.59 35.16 31.91
N ASP A 577 28.57 34.26 32.00
CA ASP A 577 29.95 34.56 31.67
C ASP A 577 30.31 34.41 30.18
N PHE A 578 29.31 34.37 29.30
CA PHE A 578 29.55 34.43 27.85
C PHE A 578 28.32 34.92 27.10
N PRO A 579 27.77 36.05 27.53
CA PRO A 579 26.40 36.39 27.16
C PRO A 579 26.18 36.72 25.68
N LYS A 580 27.21 36.67 24.85
CA LYS A 580 27.03 36.86 23.41
C LYS A 580 26.77 35.53 22.70
N ARG A 581 26.11 35.61 21.54
CA ARG A 581 25.91 34.46 20.66
C ARG A 581 27.04 34.46 19.65
N GLU A 582 27.96 33.51 19.78
CA GLU A 582 29.14 33.46 18.92
C GLU A 582 28.84 32.72 17.61
N ASP A 583 28.73 33.46 16.51
CA ASP A 583 28.55 32.88 15.18
C ASP A 583 29.80 33.11 14.33
N GLU A 584 29.73 32.73 13.05
CA GLU A 584 30.88 32.82 12.16
C GLU A 584 31.25 34.27 11.88
N TYR A 585 30.24 35.08 11.60
CA TYR A 585 30.38 36.53 11.57
C TYR A 585 29.80 37.16 12.84
N ASP A 586 30.09 38.43 13.05
CA ASP A 586 29.29 39.23 13.97
C ASP A 586 28.09 39.73 13.17
N TYR A 587 26.92 39.10 13.36
CA TYR A 587 25.72 39.48 12.63
C TYR A 587 25.00 40.72 13.20
N SER A 588 25.68 41.50 14.05
CA SER A 588 25.14 42.78 14.57
C SER A 588 25.78 44.00 13.90
N LYS A 589 26.96 43.81 13.31
CA LYS A 589 27.51 44.76 12.33
C LYS A 589 26.99 44.38 10.95
N PRO A 590 27.09 45.29 9.96
CA PRO A 590 26.85 44.82 8.60
C PRO A 590 27.90 43.77 8.25
N ILE A 591 27.63 42.98 7.22
CA ILE A 591 28.39 41.75 7.02
C ILE A 591 29.54 41.98 6.02
N GLU A 592 29.24 42.58 4.88
CA GLU A 592 30.27 42.91 3.86
C GLU A 592 31.48 43.60 4.51
N GLY A 593 32.67 43.07 4.25
CA GLY A 593 33.88 43.59 4.85
C GLY A 593 34.18 43.06 6.24
N GLN A 594 33.78 41.81 6.49
CA GLN A 594 34.23 41.06 7.66
C GLN A 594 35.00 39.86 7.16
N THR A 595 35.62 39.13 8.08
CA THR A 595 36.26 37.85 7.76
C THR A 595 35.71 36.69 8.60
N LYS A 596 35.18 35.69 7.91
CA LYS A 596 34.60 34.51 8.54
C LYS A 596 35.53 33.88 9.58
N ARG A 597 35.08 33.85 10.83
CA ARG A 597 35.79 33.05 11.83
C ARG A 597 35.73 31.58 11.46
N PRO A 598 36.80 30.83 11.76
CA PRO A 598 36.79 29.42 11.44
C PRO A 598 35.85 28.62 12.35
N PHE A 599 35.45 27.44 11.89
CA PHE A 599 34.65 26.49 12.67
C PHE A 599 35.06 26.46 14.14
N GLU A 600 36.36 26.33 14.41
CA GLU A 600 36.87 26.05 15.77
C GLU A 600 36.66 27.16 16.77
N LYS A 601 36.54 28.40 16.28
CA LYS A 601 36.50 29.59 17.14
C LYS A 601 35.08 30.09 17.43
N HIS A 602 34.13 29.84 16.52
CA HIS A 602 32.72 30.17 16.77
C HIS A 602 31.90 28.94 17.22
N TRP A 603 30.67 29.21 17.64
CA TRP A 603 29.84 28.20 18.22
C TRP A 603 28.65 27.82 17.45
N ARG A 604 28.49 28.32 16.25
CA ARG A 604 27.30 27.96 15.55
C ARG A 604 27.54 26.60 14.98
N LYS A 605 27.44 25.60 15.84
CA LYS A 605 27.55 24.22 15.45
C LYS A 605 26.77 23.33 16.41
N HIS A 606 26.48 22.08 16.01
CA HIS A 606 25.82 21.13 16.92
C HIS A 606 26.83 20.46 17.86
N THR A 607 26.51 20.41 19.16
CA THR A 607 27.34 19.70 20.12
C THR A 607 27.05 18.23 19.99
N LEU A 608 28.11 17.43 19.97
CA LEU A 608 27.99 15.96 19.94
C LEU A 608 28.67 15.34 21.17
N THR A 609 27.99 14.38 21.81
CA THR A 609 28.46 13.79 23.06
C THR A 609 28.53 12.29 22.93
N LYS A 610 29.72 11.77 23.18
CA LYS A 610 30.06 10.37 23.00
C LYS A 610 30.49 9.81 24.37
N GLN A 611 29.66 8.95 24.94
CA GLN A 611 29.89 8.43 26.28
C GLN A 611 30.14 6.92 26.27
N ASP A 612 31.23 6.50 26.89
CA ASP A 612 31.44 5.07 27.17
C ASP A 612 30.49 4.76 28.31
N PRO A 613 29.47 3.91 28.05
CA PRO A 613 28.40 3.69 29.03
C PRO A 613 28.88 3.11 30.36
N ARG A 614 29.96 2.33 30.35
CA ARG A 614 30.42 1.68 31.57
C ARG A 614 31.36 2.58 32.37
N THR A 615 32.40 3.14 31.73
CA THR A 615 33.27 4.12 32.39
C THR A 615 32.54 5.44 32.66
N GLY A 616 31.73 5.87 31.71
CA GLY A 616 30.99 7.14 31.81
C GLY A 616 31.71 8.30 31.15
N HIS A 617 32.90 8.04 30.66
CA HIS A 617 33.74 9.09 30.09
C HIS A 617 33.03 9.64 28.86
N ILE A 618 32.97 10.97 28.75
CA ILE A 618 32.38 11.63 27.58
C ILE A 618 33.48 12.33 26.78
N THR A 619 33.40 12.25 25.46
CA THR A 619 34.22 13.11 24.59
C THR A 619 33.31 13.92 23.67
N LEU A 620 33.60 15.21 23.54
CA LEU A 620 32.82 16.08 22.68
C LEU A 620 33.29 16.03 21.24
N ASP A 621 32.45 16.52 20.33
CA ASP A 621 32.81 16.74 18.93
C ASP A 621 31.84 17.81 18.47
N TYR A 622 31.97 18.27 17.22
CA TYR A 622 31.09 19.32 16.74
C TYR A 622 30.84 19.17 15.24
N ARG A 623 29.61 19.47 14.85
CA ARG A 623 29.08 19.09 13.55
C ARG A 623 28.37 20.29 12.93
N PRO A 624 28.72 20.63 11.69
CA PRO A 624 28.19 21.86 11.07
C PRO A 624 26.65 21.93 11.03
N VAL A 625 26.11 23.13 11.17
CA VAL A 625 24.68 23.34 10.99
C VAL A 625 24.39 23.43 9.50
N ILE A 626 23.37 22.69 9.06
CA ILE A 626 22.95 22.67 7.66
C ILE A 626 22.06 23.86 7.33
N ASP A 627 22.52 24.74 6.43
CA ASP A 627 21.80 25.98 6.15
C ASP A 627 20.97 26.00 4.87
N LYS A 628 21.32 25.16 3.91
CA LYS A 628 20.51 25.03 2.71
C LYS A 628 19.11 24.57 3.10
N THR A 629 18.11 25.07 2.39
CA THR A 629 16.78 24.50 2.46
C THR A 629 16.81 23.29 1.55
N LEU A 630 15.73 22.53 1.53
CA LEU A 630 15.64 21.34 0.65
C LEU A 630 15.52 21.67 -0.82
N ASP A 631 15.14 22.90 -1.15
CA ASP A 631 15.00 23.30 -2.56
C ASP A 631 14.84 24.82 -2.68
N PRO A 632 15.89 25.51 -3.20
CA PRO A 632 15.89 26.97 -3.16
C PRO A 632 14.84 27.60 -4.06
N ALA A 633 14.43 26.85 -5.08
CA ALA A 633 13.33 27.26 -5.95
C ALA A 633 12.00 27.24 -5.21
N GLU A 634 11.95 26.59 -4.04
CA GLU A 634 10.74 26.58 -3.20
C GLU A 634 10.80 27.62 -2.08
N VAL A 635 11.96 27.71 -1.42
CA VAL A 635 12.12 28.67 -0.33
C VAL A 635 13.59 28.97 -0.07
N ASP A 636 13.86 30.23 0.26
CA ASP A 636 15.23 30.74 0.37
C ASP A 636 15.71 30.57 1.80
N TRP A 637 16.95 30.10 1.97
CA TRP A 637 17.51 29.91 3.30
C TRP A 637 17.54 31.23 4.05
N ILE A 638 17.39 31.16 5.36
CA ILE A 638 17.25 32.37 6.16
C ILE A 638 18.57 32.66 6.86
N PRO A 639 19.25 33.76 6.45
CA PRO A 639 20.54 34.10 7.05
C PRO A 639 20.40 34.54 8.50
N PRO A 640 21.43 34.31 9.31
CA PRO A 640 21.38 34.68 10.70
C PRO A 640 21.27 36.18 10.87
N ILE A 641 20.55 36.60 11.90
CA ILE A 641 20.47 38.01 12.30
C ILE A 641 20.49 38.08 13.83
N ILE A 642 20.22 39.25 14.39
CA ILE A 642 20.04 39.35 15.82
C ILE A 642 18.63 38.87 16.16
N ARG A 643 18.53 38.09 17.23
CA ARG A 643 17.27 37.53 17.70
C ARG A 643 16.63 38.53 18.65
N SER A 644 15.67 39.31 18.13
CA SER A 644 14.97 40.35 18.89
C SER A 644 13.46 40.16 18.83
N TYR A 645 12.88 39.61 19.90
CA TYR A 645 11.44 39.54 20.05
C TYR A 645 10.92 40.80 20.74
N LYS B 33 4.73 15.71 64.76
CA LYS B 33 4.46 15.13 63.40
C LYS B 33 3.00 14.64 63.28
N ARG B 34 2.45 14.74 62.06
CA ARG B 34 1.10 14.26 61.72
C ARG B 34 1.18 13.00 60.85
N ILE B 35 0.87 11.86 61.44
CA ILE B 35 1.15 10.58 60.81
C ILE B 35 -0.14 9.97 60.29
N LYS B 36 -0.30 10.00 58.97
CA LYS B 36 -1.41 9.33 58.30
C LYS B 36 -1.04 7.87 58.04
N THR B 37 -2.03 6.98 58.15
CA THR B 37 -1.81 5.55 58.00
C THR B 37 -2.61 5.05 56.75
N PHE B 38 -1.95 4.31 55.87
CA PHE B 38 -2.62 3.78 54.69
C PHE B 38 -2.77 2.26 54.75
N GLU B 39 -3.92 1.75 54.30
CA GLU B 39 -4.16 0.31 54.17
C GLU B 39 -4.15 -0.05 52.71
N ILE B 40 -3.06 -0.66 52.26
CA ILE B 40 -2.81 -0.80 50.85
C ILE B 40 -2.80 -2.27 50.44
N TYR B 41 -3.80 -2.65 49.63
CA TYR B 41 -3.90 -4.00 49.06
C TYR B 41 -2.55 -4.46 48.50
N ARG B 42 -2.16 -5.70 48.82
CA ARG B 42 -0.93 -6.31 48.27
C ARG B 42 -1.22 -7.63 47.58
N PHE B 43 -0.52 -7.92 46.50
CA PHE B 43 -0.48 -9.29 45.98
C PHE B 43 0.79 -9.60 45.21
N ASN B 44 1.44 -10.72 45.52
CA ASN B 44 2.64 -11.12 44.83
C ASN B 44 2.47 -12.46 44.10
N PRO B 45 2.34 -12.42 42.77
CA PRO B 45 2.12 -13.65 42.01
C PRO B 45 3.33 -14.54 42.01
N GLU B 46 4.51 -13.94 42.21
CA GLU B 46 5.79 -14.66 42.22
C GLU B 46 5.81 -15.75 43.30
N GLU B 47 5.40 -15.38 44.52
CA GLU B 47 5.53 -16.23 45.71
C GLU B 47 4.54 -17.38 45.66
N PRO B 48 4.96 -18.59 46.09
CA PRO B 48 4.03 -19.71 46.11
C PRO B 48 2.96 -19.59 47.22
N GLY B 49 1.76 -20.07 46.89
CA GLY B 49 0.64 -20.10 47.82
C GLY B 49 0.13 -18.73 48.18
N ALA B 50 0.56 -17.71 47.46
CA ALA B 50 0.33 -16.33 47.85
C ALA B 50 -1.14 -15.92 47.73
N LYS B 51 -1.62 -15.20 48.74
CA LYS B 51 -2.98 -14.68 48.76
C LYS B 51 -2.92 -13.19 49.06
N PRO B 52 -3.84 -12.40 48.50
CA PRO B 52 -3.97 -10.98 48.77
C PRO B 52 -3.80 -10.60 50.22
N LYS B 53 -3.28 -9.40 50.48
CA LYS B 53 -3.16 -8.87 51.85
C LYS B 53 -3.59 -7.40 51.96
N LEU B 54 -3.59 -6.89 53.19
CA LEU B 54 -3.73 -5.46 53.46
C LEU B 54 -2.57 -5.07 54.33
N GLN B 55 -1.83 -4.04 53.92
CA GLN B 55 -0.63 -3.59 54.66
C GLN B 55 -0.76 -2.13 55.11
N LYS B 56 -0.45 -1.87 56.38
CA LYS B 56 -0.53 -0.53 56.93
C LYS B 56 0.81 0.14 56.65
N PHE B 57 0.77 1.42 56.27
CA PHE B 57 1.97 2.23 56.08
C PHE B 57 1.71 3.58 56.70
N ASP B 58 2.66 4.07 57.49
CA ASP B 58 2.49 5.34 58.18
C ASP B 58 3.25 6.43 57.42
N VAL B 59 2.61 7.54 57.13
CA VAL B 59 3.23 8.60 56.36
C VAL B 59 3.16 9.89 57.13
N ASP B 60 4.31 10.55 57.29
CA ASP B 60 4.35 11.88 57.88
C ASP B 60 3.79 12.85 56.84
N LEU B 61 2.63 13.43 57.13
CA LEU B 61 1.96 14.30 56.17
C LEU B 61 2.77 15.56 55.88
N ASP B 62 3.65 15.93 56.81
CA ASP B 62 4.46 17.13 56.71
C ASP B 62 5.71 16.93 55.88
N LYS B 63 5.99 15.68 55.55
CA LYS B 63 7.11 15.35 54.69
C LYS B 63 6.57 14.71 53.40
N CYS B 64 5.43 15.20 52.92
CA CYS B 64 4.74 14.56 51.80
C CYS B 64 3.75 15.48 51.10
N GLY B 65 3.65 15.28 49.79
CA GLY B 65 2.79 16.07 48.94
C GLY B 65 1.31 15.95 49.29
N THR B 66 0.56 16.94 48.85
CA THR B 66 -0.89 17.00 49.05
C THR B 66 -1.70 15.75 48.57
N MET B 67 -1.25 15.08 47.51
CA MET B 67 -2.04 14.04 46.82
C MET B 67 -1.67 12.60 47.14
N VAL B 68 -2.67 11.73 47.15
CA VAL B 68 -2.53 10.31 47.47
C VAL B 68 -1.41 9.61 46.69
N LEU B 69 -1.21 9.97 45.42
CA LEU B 69 -0.09 9.42 44.63
C LEU B 69 1.21 9.70 45.39
N ASP B 70 1.35 10.95 45.85
CA ASP B 70 2.56 11.37 46.55
C ASP B 70 2.90 10.43 47.70
N ALA B 71 1.89 10.04 48.46
CA ALA B 71 2.11 9.11 49.54
C ALA B 71 2.63 7.76 49.02
N LEU B 72 1.97 7.20 48.01
CA LEU B 72 2.42 5.91 47.44
C LEU B 72 3.87 5.97 47.02
N ILE B 73 4.24 7.02 46.30
CA ILE B 73 5.64 7.22 45.92
C ILE B 73 6.57 7.30 47.15
N LYS B 74 6.24 8.18 48.10
CA LYS B 74 7.00 8.30 49.33
C LYS B 74 7.23 6.93 49.96
N ILE B 75 6.14 6.18 50.14
CA ILE B 75 6.19 4.83 50.68
C ILE B 75 7.08 3.90 49.85
N LYS B 76 6.96 3.98 48.53
CA LYS B 76 7.78 3.11 47.68
C LYS B 76 9.26 3.46 47.88
N ASN B 77 9.57 4.75 47.88
CA ASN B 77 10.95 5.21 47.92
C ASN B 77 11.61 5.17 49.28
N GLU B 78 10.84 5.45 50.34
CA GLU B 78 11.42 5.59 51.68
C GLU B 78 11.20 4.40 52.61
N VAL B 79 10.23 3.54 52.27
CA VAL B 79 9.80 2.46 53.18
C VAL B 79 9.79 1.08 52.50
N ASP B 80 9.24 0.97 51.29
CA ASP B 80 9.04 -0.34 50.64
C ASP B 80 9.08 -0.27 49.12
N PRO B 81 10.25 -0.49 48.53
CA PRO B 81 10.36 -0.46 47.07
C PRO B 81 9.65 -1.57 46.33
N THR B 82 9.07 -2.56 47.02
CA THR B 82 8.31 -3.61 46.33
C THR B 82 6.85 -3.25 46.09
N LEU B 83 6.38 -2.18 46.76
CA LEU B 83 5.06 -1.58 46.51
C LEU B 83 4.94 -1.14 45.06
N THR B 84 3.94 -1.65 44.35
CA THR B 84 3.88 -1.55 42.90
C THR B 84 2.57 -0.93 42.39
N PHE B 85 2.68 0.17 41.63
CA PHE B 85 1.50 0.87 41.06
C PHE B 85 1.78 1.53 39.71
N ARG B 86 0.74 2.01 39.05
CA ARG B 86 0.89 2.67 37.74
C ARG B 86 0.87 4.19 37.87
N ARG B 87 1.73 4.89 37.12
CA ARG B 87 1.69 6.36 37.07
C ARG B 87 2.52 6.93 35.93
N SER B 88 2.21 8.18 35.55
CA SER B 88 2.94 8.88 34.49
C SER B 88 2.74 10.39 34.68
N CYS B 89 1.92 11.03 33.84
CA CYS B 89 1.40 12.38 34.13
C CYS B 89 1.21 12.61 35.62
N ARG B 90 1.64 13.77 36.14
CA ARG B 90 1.36 14.05 37.55
C ARG B 90 0.10 14.94 37.74
N GLU B 91 -0.70 15.09 36.69
CA GLU B 91 -1.73 16.14 36.60
C GLU B 91 -3.19 15.68 36.30
N GLY B 92 -3.42 14.37 36.23
CA GLY B 92 -4.76 13.83 36.03
C GLY B 92 -5.24 13.68 34.59
N ILE B 93 -4.34 13.30 33.69
CA ILE B 93 -4.63 13.29 32.24
C ILE B 93 -4.32 11.96 31.51
N CYS B 94 -3.41 11.17 32.07
CA CYS B 94 -3.04 9.87 31.48
C CYS B 94 -4.03 8.77 31.88
N GLY B 95 -4.44 8.76 33.13
CA GLY B 95 -5.39 7.75 33.63
C GLY B 95 -4.76 6.44 34.09
N SER B 96 -3.43 6.41 34.15
CA SER B 96 -2.71 5.21 34.49
C SER B 96 -2.86 4.89 35.98
N CYS B 97 -2.90 5.92 36.81
CA CYS B 97 -2.95 5.69 38.27
C CYS B 97 -4.34 5.37 38.86
N ALA B 98 -5.32 5.08 38.00
CA ALA B 98 -6.67 4.83 38.47
C ALA B 98 -6.61 3.73 39.51
N MET B 99 -7.25 3.95 40.65
CA MET B 99 -7.35 2.94 41.69
C MET B 99 -8.53 3.26 42.63
N ASN B 100 -8.76 2.39 43.61
CA ASN B 100 -9.83 2.62 44.57
C ASN B 100 -9.33 3.17 45.88
N ILE B 101 -9.65 4.43 46.15
CA ILE B 101 -9.21 5.11 47.36
C ILE B 101 -10.42 5.49 48.17
N ALA B 102 -10.40 5.20 49.47
CA ALA B 102 -11.47 5.65 50.38
C ALA B 102 -12.84 5.14 49.95
N GLY B 103 -12.86 3.94 49.36
CA GLY B 103 -14.09 3.34 48.86
C GLY B 103 -14.50 3.66 47.42
N GLU B 104 -14.01 4.75 46.84
CA GLU B 104 -14.45 5.18 45.51
C GLU B 104 -13.32 5.02 44.49
N ASN B 105 -13.68 4.80 43.23
CA ASN B 105 -12.69 4.74 42.16
C ASN B 105 -12.28 6.14 41.73
N THR B 106 -11.01 6.47 41.87
CA THR B 106 -10.49 7.80 41.48
C THR B 106 -9.06 7.69 40.93
N LEU B 107 -8.50 8.83 40.54
CA LEU B 107 -7.09 8.91 40.15
C LEU B 107 -6.33 9.26 41.40
N ALA B 108 -5.24 8.55 41.68
CA ALA B 108 -4.42 8.83 42.87
C ALA B 108 -3.78 10.23 42.84
N CYS B 109 -3.45 10.71 41.64
CA CYS B 109 -2.69 11.93 41.45
C CYS B 109 -3.49 13.22 41.61
N ILE B 110 -4.81 13.14 41.65
CA ILE B 110 -5.60 14.34 41.94
C ILE B 110 -6.62 14.12 43.05
N CYS B 111 -6.35 13.10 43.87
CA CYS B 111 -7.15 12.82 45.06
C CYS B 111 -6.38 13.41 46.23
N ASN B 112 -6.93 14.40 46.93
CA ASN B 112 -6.22 14.92 48.11
C ASN B 112 -6.11 13.88 49.21
N ILE B 113 -4.98 13.88 49.90
CA ILE B 113 -4.81 12.97 51.01
C ILE B 113 -5.75 13.47 52.09
N ASP B 114 -6.42 12.52 52.75
CA ASP B 114 -7.34 12.81 53.85
C ASP B 114 -6.58 13.16 55.13
N GLN B 115 -6.59 14.46 55.43
CA GLN B 115 -5.71 15.09 56.43
C GLN B 115 -5.91 14.60 57.85
N ASN B 116 -7.11 14.10 58.12
CA ASN B 116 -7.52 13.67 59.45
C ASN B 116 -6.89 12.30 59.75
N THR B 117 -5.93 12.27 60.67
CA THR B 117 -5.01 11.12 60.85
C THR B 117 -5.58 9.95 61.67
N SER B 118 -6.68 10.19 62.39
CA SER B 118 -7.41 9.13 63.09
C SER B 118 -8.15 8.15 62.15
N LYS B 119 -8.37 8.57 60.89
CA LYS B 119 -8.78 7.65 59.80
C LYS B 119 -7.58 6.94 59.17
N THR B 120 -7.78 5.68 58.80
CA THR B 120 -6.86 5.00 57.92
C THR B 120 -7.51 5.06 56.54
N THR B 121 -6.73 5.46 55.53
CA THR B 121 -7.22 5.53 54.15
C THR B 121 -6.91 4.21 53.41
N LYS B 122 -7.93 3.62 52.80
CA LYS B 122 -7.80 2.31 52.16
C LYS B 122 -7.56 2.46 50.67
N ILE B 123 -6.65 1.66 50.15
CA ILE B 123 -6.28 1.74 48.75
C ILE B 123 -6.25 0.35 48.14
N TYR B 124 -7.30 0.03 47.39
CA TYR B 124 -7.39 -1.20 46.63
C TYR B 124 -7.24 -0.86 45.15
N PRO B 125 -6.98 -1.87 44.31
CA PRO B 125 -7.02 -1.67 42.85
C PRO B 125 -8.45 -1.63 42.34
N LEU B 126 -8.61 -1.18 41.08
CA LEU B 126 -9.92 -1.11 40.42
C LEU B 126 -10.71 -2.38 40.71
N PRO B 127 -11.88 -2.24 41.37
CA PRO B 127 -12.69 -3.38 41.79
C PRO B 127 -13.04 -4.36 40.67
N HIS B 128 -12.98 -5.63 41.01
CA HIS B 128 -13.37 -6.76 40.15
C HIS B 128 -12.57 -6.92 38.86
N MET B 129 -11.31 -6.51 38.90
CA MET B 129 -10.40 -6.79 37.79
C MET B 129 -9.30 -7.73 38.24
N PHE B 130 -8.88 -8.61 37.35
CA PHE B 130 -7.86 -9.58 37.69
C PHE B 130 -6.62 -8.77 37.97
N VAL B 131 -5.84 -9.15 38.97
CA VAL B 131 -4.63 -8.40 39.30
C VAL B 131 -3.38 -9.13 38.85
N ILE B 132 -2.33 -8.34 38.66
CA ILE B 132 -1.03 -8.83 38.29
C ILE B 132 -0.16 -8.75 39.54
N LYS B 133 -0.10 -7.56 40.12
CA LYS B 133 0.69 -7.34 41.30
C LYS B 133 0.16 -6.08 41.96
N ASP B 134 -0.13 -6.17 43.25
CA ASP B 134 -0.51 -5.00 44.02
C ASP B 134 -1.62 -4.17 43.37
N LEU B 135 -1.36 -2.91 43.00
CA LEU B 135 -2.42 -2.04 42.49
C LEU B 135 -2.55 -2.04 40.97
N VAL B 136 -1.88 -2.97 40.30
CA VAL B 136 -1.87 -3.05 38.84
C VAL B 136 -2.78 -4.16 38.37
N PRO B 137 -3.96 -3.81 37.81
CA PRO B 137 -4.88 -4.82 37.23
C PRO B 137 -4.64 -5.11 35.74
N ASP B 138 -4.88 -6.36 35.32
CA ASP B 138 -4.94 -6.69 33.89
C ASP B 138 -6.06 -5.84 33.24
N MET B 139 -5.62 -5.01 32.31
CA MET B 139 -6.42 -3.95 31.76
C MET B 139 -6.80 -4.28 30.30
N ASN B 140 -6.58 -5.51 29.88
CA ASN B 140 -6.58 -5.82 28.45
C ASN B 140 -7.95 -6.12 27.88
N LEU B 141 -8.85 -6.63 28.70
CA LEU B 141 -10.23 -6.81 28.23
C LEU B 141 -10.80 -5.43 27.99
N PHE B 142 -10.56 -4.54 28.95
CA PHE B 142 -10.99 -3.15 28.81
C PHE B 142 -10.58 -2.60 27.44
N TYR B 143 -9.29 -2.74 27.12
CA TYR B 143 -8.73 -2.21 25.91
C TYR B 143 -9.33 -2.85 24.65
N ALA B 144 -9.46 -4.18 24.68
CA ALA B 144 -9.99 -4.94 23.54
C ALA B 144 -11.39 -4.44 23.19
N GLN B 145 -12.19 -4.24 24.23
CA GLN B 145 -13.52 -3.71 24.06
C GLN B 145 -13.49 -2.33 23.39
N TYR B 146 -12.55 -1.46 23.80
CA TYR B 146 -12.41 -0.13 23.18
C TYR B 146 -11.99 -0.23 21.72
N ALA B 147 -11.24 -1.28 21.36
CA ALA B 147 -10.96 -1.55 19.95
C ALA B 147 -12.21 -1.95 19.18
N SER B 148 -13.08 -2.71 19.84
CA SER B 148 -14.28 -3.29 19.22
C SER B 148 -15.22 -2.24 18.63
N ILE B 149 -15.29 -1.05 19.25
CA ILE B 149 -16.19 0.01 18.78
C ILE B 149 -15.66 0.69 17.50
N GLN B 150 -14.44 0.35 17.12
CA GLN B 150 -13.75 0.98 16.01
C GLN B 150 -13.64 2.47 16.28
N PRO B 151 -12.71 2.89 17.15
CA PRO B 151 -12.54 4.28 17.55
C PRO B 151 -11.72 5.09 16.54
N TRP B 152 -12.29 5.28 15.34
CA TRP B 152 -11.68 6.09 14.30
C TRP B 152 -12.72 6.50 13.27
N LEU B 153 -12.51 7.67 12.69
CA LEU B 153 -13.48 8.21 11.75
C LEU B 153 -13.64 7.34 10.53
N GLN B 154 -14.91 7.08 10.22
CA GLN B 154 -15.29 6.35 9.02
C GLN B 154 -16.10 7.24 8.08
N LYS B 155 -15.83 7.13 6.78
CA LYS B 155 -16.58 7.86 5.78
C LYS B 155 -16.95 6.97 4.58
N LYS B 156 -18.23 7.02 4.21
CA LYS B 156 -18.75 6.18 3.11
C LYS B 156 -18.24 6.64 1.73
N THR B 157 -17.76 7.88 1.62
CA THR B 157 -17.10 8.37 0.38
C THR B 157 -15.59 8.51 0.59
N LYS B 158 -14.79 7.63 0.00
CA LYS B 158 -13.33 7.70 0.16
C LYS B 158 -12.83 9.14 0.01
N ILE B 159 -12.05 9.63 0.99
CA ILE B 159 -11.51 11.00 0.96
C ILE B 159 -10.01 10.97 0.61
N ASN B 160 -9.51 12.07 0.04
CA ASN B 160 -8.07 12.26 -0.18
C ASN B 160 -7.41 12.70 1.11
N LEU B 161 -6.72 11.77 1.75
CA LEU B 161 -6.45 11.82 3.18
C LEU B 161 -5.89 13.12 3.74
N GLY B 162 -5.02 13.80 3.00
CA GLY B 162 -4.44 15.06 3.47
C GLY B 162 -5.12 16.34 2.99
N GLU B 163 -6.01 16.22 2.01
CA GLU B 163 -6.31 17.31 1.06
C GLU B 163 -7.05 18.56 1.60
N LYS B 164 -8.15 18.36 2.31
CA LYS B 164 -8.89 19.47 2.90
C LYS B 164 -9.56 19.09 4.22
N GLN B 165 -10.20 20.05 4.86
CA GLN B 165 -10.85 19.84 6.15
C GLN B 165 -12.29 19.43 5.98
N GLN B 166 -12.73 18.45 6.77
CA GLN B 166 -14.15 18.16 6.85
C GLN B 166 -14.85 19.33 7.51
N TYR B 167 -15.99 19.73 6.95
CA TYR B 167 -16.81 20.72 7.60
C TYR B 167 -17.43 20.12 8.85
N GLN B 168 -17.44 20.89 9.93
CA GLN B 168 -18.30 20.60 11.07
C GLN B 168 -18.53 21.93 11.74
N SER B 169 -19.78 22.22 12.09
CA SER B 169 -20.12 23.47 12.73
C SER B 169 -19.66 23.43 14.19
N ILE B 170 -19.75 24.58 14.85
CA ILE B 170 -19.43 24.65 16.25
C ILE B 170 -20.44 23.80 17.04
N LYS B 171 -21.72 24.12 16.92
CA LYS B 171 -22.78 23.34 17.59
C LYS B 171 -22.55 21.86 17.44
N GLU B 172 -22.31 21.43 16.20
CA GLU B 172 -22.07 20.02 15.91
C GLU B 172 -20.90 19.48 16.72
N GLN B 173 -19.74 20.15 16.65
CA GLN B 173 -18.56 19.70 17.37
C GLN B 173 -18.75 19.78 18.91
N GLU B 174 -19.56 20.73 19.38
CA GLU B 174 -19.83 20.86 20.82
C GLU B 174 -20.62 19.68 21.40
N LYS B 175 -21.23 18.88 20.53
CA LYS B 175 -21.80 17.59 20.96
C LYS B 175 -20.69 16.64 21.47
N LEU B 176 -19.45 16.87 21.02
CA LEU B 176 -18.31 16.08 21.44
C LEU B 176 -17.77 16.48 22.81
N ASP B 177 -18.05 17.69 23.27
CA ASP B 177 -17.67 18.05 24.63
C ASP B 177 -18.29 17.07 25.62
N GLY B 178 -17.65 16.90 26.79
CA GLY B 178 -18.09 15.90 27.77
C GLY B 178 -18.01 14.45 27.31
N LEU B 179 -17.45 14.25 26.12
CA LEU B 179 -17.31 12.95 25.48
C LEU B 179 -15.88 12.64 25.10
N TYR B 180 -15.16 13.60 24.53
CA TYR B 180 -13.77 13.38 24.08
C TYR B 180 -12.74 13.53 25.19
N GLU B 181 -13.18 14.01 26.36
CA GLU B 181 -12.30 14.23 27.51
C GLU B 181 -11.79 12.93 28.13
N CYS B 182 -12.55 11.84 27.96
CA CYS B 182 -12.30 10.54 28.59
C CYS B 182 -10.88 10.09 28.41
N ILE B 183 -10.22 9.75 29.51
CA ILE B 183 -8.79 9.43 29.51
C ILE B 183 -8.50 7.94 29.57
N LEU B 184 -9.57 7.15 29.48
CA LEU B 184 -9.51 5.69 29.47
C LEU B 184 -8.99 5.12 30.76
N CYS B 185 -9.34 5.78 31.86
CA CYS B 185 -8.86 5.41 33.19
C CYS B 185 -9.55 4.20 33.81
N ALA B 186 -10.74 3.88 33.30
CA ALA B 186 -11.52 2.72 33.70
C ALA B 186 -12.14 2.81 35.07
N CYS B 187 -12.02 3.96 35.74
CA CYS B 187 -12.61 4.14 37.09
C CYS B 187 -14.10 3.78 37.10
N CYS B 188 -14.80 4.20 36.06
CA CYS B 188 -16.25 4.08 35.99
C CYS B 188 -16.68 2.67 35.59
N SER B 189 -16.00 2.11 34.60
CA SER B 189 -16.32 0.75 34.20
C SER B 189 -16.15 -0.15 35.41
N ALA B 190 -15.12 0.10 36.22
CA ALA B 190 -14.81 -0.75 37.38
C ALA B 190 -15.65 -0.39 38.61
N SER B 191 -16.54 0.58 38.48
CA SER B 191 -17.55 0.89 39.51
C SER B 191 -18.95 0.36 39.15
N CYS B 192 -19.07 -0.27 37.99
CA CYS B 192 -20.37 -0.72 37.48
C CYS B 192 -20.57 -2.15 37.86
N PRO B 193 -21.55 -2.41 38.76
CA PRO B 193 -21.76 -3.79 39.18
C PRO B 193 -22.16 -4.71 38.03
N SER B 194 -22.80 -4.17 37.00
CA SER B 194 -23.11 -5.01 35.84
C SER B 194 -21.85 -5.42 35.09
N TYR B 195 -20.92 -4.48 34.95
CA TYR B 195 -19.65 -4.75 34.30
C TYR B 195 -18.78 -5.62 35.18
N TRP B 196 -19.04 -5.62 36.48
CA TRP B 196 -18.39 -6.59 37.36
C TRP B 196 -18.84 -7.99 36.95
N TRP B 197 -20.16 -8.19 36.93
CA TRP B 197 -20.67 -9.54 36.77
C TRP B 197 -20.57 -10.02 35.32
N ASN B 198 -20.57 -9.11 34.35
CA ASN B 198 -20.53 -9.51 32.92
C ASN B 198 -19.53 -8.72 32.06
N ALA B 199 -18.36 -8.46 32.60
CA ALA B 199 -17.32 -7.77 31.83
C ALA B 199 -17.12 -8.40 30.45
N ASP B 200 -17.47 -9.68 30.33
CA ASP B 200 -17.18 -10.43 29.12
C ASP B 200 -18.17 -10.13 27.98
N LYS B 201 -19.39 -9.68 28.34
CA LYS B 201 -20.43 -9.46 27.33
C LYS B 201 -20.96 -8.02 27.32
N TYR B 202 -21.18 -7.43 28.48
CA TYR B 202 -21.54 -6.03 28.56
C TYR B 202 -20.28 -5.17 28.43
N LEU B 203 -20.29 -4.24 27.47
CA LEU B 203 -19.12 -3.38 27.22
C LEU B 203 -18.72 -2.46 28.38
N GLY B 204 -19.69 -1.90 29.07
CA GLY B 204 -19.42 -1.00 30.20
C GLY B 204 -19.30 0.47 29.80
N PRO B 205 -19.52 1.38 30.77
CA PRO B 205 -19.69 2.83 30.57
C PRO B 205 -18.58 3.57 29.82
N ALA B 206 -17.33 3.14 29.98
CA ALA B 206 -16.20 3.83 29.35
C ALA B 206 -16.26 3.65 27.84
N VAL B 207 -16.29 2.38 27.46
CA VAL B 207 -16.28 1.97 26.06
C VAL B 207 -17.58 2.43 25.37
N LEU B 208 -18.67 2.47 26.13
CA LEU B 208 -19.98 2.83 25.56
C LEU B 208 -20.08 4.34 25.29
N MET B 209 -19.58 5.17 26.19
CA MET B 209 -19.59 6.60 25.93
C MET B 209 -18.77 6.87 24.69
N GLN B 210 -17.66 6.16 24.54
CA GLN B 210 -16.77 6.36 23.40
C GLN B 210 -17.39 5.84 22.11
N ALA B 211 -18.11 4.73 22.22
CA ALA B 211 -18.90 4.23 21.08
C ALA B 211 -19.84 5.34 20.58
N TYR B 212 -20.43 6.05 21.55
CA TYR B 212 -21.34 7.19 21.30
C TYR B 212 -20.65 8.46 20.85
N ARG B 213 -19.41 8.68 21.29
CA ARG B 213 -18.60 9.79 20.79
C ARG B 213 -18.35 9.69 19.26
N TRP B 214 -18.33 8.48 18.70
CA TRP B 214 -18.20 8.32 17.24
C TRP B 214 -19.55 8.22 16.52
N ILE B 215 -20.60 7.88 17.26
CA ILE B 215 -21.93 7.85 16.67
C ILE B 215 -22.40 9.28 16.36
N ILE B 216 -22.45 10.18 17.36
CA ILE B 216 -22.90 11.59 17.13
C ILE B 216 -21.84 12.54 16.59
N ASP B 217 -20.72 12.04 16.10
CA ASP B 217 -19.78 12.89 15.39
C ASP B 217 -20.40 13.13 14.02
N SER B 218 -20.76 14.37 13.72
CA SER B 218 -21.40 14.69 12.42
C SER B 218 -20.51 14.30 11.22
N ARG B 219 -19.20 14.23 11.45
CA ARG B 219 -18.24 13.96 10.40
C ARG B 219 -18.18 12.46 10.09
N ASP B 220 -18.81 11.67 10.96
CA ASP B 220 -18.81 10.23 10.84
C ASP B 220 -20.12 9.79 10.19
N ASP B 221 -20.02 8.87 9.24
CA ASP B 221 -21.19 8.43 8.52
C ASP B 221 -21.81 7.20 9.15
N SER B 222 -20.98 6.31 9.66
CA SER B 222 -21.40 4.94 10.00
C SER B 222 -22.20 4.76 11.29
N ALA B 223 -23.04 5.72 11.64
CA ALA B 223 -23.83 5.59 12.86
C ALA B 223 -24.60 4.26 12.95
N ALA B 224 -25.16 3.84 11.83
CA ALA B 224 -26.06 2.68 11.79
C ALA B 224 -25.31 1.37 12.04
N GLU B 225 -24.13 1.28 11.45
CA GLU B 225 -23.30 0.11 11.57
C GLU B 225 -22.69 0.01 12.95
N ARG B 226 -22.42 1.17 13.56
CA ARG B 226 -21.90 1.23 14.93
C ARG B 226 -22.94 0.69 15.91
N LEU B 227 -24.20 1.04 15.67
CA LEU B 227 -25.31 0.62 16.53
C LEU B 227 -25.60 -0.87 16.37
N ALA B 228 -25.49 -1.36 15.14
CA ALA B 228 -25.60 -2.79 14.81
C ALA B 228 -24.66 -3.66 15.64
N ARG B 229 -23.48 -3.12 15.94
CA ARG B 229 -22.48 -3.86 16.72
C ARG B 229 -22.83 -4.05 18.23
N MET B 230 -23.90 -3.43 18.72
CA MET B 230 -24.29 -3.60 20.10
C MET B 230 -25.82 -3.64 20.28
N GLN B 231 -26.47 -4.33 19.34
CA GLN B 231 -27.92 -4.53 19.33
C GLN B 231 -28.35 -5.49 20.43
N ASP B 232 -27.62 -6.59 20.58
CA ASP B 232 -27.95 -7.66 21.54
C ASP B 232 -28.23 -7.20 22.97
N GLY B 233 -28.72 -8.14 23.77
CA GLY B 233 -29.24 -7.85 25.09
C GLY B 233 -28.20 -7.62 26.17
N PHE B 234 -26.92 -7.78 25.84
CA PHE B 234 -25.84 -7.60 26.82
C PHE B 234 -24.95 -6.39 26.55
N SER B 235 -24.46 -6.31 25.30
CA SER B 235 -23.48 -5.30 24.91
C SER B 235 -23.75 -3.90 25.45
N ALA B 236 -24.95 -3.39 25.21
CA ALA B 236 -25.34 -2.07 25.69
C ALA B 236 -26.43 -2.14 26.73
N PHE B 237 -27.35 -3.07 26.53
CA PHE B 237 -28.62 -3.07 27.28
C PHE B 237 -28.52 -3.62 28.70
N LYS B 238 -27.39 -4.22 29.06
CA LYS B 238 -27.19 -4.61 30.45
C LYS B 238 -26.85 -3.44 31.36
N CYS B 239 -26.85 -2.21 30.82
CA CYS B 239 -26.83 -1.05 31.67
C CYS B 239 -28.12 -1.05 32.47
N HIS B 240 -28.03 -1.25 33.78
CA HIS B 240 -29.20 -1.20 34.66
C HIS B 240 -29.27 0.11 35.48
N THR B 241 -28.82 1.20 34.85
CA THR B 241 -28.93 2.59 35.37
C THR B 241 -28.57 2.75 36.84
N ILE B 242 -27.50 2.07 37.25
CA ILE B 242 -27.08 2.06 38.65
C ILE B 242 -26.46 3.40 39.00
N MET B 243 -25.72 3.97 38.05
CA MET B 243 -25.23 5.36 38.05
C MET B 243 -23.90 5.57 38.76
N ASN B 244 -23.26 4.48 39.19
CA ASN B 244 -21.95 4.57 39.84
C ASN B 244 -20.85 5.13 38.95
N CYS B 245 -21.03 5.02 37.63
CA CYS B 245 -20.05 5.51 36.67
C CYS B 245 -20.02 7.03 36.69
N THR B 246 -21.14 7.66 36.31
CA THR B 246 -21.23 9.13 36.26
C THR B 246 -20.85 9.76 37.58
N LYS B 247 -21.21 9.07 38.68
CA LYS B 247 -20.75 9.43 40.00
C LYS B 247 -19.25 9.45 40.07
N THR B 248 -18.62 8.30 39.85
CA THR B 248 -17.21 8.14 40.26
C THR B 248 -16.21 8.75 39.31
N CYS B 249 -16.62 9.11 38.09
CA CYS B 249 -15.66 9.54 37.08
C CYS B 249 -14.87 10.72 37.58
N PRO B 250 -13.55 10.56 37.72
CA PRO B 250 -12.70 11.62 38.25
C PRO B 250 -12.53 12.79 37.30
N LYS B 251 -13.05 12.68 36.07
CA LYS B 251 -13.00 13.78 35.09
C LYS B 251 -14.31 14.57 35.00
N HIS B 252 -15.23 14.32 35.93
CA HIS B 252 -16.54 14.98 35.95
C HIS B 252 -17.30 14.81 34.63
N LEU B 253 -17.26 13.60 34.07
CA LEU B 253 -18.05 13.26 32.89
C LEU B 253 -19.23 12.35 33.25
N ASN B 254 -20.10 12.17 32.24
CA ASN B 254 -21.37 11.44 32.38
C ASN B 254 -21.52 10.37 31.32
N PRO B 255 -21.20 9.10 31.66
CA PRO B 255 -21.48 7.93 30.79
C PRO B 255 -22.93 7.43 30.84
N ALA B 256 -23.56 7.47 32.01
CA ALA B 256 -24.94 7.02 32.14
C ALA B 256 -25.92 7.79 31.24
N ARG B 257 -25.59 9.07 31.00
CA ARG B 257 -26.34 9.95 30.10
C ARG B 257 -26.10 9.54 28.65
N ALA B 258 -24.86 9.20 28.35
CA ALA B 258 -24.50 8.78 27.00
C ALA B 258 -25.10 7.45 26.66
N ILE B 259 -25.15 6.55 27.65
CA ILE B 259 -25.70 5.22 27.44
C ILE B 259 -27.20 5.38 27.23
N GLY B 260 -27.86 6.02 28.17
CA GLY B 260 -29.24 6.39 27.97
C GLY B 260 -29.50 6.86 26.54
N GLU B 261 -28.63 7.72 26.03
CA GLU B 261 -28.79 8.24 24.68
C GLU B 261 -28.72 7.10 23.66
N ILE B 262 -27.81 6.16 23.88
CA ILE B 262 -27.67 4.98 23.01
C ILE B 262 -28.92 4.10 23.04
N LYS B 263 -29.55 4.00 24.21
CA LYS B 263 -30.76 3.20 24.32
C LYS B 263 -31.88 3.80 23.45
N MET B 264 -32.06 5.11 23.52
CA MET B 264 -33.03 5.83 22.68
C MET B 264 -32.72 5.56 21.23
N LEU B 265 -31.46 5.71 20.86
CA LEU B 265 -31.01 5.45 19.48
C LEU B 265 -31.22 4.00 19.06
N LEU B 266 -31.00 3.07 20.00
CA LEU B 266 -30.99 1.64 19.69
C LEU B 266 -32.41 1.12 19.58
N THR B 267 -33.36 1.82 20.20
CA THR B 267 -34.80 1.50 20.12
C THR B 267 -35.60 2.39 19.14
N LYS B 268 -34.89 3.18 18.34
CA LYS B 268 -35.50 4.10 17.36
C LYS B 268 -36.38 5.19 17.96
N MET B 269 -36.33 5.35 19.27
CA MET B 269 -36.94 6.50 19.95
C MET B 269 -36.31 7.82 19.49
N LYS B 270 -35.07 7.74 19.00
CA LYS B 270 -34.38 8.89 18.42
C LYS B 270 -33.51 8.48 17.26
N THR B 271 -33.03 9.49 16.55
CA THR B 271 -32.11 9.26 15.45
C THR B 271 -30.99 10.28 15.50
N LYS B 272 -29.89 9.95 14.82
CA LYS B 272 -28.79 10.87 14.69
C LYS B 272 -29.25 11.94 13.70
N PRO B 273 -29.10 13.22 14.06
CA PRO B 273 -29.39 14.22 13.04
C PRO B 273 -28.38 14.11 11.93
N ALA B 274 -28.79 14.46 10.72
CA ALA B 274 -27.86 14.48 9.60
C ALA B 274 -26.88 15.67 9.71
N PRO B 275 -25.74 15.57 9.04
CA PRO B 275 -24.78 16.64 9.22
C PRO B 275 -25.29 17.92 8.58
N LEU B 276 -25.08 19.05 9.25
CA LEU B 276 -25.38 20.35 8.67
C LEU B 276 -24.64 20.44 7.35
N PRO B 277 -25.29 20.99 6.31
CA PRO B 277 -24.69 20.86 4.99
C PRO B 277 -23.44 21.72 4.87
N THR B 278 -22.47 21.22 4.14
CA THR B 278 -21.19 21.91 4.02
C THR B 278 -21.31 23.10 3.03
N PRO B 279 -21.20 24.35 3.53
CA PRO B 279 -21.57 25.53 2.74
C PRO B 279 -20.69 25.72 1.49
N ALA B 280 -21.24 26.37 0.47
CA ALA B 280 -20.64 26.41 -0.87
C ALA B 280 -19.19 26.93 -0.98
N ASN B 281 -18.86 27.97 -0.22
CA ASN B 281 -17.54 28.62 -0.31
C ASN B 281 -16.37 27.88 0.37
N PHE B 282 -16.69 26.83 1.12
CA PHE B 282 -15.76 26.16 2.06
C PHE B 282 -14.56 25.45 1.39
N GLU C 34 -26.06 -16.70 20.31
CA GLU C 34 -24.89 -16.31 19.51
C GLU C 34 -24.32 -14.97 20.00
N LYS C 35 -23.00 -14.82 19.87
CA LYS C 35 -22.25 -13.72 20.47
C LYS C 35 -21.60 -12.88 19.39
N THR C 36 -21.31 -11.63 19.72
CA THR C 36 -20.45 -10.79 18.89
C THR C 36 -19.02 -11.37 18.85
N PRO C 37 -18.14 -10.83 17.98
CA PRO C 37 -16.76 -11.34 18.03
C PRO C 37 -16.02 -11.01 19.34
N ILE C 38 -16.21 -9.78 19.85
CA ILE C 38 -15.55 -9.32 21.09
C ILE C 38 -16.00 -10.11 22.30
N GLN C 39 -17.26 -10.53 22.33
CA GLN C 39 -17.78 -11.32 23.42
C GLN C 39 -17.19 -12.75 23.43
N VAL C 40 -16.93 -13.26 22.22
CA VAL C 40 -16.13 -14.46 22.07
C VAL C 40 -14.75 -14.19 22.65
N TRP C 41 -14.05 -13.17 22.14
CA TRP C 41 -12.74 -12.76 22.69
C TRP C 41 -12.76 -12.66 24.21
N GLY C 42 -13.82 -12.02 24.74
CA GLY C 42 -13.94 -11.71 26.15
C GLY C 42 -13.97 -12.98 26.98
N TRP C 43 -14.71 -13.97 26.50
CA TRP C 43 -14.79 -15.22 27.22
C TRP C 43 -13.42 -15.91 27.25
N ASP C 44 -12.73 -15.88 26.11
CA ASP C 44 -11.38 -16.47 25.99
C ASP C 44 -10.44 -15.75 26.93
N TYR C 45 -10.60 -14.43 27.05
CA TYR C 45 -9.88 -13.63 28.06
C TYR C 45 -10.17 -14.12 29.47
N LEU C 46 -11.45 -14.24 29.83
CA LEU C 46 -11.78 -14.74 31.15
C LEU C 46 -11.10 -16.10 31.42
N MET C 47 -10.90 -16.89 30.38
CA MET C 47 -10.34 -18.24 30.55
C MET C 47 -8.87 -18.18 30.93
N ARG C 48 -8.09 -17.37 30.22
CA ARG C 48 -6.70 -17.08 30.59
C ARG C 48 -6.59 -16.56 32.04
N GLN C 49 -7.43 -15.61 32.40
CA GLN C 49 -7.38 -14.99 33.71
C GLN C 49 -7.58 -16.02 34.79
N ARG C 50 -8.46 -16.97 34.50
CA ARG C 50 -8.66 -18.08 35.40
C ARG C 50 -7.36 -18.82 35.50
N ALA C 51 -6.92 -19.32 34.34
CA ALA C 51 -5.78 -20.25 34.24
C ALA C 51 -4.49 -19.68 34.81
N LEU C 52 -4.40 -18.35 34.91
CA LEU C 52 -3.27 -17.72 35.55
C LEU C 52 -3.45 -17.59 37.07
N LYS C 53 -4.43 -18.28 37.64
CA LYS C 53 -4.69 -18.21 39.08
C LYS C 53 -4.54 -16.79 39.67
N ARG C 54 -5.02 -15.79 38.94
CA ARG C 54 -4.98 -14.39 39.40
C ARG C 54 -6.21 -14.05 40.21
N PRO C 55 -6.04 -13.32 41.33
CA PRO C 55 -7.17 -12.95 42.17
C PRO C 55 -8.00 -11.82 41.57
N ILE C 56 -9.24 -11.68 42.05
CA ILE C 56 -10.15 -10.65 41.56
C ILE C 56 -10.22 -9.56 42.59
N ALA C 57 -10.00 -8.32 42.16
CA ALA C 57 -9.86 -7.21 43.08
C ALA C 57 -11.16 -7.02 43.84
N PRO C 58 -11.10 -6.98 45.19
CA PRO C 58 -12.29 -6.82 46.02
C PRO C 58 -13.18 -5.69 45.55
N HIS C 59 -14.49 -5.83 45.81
CA HIS C 59 -15.49 -4.97 45.19
C HIS C 59 -16.62 -4.52 46.13
N LEU C 60 -17.58 -5.40 46.41
CA LEU C 60 -18.73 -5.02 47.22
C LEU C 60 -18.29 -4.86 48.63
N THR C 61 -17.41 -5.76 49.06
CA THR C 61 -16.82 -5.67 50.38
C THR C 61 -16.17 -4.29 50.64
N ILE C 62 -15.51 -3.71 49.64
CA ILE C 62 -14.70 -2.46 49.80
C ILE C 62 -15.28 -1.13 49.25
N TYR C 63 -16.28 -1.21 48.36
CA TYR C 63 -16.75 -0.01 47.65
C TYR C 63 -17.66 0.82 48.54
N LYS C 64 -17.49 2.15 48.49
CA LYS C 64 -18.21 3.08 49.39
C LYS C 64 -19.71 3.03 49.17
N PRO C 65 -20.49 3.05 50.26
CA PRO C 65 -21.92 3.15 50.05
C PRO C 65 -22.31 4.51 49.46
N GLN C 66 -23.08 4.49 48.37
CA GLN C 66 -23.48 5.71 47.66
C GLN C 66 -24.96 5.60 47.27
N MET C 67 -25.67 6.73 47.24
CA MET C 67 -27.08 6.73 46.89
C MET C 67 -27.36 6.16 45.48
N THR C 68 -26.36 6.22 44.62
CA THR C 68 -26.50 5.69 43.27
C THR C 68 -26.95 4.25 43.35
N TRP C 69 -26.10 3.41 43.93
CA TRP C 69 -26.23 1.95 43.86
C TRP C 69 -27.08 1.29 44.96
N MET C 70 -27.00 1.82 46.19
CA MET C 70 -27.90 1.46 47.30
C MET C 70 -29.36 1.38 46.83
N VAL C 71 -29.77 2.44 46.14
CA VAL C 71 -31.12 2.59 45.67
C VAL C 71 -31.43 1.58 44.54
N SER C 72 -30.48 1.34 43.63
CA SER C 72 -30.64 0.28 42.61
C SER C 72 -30.80 -1.07 43.33
N GLY C 73 -29.86 -1.36 44.21
CA GLY C 73 -29.97 -2.48 45.10
C GLY C 73 -31.36 -2.56 45.70
N LEU C 74 -31.85 -1.45 46.25
CA LEU C 74 -33.19 -1.44 46.85
C LEU C 74 -34.27 -1.76 45.82
N HIS C 75 -34.22 -1.09 44.67
CA HIS C 75 -35.21 -1.28 43.60
C HIS C 75 -35.33 -2.71 43.14
N ARG C 76 -34.19 -3.40 43.02
CA ARG C 76 -34.17 -4.84 42.73
C ARG C 76 -34.64 -5.63 43.96
N VAL C 77 -34.06 -5.36 45.13
CA VAL C 77 -34.45 -6.06 46.36
C VAL C 77 -35.98 -5.99 46.58
N THR C 78 -36.57 -4.81 46.48
CA THR C 78 -38.03 -4.69 46.57
C THR C 78 -38.68 -5.46 45.43
N GLY C 79 -38.35 -5.10 44.20
CA GLY C 79 -38.90 -5.78 43.02
C GLY C 79 -38.94 -7.28 43.21
N CYS C 80 -37.82 -7.86 43.62
CA CYS C 80 -37.68 -9.32 43.80
C CYS C 80 -38.52 -9.86 44.97
N ALA C 81 -38.38 -9.26 46.14
CA ALA C 81 -39.15 -9.65 47.35
C ALA C 81 -40.62 -9.78 47.00
N MET C 82 -41.13 -8.78 46.28
CA MET C 82 -42.54 -8.75 45.91
C MET C 82 -42.88 -9.98 45.06
N ALA C 83 -42.13 -10.20 44.00
CA ALA C 83 -42.36 -11.37 43.16
C ALA C 83 -42.38 -12.63 44.03
N GLY C 84 -41.30 -12.82 44.80
CA GLY C 84 -41.17 -13.95 45.72
C GLY C 84 -42.34 -14.15 46.66
N THR C 85 -42.91 -13.05 47.14
CA THR C 85 -44.13 -13.08 47.96
C THR C 85 -45.33 -13.54 47.14
N LEU C 86 -45.47 -13.01 45.93
CA LEU C 86 -46.50 -13.51 45.03
C LEU C 86 -46.36 -15.02 44.71
N LEU C 87 -45.13 -15.54 44.62
CA LEU C 87 -44.95 -16.97 44.31
C LEU C 87 -45.18 -17.81 45.54
N ILE C 88 -44.36 -17.62 46.57
CA ILE C 88 -44.62 -18.27 47.87
C ILE C 88 -46.08 -18.10 48.33
N GLY C 89 -46.71 -16.99 47.98
CA GLY C 89 -48.13 -16.76 48.31
C GLY C 89 -49.08 -17.56 47.43
N GLY C 90 -49.20 -17.15 46.17
CA GLY C 90 -50.05 -17.85 45.21
C GLY C 90 -49.91 -19.35 45.33
N VAL C 91 -48.73 -19.86 45.00
CA VAL C 91 -48.48 -21.29 45.02
C VAL C 91 -48.57 -21.90 46.42
N GLY C 92 -48.08 -21.20 47.43
CA GLY C 92 -48.09 -21.73 48.80
C GLY C 92 -49.48 -22.12 49.29
N PHE C 93 -50.40 -21.16 49.23
CA PHE C 93 -51.76 -21.39 49.71
C PHE C 93 -52.52 -22.41 48.85
N SER C 94 -52.06 -22.61 47.62
CA SER C 94 -52.66 -23.65 46.78
C SER C 94 -52.20 -25.03 47.20
N VAL C 95 -50.89 -25.19 47.42
CA VAL C 95 -50.32 -26.49 47.77
C VAL C 95 -50.53 -26.84 49.26
N LEU C 96 -51.17 -25.95 50.02
CA LEU C 96 -51.46 -26.23 51.44
C LEU C 96 -52.94 -26.47 51.72
N PRO C 97 -53.24 -27.16 52.84
CA PRO C 97 -54.64 -27.32 53.26
C PRO C 97 -55.20 -25.99 53.74
N LEU C 98 -54.30 -25.08 54.11
CA LEU C 98 -54.62 -23.72 54.55
C LEU C 98 -55.15 -22.81 53.43
N ASP C 99 -55.95 -21.82 53.83
CA ASP C 99 -56.43 -20.76 52.95
C ASP C 99 -56.20 -19.40 53.62
N PHE C 100 -56.44 -18.32 52.87
CA PHE C 100 -56.05 -16.98 53.34
C PHE C 100 -56.90 -16.50 54.51
N THR C 101 -58.12 -16.99 54.61
CA THR C 101 -59.02 -16.58 55.69
C THR C 101 -58.57 -17.16 57.02
N THR C 102 -58.33 -18.47 57.07
CA THR C 102 -57.90 -19.12 58.32
C THR C 102 -56.47 -18.68 58.71
N PHE C 103 -55.72 -18.10 57.77
CA PHE C 103 -54.43 -17.49 58.09
C PHE C 103 -54.60 -16.15 58.86
N VAL C 104 -55.45 -15.25 58.37
CA VAL C 104 -55.68 -13.94 59.00
C VAL C 104 -56.29 -14.04 60.41
N GLU C 105 -57.02 -15.13 60.68
CA GLU C 105 -57.48 -15.41 62.06
C GLU C 105 -56.31 -15.86 62.93
N PHE C 106 -55.46 -16.75 62.42
CA PHE C 106 -54.34 -17.26 63.19
C PHE C 106 -53.47 -16.13 63.75
N ILE C 107 -53.20 -15.11 62.93
CA ILE C 107 -52.32 -14.01 63.34
C ILE C 107 -53.07 -13.07 64.32
N ARG C 108 -54.34 -12.80 64.00
CA ARG C 108 -55.22 -11.98 64.84
C ARG C 108 -55.27 -12.59 66.22
N GLY C 109 -55.48 -13.91 66.27
CA GLY C 109 -55.46 -14.67 67.50
C GLY C 109 -54.36 -14.21 68.44
N LEU C 110 -53.15 -14.05 67.91
CA LEU C 110 -52.00 -13.52 68.67
C LEU C 110 -52.27 -12.13 69.27
N GLY C 111 -53.20 -11.39 68.66
CA GLY C 111 -53.58 -10.08 69.17
C GLY C 111 -52.34 -9.27 69.42
N ILE C 112 -51.52 -9.14 68.39
CA ILE C 112 -50.26 -8.39 68.51
C ILE C 112 -50.59 -6.89 68.52
N PRO C 113 -49.75 -6.07 69.21
CA PRO C 113 -50.02 -4.62 69.35
C PRO C 113 -50.33 -3.86 68.03
N TRP C 114 -51.13 -2.79 68.14
CA TRP C 114 -51.63 -2.06 66.96
C TRP C 114 -50.52 -1.34 66.19
N VAL C 115 -49.47 -0.92 66.88
CA VAL C 115 -48.36 -0.24 66.25
C VAL C 115 -47.51 -1.23 65.44
N ILE C 116 -47.25 -2.40 66.01
CA ILE C 116 -46.53 -3.44 65.29
C ILE C 116 -47.24 -3.76 63.98
N LEU C 117 -48.55 -4.00 64.05
CA LEU C 117 -49.31 -4.40 62.88
C LEU C 117 -49.21 -3.36 61.75
N ASP C 118 -49.46 -2.10 62.07
CA ASP C 118 -49.42 -1.04 61.08
C ASP C 118 -48.00 -0.83 60.53
N THR C 119 -47.00 -1.27 61.29
CA THR C 119 -45.62 -1.29 60.81
C THR C 119 -45.41 -2.40 59.77
N PHE C 120 -45.97 -3.58 60.05
CA PHE C 120 -45.97 -4.66 59.08
C PHE C 120 -46.75 -4.23 57.85
N LYS C 121 -47.81 -3.45 58.04
CA LYS C 121 -48.53 -2.86 56.92
C LYS C 121 -47.62 -1.91 56.16
N PHE C 122 -46.89 -1.05 56.89
CA PHE C 122 -45.97 -0.07 56.26
C PHE C 122 -44.92 -0.77 55.40
N ILE C 123 -44.35 -1.83 55.97
CA ILE C 123 -43.44 -2.74 55.27
C ILE C 123 -44.03 -3.29 53.98
N ILE C 124 -45.34 -3.51 53.93
CA ILE C 124 -45.96 -4.02 52.71
C ILE C 124 -46.16 -2.89 51.70
N ALA C 125 -46.50 -1.70 52.19
CA ALA C 125 -46.75 -0.56 51.30
C ALA C 125 -45.48 -0.07 50.61
N PHE C 126 -44.37 0.00 51.36
CA PHE C 126 -43.14 0.62 50.88
C PHE C 126 -42.54 0.00 49.61
N PRO C 127 -42.34 -1.34 49.60
CA PRO C 127 -41.87 -2.00 48.38
C PRO C 127 -42.73 -1.62 47.18
N ILE C 128 -44.05 -1.64 47.37
CA ILE C 128 -44.96 -1.32 46.28
C ILE C 128 -44.79 0.15 45.87
N ALA C 129 -44.72 1.04 46.86
CA ALA C 129 -44.61 2.47 46.59
C ALA C 129 -43.25 2.81 45.96
N PHE C 130 -42.18 2.56 46.70
CA PHE C 130 -40.84 2.95 46.27
C PHE C 130 -40.49 2.40 44.90
N HIS C 131 -40.72 1.10 44.68
CA HIS C 131 -40.40 0.48 43.41
C HIS C 131 -41.20 1.08 42.27
N THR C 132 -42.45 1.39 42.54
CA THR C 132 -43.34 1.94 41.53
C THR C 132 -42.83 3.33 41.13
N LEU C 133 -42.57 4.16 42.15
CA LEU C 133 -41.96 5.48 41.94
C LEU C 133 -40.62 5.37 41.23
N ASN C 134 -39.64 4.74 41.89
CA ASN C 134 -38.30 4.61 41.34
C ASN C 134 -38.27 3.89 39.99
N GLY C 135 -39.29 3.09 39.74
CA GLY C 135 -39.48 2.50 38.42
C GLY C 135 -39.56 3.56 37.35
N ILE C 136 -40.30 4.64 37.63
CA ILE C 136 -40.48 5.68 36.61
C ILE C 136 -39.14 6.46 36.54
N ARG C 137 -38.51 6.70 37.70
CA ARG C 137 -37.20 7.38 37.79
C ARG C 137 -36.21 6.75 36.84
N PHE C 138 -36.02 5.46 36.99
CA PHE C 138 -35.09 4.70 36.16
C PHE C 138 -35.47 4.77 34.69
N ILE C 139 -36.76 4.84 34.36
CA ILE C 139 -37.14 4.91 32.95
C ILE C 139 -36.67 6.24 32.35
N GLY C 140 -36.55 7.27 33.20
CA GLY C 140 -35.93 8.52 32.79
C GLY C 140 -34.46 8.29 32.45
N PHE C 141 -33.76 7.69 33.40
CA PHE C 141 -32.35 7.36 33.21
C PHE C 141 -32.13 6.54 31.92
N ASP C 142 -33.07 5.68 31.58
CA ASP C 142 -33.02 4.94 30.33
C ASP C 142 -33.11 5.86 29.11
N MET C 143 -33.76 6.99 29.28
CA MET C 143 -33.97 7.92 28.17
C MET C 143 -33.03 9.11 28.24
N ALA C 144 -31.91 8.97 28.96
CA ALA C 144 -30.92 10.04 29.12
C ALA C 144 -31.40 11.19 30.00
N LYS C 145 -32.56 11.06 30.61
CA LYS C 145 -33.17 12.16 31.35
C LYS C 145 -32.77 12.15 32.83
N GLY C 146 -32.37 13.30 33.34
CA GLY C 146 -32.16 13.50 34.78
C GLY C 146 -30.94 12.79 35.31
N THR C 147 -29.93 12.74 34.46
CA THR C 147 -28.78 11.85 34.60
C THR C 147 -27.56 12.49 35.26
N ASP C 148 -27.59 13.80 35.45
CA ASP C 148 -26.50 14.49 36.18
C ASP C 148 -26.63 14.22 37.66
N ILE C 149 -25.60 14.56 38.43
CA ILE C 149 -25.50 14.11 39.81
C ILE C 149 -26.51 14.78 40.76
N PRO C 150 -26.77 16.08 40.56
CA PRO C 150 -27.86 16.69 41.33
C PRO C 150 -29.20 16.04 41.02
N SER C 151 -29.55 15.91 39.75
CA SER C 151 -30.73 15.14 39.38
C SER C 151 -30.75 13.71 39.97
N ILE C 152 -29.59 13.06 40.01
CA ILE C 152 -29.51 11.71 40.55
C ILE C 152 -29.82 11.69 42.03
N TYR C 153 -29.31 12.67 42.77
CA TYR C 153 -29.52 12.69 44.21
C TYR C 153 -30.91 13.25 44.59
N ARG C 154 -31.35 14.31 43.93
CA ARG C 154 -32.72 14.82 44.10
C ARG C 154 -33.72 13.69 43.80
N GLY C 155 -33.60 13.12 42.61
CA GLY C 155 -34.42 11.97 42.21
C GLY C 155 -34.50 10.92 43.32
N ALA C 156 -33.34 10.44 43.75
CA ALA C 156 -33.25 9.49 44.85
C ALA C 156 -34.09 9.91 46.06
N TYR C 157 -33.80 11.08 46.63
CA TYR C 157 -34.47 11.51 47.88
C TYR C 157 -35.97 11.67 47.68
N LEU C 158 -36.36 12.43 46.65
CA LEU C 158 -37.75 12.61 46.28
C LEU C 158 -38.50 11.25 46.29
N VAL C 159 -37.96 10.27 45.57
CA VAL C 159 -38.56 8.93 45.45
C VAL C 159 -38.57 8.17 46.78
N LEU C 160 -37.55 8.31 47.62
CA LEU C 160 -37.59 7.69 48.97
C LEU C 160 -38.64 8.39 49.85
N GLY C 161 -38.81 9.70 49.64
CA GLY C 161 -39.77 10.49 50.39
C GLY C 161 -41.16 10.09 49.98
N LEU C 162 -41.53 10.41 48.75
CA LEU C 162 -42.87 10.13 48.28
C LEU C 162 -43.32 8.71 48.59
N ALA C 163 -42.44 7.73 48.45
CA ALA C 163 -42.76 6.34 48.79
C ALA C 163 -43.07 6.13 50.27
N ALA C 164 -42.25 6.72 51.14
CA ALA C 164 -42.48 6.63 52.59
C ALA C 164 -43.76 7.36 53.02
N LEU C 165 -43.94 8.59 52.52
CA LEU C 165 -45.19 9.36 52.74
C LEU C 165 -46.41 8.53 52.38
N ILE C 166 -46.45 8.05 51.14
CA ILE C 166 -47.57 7.23 50.67
C ILE C 166 -47.73 5.98 51.55
N SER C 167 -46.61 5.37 51.95
CA SER C 167 -46.67 4.21 52.85
C SER C 167 -47.14 4.53 54.27
N LEU C 168 -46.81 5.71 54.77
CA LEU C 168 -47.23 6.12 56.11
C LEU C 168 -48.68 6.61 56.09
N ALA C 169 -49.09 7.24 54.99
CA ALA C 169 -50.48 7.68 54.83
C ALA C 169 -51.41 6.48 54.77
N VAL C 170 -51.12 5.55 53.87
CA VAL C 170 -51.98 4.40 53.62
C VAL C 170 -52.12 3.47 54.82
N VAL C 171 -51.13 3.49 55.70
CA VAL C 171 -51.21 2.71 56.92
C VAL C 171 -52.03 3.45 57.97
N VAL C 172 -51.67 4.70 58.21
CA VAL C 172 -52.23 5.49 59.31
C VAL C 172 -53.67 5.91 58.98
N TYR C 173 -53.90 6.51 57.82
CA TYR C 173 -55.19 7.15 57.52
C TYR C 173 -56.42 6.32 57.96
N PRO C 174 -56.54 5.05 57.51
CA PRO C 174 -57.67 4.24 57.99
C PRO C 174 -57.58 3.91 59.48
N ARG C 175 -56.42 3.47 59.95
CA ARG C 175 -56.23 3.28 61.38
C ARG C 175 -56.67 4.54 62.15
N TRP C 176 -56.46 5.72 61.57
CA TRP C 176 -56.91 7.01 62.15
C TRP C 176 -58.43 7.09 62.14
N GLU C 177 -59.04 6.66 61.03
CA GLU C 177 -60.50 6.59 60.92
C GLU C 177 -61.12 5.50 61.80
N ARG C 178 -60.35 4.47 62.14
CA ARG C 178 -60.81 3.43 63.08
C ARG C 178 -60.77 3.88 64.55
N HIS C 179 -60.02 4.95 64.84
CA HIS C 179 -60.02 5.56 66.16
C HIS C 179 -61.14 6.60 66.27
N LYS C 180 -61.40 7.29 65.16
CA LYS C 180 -62.58 8.15 65.01
C LYS C 180 -63.88 7.36 65.19
N LYS C 181 -63.92 6.13 64.68
CA LYS C 181 -65.08 5.25 64.85
C LYS C 181 -65.30 4.85 66.31
N ALA C 182 -64.23 4.42 66.98
CA ALA C 182 -64.31 3.85 68.32
C ALA C 182 -64.80 4.84 69.38
N THR C 183 -64.53 6.14 69.19
CA THR C 183 -64.71 7.12 70.27
C THR C 183 -65.56 8.37 69.94
N LEU C 184 -65.99 8.52 68.69
CA LEU C 184 -66.76 9.71 68.23
C LEU C 184 -68.19 9.80 68.76
N PRO C 185 -68.91 10.91 68.45
CA PRO C 185 -70.36 11.01 68.66
C PRO C 185 -71.18 10.03 67.78
N THR C 186 -71.83 9.05 68.43
CA THR C 186 -72.45 7.85 67.78
C THR C 186 -71.64 7.31 66.59
N THR D 28 20.58 -17.64 29.39
CA THR D 28 21.18 -16.97 28.25
C THR D 28 20.17 -16.89 27.15
N SER D 29 20.57 -16.25 26.07
CA SER D 29 19.71 -16.06 24.95
C SER D 29 19.78 -17.27 24.08
N ALA D 30 19.28 -18.38 24.58
CA ALA D 30 18.92 -19.48 23.72
C ALA D 30 17.48 -19.82 24.06
N ALA D 31 16.65 -19.63 23.07
CA ALA D 31 15.38 -18.99 23.16
C ALA D 31 14.46 -19.70 22.28
N VAL D 32 13.18 -19.41 22.40
CA VAL D 32 12.19 -20.06 21.58
C VAL D 32 11.30 -19.04 20.89
N THR D 33 11.04 -19.25 19.61
CA THR D 33 10.21 -18.36 18.85
C THR D 33 8.95 -18.04 19.58
N GLY D 34 8.49 -16.80 19.48
CA GLY D 34 7.35 -16.33 20.24
C GLY D 34 6.14 -16.25 19.36
N ALA D 35 5.03 -15.85 19.95
CA ALA D 35 3.82 -15.59 19.19
C ALA D 35 3.30 -14.21 19.52
N ALA D 36 2.37 -13.76 18.69
CA ALA D 36 1.76 -12.46 18.84
C ALA D 36 0.91 -12.44 20.09
N PRO D 37 0.87 -11.31 20.82
CA PRO D 37 0.07 -11.34 22.03
C PRO D 37 -1.41 -11.25 21.68
N PRO D 38 -2.29 -11.89 22.48
CA PRO D 38 -3.70 -11.86 22.14
C PRO D 38 -4.20 -10.44 22.05
N GLN D 39 -5.12 -10.21 21.11
CA GLN D 39 -5.42 -8.86 20.68
C GLN D 39 -6.59 -8.92 19.70
N PHE D 40 -7.57 -8.07 19.94
CA PHE D 40 -8.79 -8.10 19.18
C PHE D 40 -8.57 -7.28 17.93
N ASP D 41 -8.75 -7.91 16.77
CA ASP D 41 -8.67 -7.17 15.51
C ASP D 41 -10.06 -6.82 15.10
N PRO D 42 -10.44 -5.53 15.21
CA PRO D 42 -11.83 -5.15 15.02
C PRO D 42 -12.31 -5.29 13.58
N ILE D 43 -11.37 -5.21 12.62
CA ILE D 43 -11.70 -5.37 11.21
C ILE D 43 -11.77 -6.84 10.83
N ALA D 44 -10.76 -7.60 11.23
CA ALA D 44 -10.73 -9.04 10.95
C ALA D 44 -11.97 -9.71 11.56
N ALA D 45 -12.35 -9.30 12.76
CA ALA D 45 -13.58 -9.78 13.40
C ALA D 45 -14.83 -9.40 12.58
N GLU D 46 -14.80 -8.21 11.98
CA GLU D 46 -15.89 -7.71 11.12
C GLU D 46 -16.17 -8.60 9.89
N LYS D 47 -15.14 -9.24 9.33
CA LYS D 47 -15.29 -10.11 8.15
C LYS D 47 -16.04 -11.41 8.48
N GLY D 48 -17.29 -11.44 8.07
CA GLY D 48 -18.12 -12.61 8.19
C GLY D 48 -19.14 -12.59 9.30
N PHE D 49 -19.13 -11.56 10.12
CA PHE D 49 -20.18 -11.45 11.11
C PHE D 49 -21.09 -10.33 10.71
N LYS D 50 -22.34 -10.65 10.45
CA LYS D 50 -23.29 -9.64 10.09
C LYS D 50 -24.47 -9.52 11.05
N PRO D 51 -24.59 -10.45 11.97
CA PRO D 51 -25.86 -10.84 12.53
C PRO D 51 -26.69 -9.78 13.21
N LEU D 52 -27.99 -9.89 12.95
CA LEU D 52 -29.01 -8.93 13.35
C LEU D 52 -30.06 -9.57 14.23
N HIS D 53 -30.23 -8.99 15.41
CA HIS D 53 -31.07 -9.52 16.42
C HIS D 53 -31.41 -8.39 17.27
N SER D 54 -32.16 -7.41 16.82
CA SER D 54 -32.18 -6.23 17.63
C SER D 54 -32.97 -6.47 18.86
N HIS D 55 -32.31 -6.43 20.00
CA HIS D 55 -33.03 -6.42 21.28
C HIS D 55 -33.77 -5.11 21.47
N GLY D 56 -33.54 -4.15 20.57
CA GLY D 56 -34.09 -2.81 20.67
C GLY D 56 -35.60 -2.73 20.80
N THR D 57 -36.29 -3.39 19.90
CA THR D 57 -37.74 -3.31 19.89
C THR D 57 -38.33 -4.08 21.07
N LEU D 58 -37.59 -5.05 21.61
CA LEU D 58 -38.03 -5.80 22.80
C LEU D 58 -37.90 -4.95 24.08
N PHE D 59 -36.76 -4.29 24.25
CA PHE D 59 -36.47 -3.41 25.38
C PHE D 59 -37.53 -2.30 25.48
N LYS D 60 -37.82 -1.66 24.35
CA LYS D 60 -38.78 -0.56 24.31
C LYS D 60 -40.12 -0.93 24.97
N ILE D 61 -40.65 -2.11 24.66
CA ILE D 61 -41.98 -2.48 25.13
C ILE D 61 -41.98 -2.87 26.61
N GLU D 62 -40.90 -3.51 27.07
CA GLU D 62 -40.73 -3.79 28.49
C GLU D 62 -40.92 -2.54 29.33
N ARG D 63 -40.51 -1.39 28.80
CA ARG D 63 -40.56 -0.09 29.50
C ARG D 63 -41.93 0.56 29.32
N TYR D 64 -42.43 0.54 28.09
CA TYR D 64 -43.79 0.99 27.83
C TYR D 64 -44.79 0.27 28.73
N PHE D 65 -44.56 -1.01 28.93
CA PHE D 65 -45.44 -1.80 29.78
C PHE D 65 -45.35 -1.39 31.27
N ALA D 66 -44.15 -1.05 31.75
CA ALA D 66 -43.98 -0.61 33.12
C ALA D 66 -44.61 0.76 33.30
N ALA D 67 -44.46 1.61 32.28
CA ALA D 67 -45.07 2.94 32.28
C ALA D 67 -46.58 2.83 32.39
N ALA D 68 -47.17 1.90 31.64
CA ALA D 68 -48.61 1.63 31.69
C ALA D 68 -49.05 1.13 33.07
N MET D 69 -48.21 0.38 33.76
CA MET D 69 -48.55 -0.12 35.10
C MET D 69 -48.61 1.00 36.14
N VAL D 70 -48.03 2.16 35.84
CA VAL D 70 -48.05 3.25 36.80
C VAL D 70 -49.49 3.65 37.12
N PRO D 71 -50.33 3.87 36.09
CA PRO D 71 -51.74 4.09 36.43
C PRO D 71 -52.33 2.96 37.27
N LEU D 72 -52.10 1.72 36.84
CA LEU D 72 -52.75 0.54 37.42
C LEU D 72 -52.56 0.40 38.91
N ILE D 73 -51.35 0.65 39.41
CA ILE D 73 -51.07 0.37 40.81
C ILE D 73 -51.99 1.11 41.79
N PRO D 74 -52.21 2.43 41.59
CA PRO D 74 -53.20 3.14 42.40
C PRO D 74 -54.65 2.83 41.98
N ALA D 75 -54.89 2.64 40.68
CA ALA D 75 -56.21 2.18 40.23
C ALA D 75 -56.69 1.01 41.11
N ALA D 76 -55.77 0.12 41.49
CA ALA D 76 -56.10 -1.05 42.34
C ALA D 76 -56.11 -0.75 43.85
N TYR D 77 -55.60 0.41 44.26
CA TYR D 77 -55.77 0.86 45.64
C TYR D 77 -57.24 1.17 45.88
N PHE D 78 -57.80 1.92 44.94
CA PHE D 78 -59.19 2.33 44.98
C PHE D 78 -60.13 1.20 44.50
N ILE D 79 -60.17 0.94 43.20
CA ILE D 79 -61.18 0.03 42.65
C ILE D 79 -60.73 -1.45 42.79
N HIS D 80 -61.52 -2.23 43.51
CA HIS D 80 -61.20 -3.65 43.78
C HIS D 80 -62.02 -4.58 42.88
N GLY D 81 -62.00 -5.88 43.20
CA GLY D 81 -62.89 -6.85 42.57
C GLY D 81 -62.15 -7.99 41.93
N ARG D 82 -62.91 -8.97 41.45
CA ARG D 82 -62.35 -10.16 40.79
C ARG D 82 -61.72 -9.79 39.45
N GLU D 83 -62.15 -8.67 38.86
CA GLU D 83 -61.61 -8.21 37.58
C GLU D 83 -60.27 -7.47 37.70
N MET D 84 -60.07 -6.71 38.78
CA MET D 84 -58.74 -6.12 39.06
C MET D 84 -57.75 -7.19 39.48
N ASP D 85 -58.18 -8.10 40.35
CA ASP D 85 -57.40 -9.26 40.70
C ASP D 85 -56.82 -9.90 39.44
N LEU D 86 -57.61 -9.91 38.37
CA LEU D 86 -57.22 -10.55 37.11
C LEU D 86 -56.15 -9.74 36.38
N CYS D 87 -56.32 -8.42 36.30
CA CYS D 87 -55.38 -7.55 35.60
C CYS D 87 -54.08 -7.33 36.34
N LEU D 88 -54.14 -7.23 37.66
CA LEU D 88 -52.97 -7.30 38.50
C LEU D 88 -52.25 -8.63 38.24
N ALA D 89 -53.01 -9.72 38.27
CA ALA D 89 -52.44 -11.05 38.01
C ALA D 89 -51.81 -11.19 36.62
N LEU D 90 -52.33 -10.50 35.61
CA LEU D 90 -51.78 -10.57 34.26
C LEU D 90 -50.61 -9.62 34.04
N ALA D 91 -50.76 -8.38 34.47
CA ALA D 91 -49.67 -7.44 34.32
C ALA D 91 -48.48 -7.90 35.16
N LEU D 92 -48.70 -8.26 36.42
CA LEU D 92 -47.60 -8.67 37.31
C LEU D 92 -46.92 -9.96 36.87
N THR D 93 -47.66 -10.85 36.22
CA THR D 93 -47.06 -12.06 35.69
C THR D 93 -46.08 -11.72 34.56
N LEU D 94 -46.53 -10.89 33.62
CA LEU D 94 -45.74 -10.50 32.44
C LEU D 94 -44.56 -9.58 32.76
N HIS D 95 -44.76 -8.62 33.66
CA HIS D 95 -43.69 -7.72 34.13
C HIS D 95 -42.60 -8.49 34.90
N VAL D 96 -43.03 -9.33 35.85
CA VAL D 96 -42.11 -10.10 36.68
C VAL D 96 -41.39 -11.16 35.85
N HIS D 97 -41.99 -11.59 34.74
CA HIS D 97 -41.33 -12.51 33.81
C HIS D 97 -40.03 -11.90 33.29
N TRP D 98 -40.14 -10.71 32.74
CA TRP D 98 -39.01 -9.94 32.24
C TRP D 98 -38.09 -9.47 33.35
N GLY D 99 -38.67 -9.14 34.49
CA GLY D 99 -37.88 -8.87 35.67
C GLY D 99 -36.87 -9.96 35.92
N VAL D 100 -37.36 -11.13 36.39
CA VAL D 100 -36.50 -12.22 36.88
C VAL D 100 -35.53 -12.72 35.82
N TRP D 101 -36.00 -12.71 34.57
CA TRP D 101 -35.18 -13.08 33.43
C TRP D 101 -33.87 -12.27 33.49
N GLY D 102 -34.00 -10.95 33.53
CA GLY D 102 -32.85 -10.08 33.70
C GLY D 102 -31.99 -10.51 34.89
N VAL D 103 -32.55 -10.42 36.10
CA VAL D 103 -31.86 -10.84 37.30
C VAL D 103 -31.13 -12.16 37.08
N VAL D 104 -31.80 -13.08 36.39
CA VAL D 104 -31.20 -14.38 36.06
C VAL D 104 -30.00 -14.24 35.10
N ASN D 105 -30.16 -13.53 33.98
CA ASN D 105 -28.98 -13.29 33.11
C ASN D 105 -27.86 -12.49 33.80
N ASP D 106 -28.22 -11.66 34.77
CA ASP D 106 -27.21 -10.91 35.51
C ASP D 106 -26.41 -11.78 36.47
N TYR D 107 -27.01 -12.83 37.01
CA TYR D 107 -26.29 -13.68 37.96
C TYR D 107 -26.14 -15.14 37.53
N GLY D 108 -26.74 -15.52 36.41
CA GLY D 108 -26.68 -16.91 35.92
C GLY D 108 -25.51 -17.05 34.98
N ARG D 109 -24.32 -16.68 35.48
CA ARG D 109 -23.14 -16.48 34.65
C ARG D 109 -22.42 -17.78 34.43
N PRO D 110 -22.02 -18.07 33.18
CA PRO D 110 -21.42 -19.37 32.96
C PRO D 110 -20.03 -19.46 33.56
N PHE D 111 -19.29 -18.35 33.57
CA PHE D 111 -17.95 -18.33 34.20
C PHE D 111 -18.03 -18.84 35.64
N VAL D 112 -19.06 -18.44 36.37
CA VAL D 112 -19.19 -18.86 37.76
C VAL D 112 -19.98 -20.18 37.93
N LEU D 113 -20.80 -20.53 36.95
CA LEU D 113 -21.60 -21.74 37.03
C LEU D 113 -21.36 -22.80 35.98
N GLY D 114 -20.77 -22.45 34.86
CA GLY D 114 -20.48 -23.47 33.88
C GLY D 114 -21.79 -23.60 33.18
N ASP D 115 -21.78 -23.88 31.89
CA ASP D 115 -22.95 -23.65 31.10
C ASP D 115 -24.19 -24.44 31.42
N THR D 116 -24.08 -25.73 31.66
CA THR D 116 -25.30 -26.47 31.80
C THR D 116 -26.02 -25.97 32.99
N LEU D 117 -25.32 -25.84 34.09
CA LEU D 117 -25.96 -25.39 35.33
C LEU D 117 -26.55 -23.99 35.22
N ALA D 118 -25.95 -23.16 34.37
CA ALA D 118 -26.38 -21.77 34.14
C ALA D 118 -27.51 -21.64 33.13
N ALA D 119 -27.55 -22.55 32.15
CA ALA D 119 -28.71 -22.68 31.25
C ALA D 119 -29.91 -23.26 31.99
N ALA D 120 -29.64 -23.94 33.10
CA ALA D 120 -30.68 -24.45 33.98
C ALA D 120 -31.33 -23.32 34.80
N VAL D 121 -30.59 -22.24 35.02
CA VAL D 121 -31.11 -21.04 35.70
C VAL D 121 -31.91 -20.21 34.70
N ARG D 122 -31.42 -20.08 33.47
CA ARG D 122 -32.21 -19.51 32.38
C ARG D 122 -33.59 -20.17 32.28
N VAL D 123 -33.62 -21.48 32.10
CA VAL D 123 -34.88 -22.23 32.00
C VAL D 123 -35.75 -21.99 33.24
N GLY D 124 -35.13 -22.02 34.41
CA GLY D 124 -35.83 -21.78 35.68
C GLY D 124 -36.49 -20.42 35.82
N ALA D 125 -36.11 -19.45 34.99
CA ALA D 125 -36.75 -18.15 34.97
C ALA D 125 -38.15 -18.24 34.37
N TYR D 126 -38.32 -19.22 33.49
CA TYR D 126 -39.60 -19.47 32.84
C TYR D 126 -40.51 -20.32 33.72
N ILE D 127 -39.92 -21.28 34.45
CA ILE D 127 -40.70 -22.07 35.41
C ILE D 127 -41.24 -21.12 36.49
N PHE D 128 -40.45 -20.09 36.85
CA PHE D 128 -40.84 -19.07 37.84
C PHE D 128 -41.99 -18.18 37.37
N THR D 129 -42.03 -17.93 36.06
CA THR D 129 -43.11 -17.18 35.47
C THR D 129 -44.40 -18.01 35.51
N ALA D 130 -44.30 -19.27 35.11
CA ALA D 130 -45.47 -20.15 34.96
C ALA D 130 -46.05 -20.63 36.30
N CYS D 131 -45.19 -20.90 37.27
CA CYS D 131 -45.69 -21.17 38.62
C CYS D 131 -46.34 -19.95 39.26
N LEU D 132 -45.73 -18.78 39.07
CA LEU D 132 -46.28 -17.52 39.56
C LEU D 132 -47.73 -17.34 39.13
N LEU D 133 -47.95 -17.30 37.82
CA LEU D 133 -49.30 -17.21 37.28
C LEU D 133 -50.20 -18.31 37.85
N ALA D 134 -49.82 -19.57 37.66
CA ALA D 134 -50.60 -20.69 38.19
C ALA D 134 -51.05 -20.37 39.61
N GLY D 135 -50.11 -20.03 40.49
CA GLY D 135 -50.41 -19.70 41.89
C GLY D 135 -51.40 -18.57 42.06
N LEU D 136 -51.19 -17.46 41.36
CA LEU D 136 -52.12 -16.31 41.40
C LEU D 136 -53.51 -16.67 40.89
N LEU D 137 -53.60 -17.21 39.68
CA LEU D 137 -54.87 -17.68 39.15
C LEU D 137 -55.62 -18.51 40.21
N TYR D 138 -54.97 -19.52 40.74
CA TYR D 138 -55.56 -20.34 41.79
C TYR D 138 -56.10 -19.45 42.87
N PHE D 139 -55.25 -18.54 43.36
CA PHE D 139 -55.57 -17.68 44.49
C PHE D 139 -56.74 -16.72 44.25
N ASN D 140 -56.93 -16.32 42.98
CA ASN D 140 -58.09 -15.50 42.57
C ASN D 140 -59.34 -16.32 42.28
N GLU D 141 -59.18 -17.65 42.19
CA GLU D 141 -60.28 -18.56 41.80
C GLU D 141 -60.79 -19.44 42.95
N HIS D 142 -59.91 -19.82 43.87
CA HIS D 142 -60.28 -20.68 44.98
C HIS D 142 -59.85 -20.08 46.29
N ASP D 143 -59.79 -18.74 46.31
CA ASP D 143 -59.50 -17.97 47.51
C ASP D 143 -59.95 -16.55 47.27
N VAL D 144 -59.79 -15.72 48.30
CA VAL D 144 -60.37 -14.38 48.38
C VAL D 144 -60.03 -13.43 47.22
N GLY D 145 -58.91 -13.66 46.55
CA GLY D 145 -58.41 -12.73 45.52
C GLY D 145 -57.36 -11.79 46.08
N LEU D 146 -56.61 -11.13 45.20
CA LEU D 146 -55.51 -10.24 45.62
C LEU D 146 -56.02 -9.06 46.41
N THR D 147 -56.89 -8.28 45.79
CA THR D 147 -57.41 -7.07 46.41
C THR D 147 -58.02 -7.37 47.79
N ARG D 148 -58.82 -8.42 47.86
CA ARG D 148 -59.48 -8.84 49.11
C ARG D 148 -58.44 -9.23 50.17
N ALA D 149 -57.43 -9.99 49.75
CA ALA D 149 -56.37 -10.43 50.67
C ALA D 149 -55.69 -9.22 51.27
N PHE D 150 -55.45 -8.20 50.45
CA PHE D 150 -54.89 -6.94 50.93
C PHE D 150 -55.83 -6.26 51.94
N GLU D 151 -57.13 -6.24 51.65
CA GLU D 151 -58.12 -5.66 52.59
C GLU D 151 -57.95 -6.28 53.98
N MET D 152 -57.97 -7.62 53.98
CA MET D 152 -58.02 -8.41 55.21
C MET D 152 -56.79 -8.29 56.13
N VAL D 153 -55.64 -7.92 55.57
CA VAL D 153 -54.46 -7.62 56.40
C VAL D 153 -54.51 -6.17 56.86
N TRP D 154 -55.10 -5.31 56.03
CA TRP D 154 -55.21 -3.90 56.39
C TRP D 154 -56.26 -3.69 57.50
N GLU D 155 -57.26 -4.57 57.58
CA GLU D 155 -58.24 -4.55 58.67
C GLU D 155 -57.71 -4.89 60.07
N LEU D 156 -56.56 -5.58 60.15
CA LEU D 156 -56.10 -6.20 61.39
C LEU D 156 -56.00 -5.25 62.56
N SER E 30 1.97 -40.20 -11.68
CA SER E 30 3.39 -39.84 -11.90
C SER E 30 4.29 -41.07 -12.12
N ASN E 31 3.70 -42.16 -12.60
CA ASN E 31 4.34 -43.49 -12.66
C ASN E 31 5.51 -43.60 -13.66
N ILE E 32 5.24 -43.37 -14.95
CA ILE E 32 6.14 -43.81 -16.03
C ILE E 32 7.37 -42.87 -16.26
N ALA E 33 7.69 -42.00 -15.29
CA ALA E 33 8.97 -41.26 -15.28
C ALA E 33 9.32 -40.67 -13.90
N GLN E 34 10.45 -39.95 -13.83
CA GLN E 34 10.80 -39.09 -12.67
C GLN E 34 10.45 -37.63 -12.99
N TYR E 35 10.10 -36.85 -11.96
CA TYR E 35 9.80 -35.43 -12.14
C TYR E 35 10.44 -34.59 -11.05
N LYS E 36 11.17 -33.55 -11.44
CA LYS E 36 11.82 -32.65 -10.50
C LYS E 36 10.83 -31.60 -10.02
N VAL E 37 10.51 -31.63 -8.73
CA VAL E 37 9.62 -30.64 -8.15
C VAL E 37 10.41 -29.57 -7.41
N ILE E 38 9.87 -28.36 -7.41
CA ILE E 38 10.52 -27.16 -6.86
C ILE E 38 9.45 -26.23 -6.26
N ASP E 39 9.66 -25.83 -5.02
CA ASP E 39 8.64 -25.07 -4.29
C ASP E 39 9.03 -23.62 -4.07
N HIS E 40 8.05 -22.75 -4.09
CA HIS E 40 8.25 -21.33 -3.94
C HIS E 40 7.31 -20.77 -2.90
N ALA E 41 7.66 -19.62 -2.34
CA ALA E 41 6.74 -18.90 -1.45
C ALA E 41 6.52 -17.45 -1.88
N TYR E 42 5.28 -17.13 -2.25
CA TYR E 42 4.89 -15.78 -2.58
C TYR E 42 3.56 -15.43 -1.91
N ASP E 43 3.27 -14.13 -1.86
CA ASP E 43 2.05 -13.61 -1.26
C ASP E 43 0.89 -13.82 -2.17
N VAL E 44 1.11 -13.43 -3.43
CA VAL E 44 0.14 -13.63 -4.49
C VAL E 44 0.88 -14.14 -5.71
N VAL E 45 0.25 -15.09 -6.39
CA VAL E 45 0.71 -15.56 -7.69
C VAL E 45 -0.35 -15.17 -8.69
N ILE E 46 0.08 -14.49 -9.75
CA ILE E 46 -0.80 -14.07 -10.82
C ILE E 46 -0.56 -14.97 -12.01
N ILE E 47 -1.57 -15.75 -12.38
CA ILE E 47 -1.48 -16.60 -13.55
C ILE E 47 -1.94 -15.78 -14.73
N GLY E 48 -0.99 -15.16 -15.43
CA GLY E 48 -1.28 -14.34 -16.60
C GLY E 48 -0.45 -13.09 -16.70
N ALA E 49 0.06 -12.80 -17.88
CA ALA E 49 0.85 -11.60 -18.08
C ALA E 49 0.31 -10.78 -19.27
N GLY E 50 -1.00 -10.89 -19.49
CA GLY E 50 -1.71 -10.05 -20.44
C GLY E 50 -2.13 -8.77 -19.76
N GLY E 51 -2.93 -7.96 -20.42
CA GLY E 51 -3.48 -6.73 -19.83
C GLY E 51 -3.80 -6.81 -18.35
N ALA E 52 -4.72 -7.72 -17.98
CA ALA E 52 -5.23 -7.80 -16.62
C ALA E 52 -4.19 -8.30 -15.63
N GLY E 53 -3.56 -9.43 -15.94
CA GLY E 53 -2.51 -9.94 -15.06
C GLY E 53 -1.49 -8.90 -14.68
N LEU E 54 -1.08 -8.08 -15.65
CA LEU E 54 -0.02 -7.11 -15.45
C LEU E 54 -0.50 -5.90 -14.66
N ARG E 55 -1.73 -5.48 -14.88
CA ARG E 55 -2.20 -4.30 -14.16
C ARG E 55 -2.29 -4.65 -12.69
N ALA E 56 -2.75 -5.87 -12.42
CA ALA E 56 -2.75 -6.43 -11.09
C ALA E 56 -1.32 -6.50 -10.54
N ALA E 57 -0.38 -6.93 -11.35
CA ALA E 57 0.99 -7.07 -10.88
C ALA E 57 1.55 -5.72 -10.45
N MET E 58 1.21 -4.67 -11.18
CA MET E 58 1.69 -3.34 -10.85
C MET E 58 1.08 -2.94 -9.53
N GLY E 59 -0.25 -2.99 -9.44
CA GLY E 59 -0.92 -2.71 -8.19
C GLY E 59 -0.24 -3.41 -7.01
N LEU E 60 -0.11 -4.72 -7.12
CA LEU E 60 0.39 -5.53 -6.01
C LEU E 60 1.85 -5.29 -5.59
N GLY E 61 2.64 -4.73 -6.50
CA GLY E 61 4.04 -4.45 -6.20
C GLY E 61 4.19 -3.16 -5.39
N GLU E 62 3.62 -2.06 -5.92
CA GLU E 62 3.56 -0.79 -5.20
C GLU E 62 2.96 -1.04 -3.83
N ALA E 63 1.78 -1.66 -3.82
CA ALA E 63 1.07 -2.02 -2.56
C ALA E 63 2.00 -2.68 -1.54
N GLY E 64 3.00 -3.41 -2.05
CA GLY E 64 4.09 -3.90 -1.22
C GLY E 64 4.43 -5.36 -1.37
N PHE E 65 3.58 -6.12 -2.04
CA PHE E 65 3.66 -7.58 -1.99
C PHE E 65 4.78 -8.24 -2.79
N LYS E 66 5.11 -9.46 -2.35
CA LYS E 66 5.99 -10.37 -3.08
C LYS E 66 5.11 -11.14 -4.08
N THR E 67 5.21 -10.74 -5.33
CA THR E 67 4.29 -11.13 -6.37
C THR E 67 4.99 -11.94 -7.42
N ALA E 68 4.38 -13.04 -7.83
CA ALA E 68 4.99 -13.92 -8.83
C ALA E 68 4.08 -14.04 -10.06
N VAL E 69 4.63 -13.77 -11.25
CA VAL E 69 3.86 -13.80 -12.49
C VAL E 69 4.20 -15.02 -13.34
N VAL E 70 3.29 -15.98 -13.33
CA VAL E 70 3.40 -17.20 -14.11
C VAL E 70 2.69 -17.01 -15.45
N THR E 71 3.45 -17.04 -16.54
CA THR E 71 2.88 -17.00 -17.89
C THR E 71 3.54 -18.04 -18.81
N LYS E 72 2.73 -18.56 -19.74
CA LYS E 72 3.18 -19.59 -20.68
C LYS E 72 3.76 -18.93 -21.93
N MET E 73 4.14 -17.67 -21.81
CA MET E 73 4.76 -16.93 -22.91
C MET E 73 5.17 -15.53 -22.45
N PHE E 74 6.13 -14.94 -23.14
CA PHE E 74 6.61 -13.64 -22.77
C PHE E 74 5.42 -12.70 -22.77
N PRO E 75 5.28 -11.88 -21.72
CA PRO E 75 4.05 -11.09 -21.54
C PRO E 75 3.56 -10.38 -22.79
N THR E 76 4.49 -9.75 -23.50
CA THR E 76 4.20 -8.96 -24.68
C THR E 76 3.43 -9.73 -25.77
N ARG E 77 3.61 -11.05 -25.83
CA ARG E 77 2.94 -11.91 -26.84
C ARG E 77 1.48 -12.14 -26.49
N SER E 78 1.13 -11.88 -25.23
CA SER E 78 -0.21 -12.10 -24.73
C SER E 78 -1.18 -11.46 -25.68
N HIS E 79 -2.36 -12.04 -25.75
CA HIS E 79 -3.28 -11.62 -26.79
C HIS E 79 -3.62 -10.12 -26.79
N THR E 80 -3.79 -9.55 -25.60
CA THR E 80 -4.04 -8.12 -25.44
C THR E 80 -3.22 -7.27 -26.43
N THR E 81 -2.05 -7.76 -26.86
CA THR E 81 -1.20 -7.04 -27.81
C THR E 81 -1.82 -6.97 -29.23
N ALA E 82 -2.69 -7.91 -29.58
CA ALA E 82 -3.34 -7.95 -30.91
C ALA E 82 -4.58 -7.05 -30.99
N ALA E 83 -4.89 -6.35 -29.91
CA ALA E 83 -6.07 -5.48 -29.88
C ALA E 83 -5.82 -4.22 -30.71
N GLN E 84 -6.91 -3.68 -31.25
CA GLN E 84 -6.83 -2.59 -32.21
C GLN E 84 -7.63 -1.34 -31.83
N GLY E 85 -8.96 -1.44 -31.90
CA GLY E 85 -9.83 -0.27 -31.92
C GLY E 85 -9.76 0.71 -30.76
N GLY E 86 -9.58 0.21 -29.54
CA GLY E 86 -9.44 1.10 -28.40
C GLY E 86 -9.98 0.67 -27.05
N ILE E 87 -10.06 1.65 -26.17
CA ILE E 87 -10.44 1.45 -24.79
C ILE E 87 -11.40 2.60 -24.37
N ASN E 88 -12.56 2.22 -23.83
CA ASN E 88 -13.64 3.18 -23.55
C ASN E 88 -13.45 3.90 -22.22
N ALA E 89 -13.50 5.23 -22.29
CA ALA E 89 -13.53 6.09 -21.10
C ALA E 89 -14.23 7.37 -21.53
N ALA E 90 -15.14 7.88 -20.72
CA ALA E 90 -15.85 9.09 -21.09
C ALA E 90 -14.98 10.32 -20.82
N LEU E 91 -13.86 10.41 -21.53
CA LEU E 91 -12.88 11.49 -21.32
C LEU E 91 -13.44 12.80 -21.82
N GLY E 92 -14.28 12.73 -22.85
CA GLY E 92 -14.94 13.90 -23.36
C GLY E 92 -14.02 14.75 -24.19
N SER E 93 -13.04 14.10 -24.80
CA SER E 93 -12.09 14.79 -25.67
C SER E 93 -12.68 15.22 -27.00
N MET E 94 -13.81 14.63 -27.42
CA MET E 94 -14.46 14.98 -28.70
C MET E 94 -15.82 15.71 -28.53
N ASN E 95 -16.43 15.55 -27.35
CA ASN E 95 -17.70 16.21 -26.99
C ASN E 95 -17.88 15.99 -25.49
N PRO E 96 -18.78 16.72 -24.84
CA PRO E 96 -19.09 16.37 -23.44
C PRO E 96 -19.58 14.92 -23.34
N ASP E 97 -19.36 14.30 -22.19
CA ASP E 97 -19.72 12.91 -21.99
C ASP E 97 -20.02 12.68 -20.53
N ASP E 98 -20.64 11.56 -20.24
CA ASP E 98 -20.89 11.16 -18.87
C ASP E 98 -20.73 9.65 -18.78
N TRP E 99 -19.87 9.22 -17.86
CA TRP E 99 -19.70 7.80 -17.61
C TRP E 99 -21.03 7.07 -17.37
N LYS E 100 -22.00 7.73 -16.75
CA LYS E 100 -23.34 7.15 -16.64
C LYS E 100 -23.90 6.80 -18.03
N TRP E 101 -23.58 7.61 -19.04
CA TRP E 101 -23.99 7.31 -20.43
C TRP E 101 -23.29 6.06 -20.91
N HIS E 102 -22.06 5.90 -20.45
CA HIS E 102 -21.26 4.67 -20.65
C HIS E 102 -21.81 3.48 -19.88
N PHE E 103 -22.21 3.71 -18.62
CA PHE E 103 -22.94 2.70 -17.84
C PHE E 103 -24.15 2.21 -18.61
N TYR E 104 -24.99 3.15 -19.01
CA TYR E 104 -26.23 2.84 -19.71
C TYR E 104 -25.99 1.96 -20.92
N ASP E 105 -25.04 2.38 -21.75
CA ASP E 105 -24.72 1.66 -22.99
C ASP E 105 -24.20 0.25 -22.76
N THR E 106 -23.33 0.16 -21.76
CA THR E 106 -22.77 -1.10 -21.30
C THR E 106 -23.88 -2.03 -20.85
N VAL E 107 -24.86 -1.49 -20.12
CA VAL E 107 -25.93 -2.33 -19.58
C VAL E 107 -26.90 -2.76 -20.66
N LYS E 108 -27.27 -1.84 -21.54
CA LYS E 108 -28.17 -2.18 -22.63
C LYS E 108 -27.51 -3.23 -23.51
N GLY E 109 -26.19 -3.08 -23.71
CA GLY E 109 -25.42 -4.04 -24.51
C GLY E 109 -25.46 -5.47 -23.96
N SER E 110 -25.48 -5.61 -22.64
CA SER E 110 -25.50 -6.93 -22.03
C SER E 110 -26.83 -7.68 -22.20
N ASP E 111 -27.81 -7.03 -22.85
CA ASP E 111 -29.18 -7.53 -22.94
C ASP E 111 -29.74 -7.92 -21.56
N TRP E 112 -29.25 -7.21 -20.53
CA TRP E 112 -29.61 -7.37 -19.11
C TRP E 112 -29.30 -8.73 -18.49
N LEU E 113 -28.33 -9.44 -19.05
CA LEU E 113 -27.71 -10.55 -18.36
C LEU E 113 -26.55 -10.04 -17.52
N GLY E 114 -26.01 -8.89 -17.87
CA GLY E 114 -24.92 -8.28 -17.12
C GLY E 114 -25.33 -7.94 -15.69
N ASP E 115 -24.40 -8.12 -14.76
CA ASP E 115 -24.59 -7.72 -13.37
C ASP E 115 -24.30 -6.22 -13.27
N GLN E 116 -25.27 -5.46 -12.74
CA GLN E 116 -25.21 -4.00 -12.80
C GLN E 116 -24.22 -3.40 -11.81
N ASN E 117 -23.99 -4.11 -10.72
CA ASN E 117 -22.95 -3.74 -9.78
C ASN E 117 -21.55 -3.71 -10.39
N ALA E 118 -21.27 -4.68 -11.26
CA ALA E 118 -19.94 -4.78 -11.83
C ALA E 118 -19.81 -3.83 -13.02
N MET E 119 -20.89 -3.70 -13.79
CA MET E 119 -20.92 -2.72 -14.89
C MET E 119 -20.84 -1.28 -14.37
N HIS E 120 -21.30 -1.07 -13.14
CA HIS E 120 -21.12 0.21 -12.47
C HIS E 120 -19.64 0.38 -12.14
N TYR E 121 -19.05 -0.60 -11.45
CA TYR E 121 -17.64 -0.53 -11.07
C TYR E 121 -16.79 -0.18 -12.28
N LEU E 122 -17.08 -0.80 -13.40
CA LEU E 122 -16.31 -0.63 -14.63
C LEU E 122 -16.36 0.82 -15.15
N THR E 123 -17.57 1.34 -15.31
CA THR E 123 -17.80 2.57 -16.04
C THR E 123 -17.35 3.80 -15.23
N ARG E 124 -17.62 3.77 -13.92
CA ARG E 124 -17.20 4.86 -13.04
C ARG E 124 -15.67 5.01 -13.13
N ASN E 125 -14.97 3.92 -12.77
CA ASN E 125 -13.51 3.86 -12.75
C ASN E 125 -12.82 3.98 -14.11
N ALA E 126 -13.58 3.95 -15.21
CA ALA E 126 -13.00 3.95 -16.57
C ALA E 126 -12.15 5.16 -16.91
N VAL E 127 -12.62 6.35 -16.54
CA VAL E 127 -11.94 7.63 -16.86
C VAL E 127 -10.59 7.76 -16.17
N GLU E 128 -10.61 7.44 -14.87
CA GLU E 128 -9.42 7.41 -14.07
C GLU E 128 -8.47 6.33 -14.54
N ALA E 129 -9.00 5.14 -14.82
CA ALA E 129 -8.17 4.00 -15.22
C ALA E 129 -7.44 4.26 -16.53
N VAL E 130 -8.15 4.85 -17.50
CA VAL E 130 -7.57 5.18 -18.80
C VAL E 130 -6.62 6.35 -18.67
N THR E 131 -6.91 7.27 -17.76
CA THR E 131 -5.97 8.34 -17.51
C THR E 131 -4.65 7.76 -16.99
N GLU E 132 -4.71 6.94 -15.96
CA GLU E 132 -3.53 6.24 -15.46
C GLU E 132 -2.64 5.73 -16.59
N LEU E 133 -3.23 5.07 -17.59
CA LEU E 133 -2.46 4.49 -18.70
C LEU E 133 -1.63 5.56 -19.39
N GLU E 134 -2.30 6.63 -19.81
CA GLU E 134 -1.59 7.75 -20.40
C GLU E 134 -0.42 8.12 -19.47
N ASN E 135 -0.69 8.20 -18.17
CA ASN E 135 0.32 8.58 -17.20
C ASN E 135 1.46 7.57 -17.02
N PHE E 136 1.18 6.30 -17.27
CA PHE E 136 2.24 5.28 -17.31
C PHE E 136 3.10 5.44 -18.55
N GLY E 137 2.61 6.24 -19.52
CA GLY E 137 3.33 6.56 -20.73
C GLY E 137 2.73 6.00 -22.01
N MET E 138 1.54 5.42 -21.92
CA MET E 138 0.86 4.91 -23.11
C MET E 138 0.67 6.09 -24.05
N PRO E 139 1.19 5.96 -25.29
CA PRO E 139 1.30 7.06 -26.24
C PRO E 139 0.08 7.28 -27.11
N PHE E 140 -1.02 7.67 -26.49
CA PHE E 140 -2.27 7.84 -27.23
C PHE E 140 -2.15 8.84 -28.37
N SER E 141 -2.93 8.59 -29.42
CA SER E 141 -3.19 9.57 -30.46
C SER E 141 -3.78 10.80 -29.81
N ARG E 142 -3.65 11.96 -30.48
CA ARG E 142 -3.98 13.23 -29.81
C ARG E 142 -4.90 14.16 -30.59
N THR E 143 -5.69 14.93 -29.85
CA THR E 143 -6.59 15.94 -30.42
C THR E 143 -5.84 17.25 -30.62
N PRO E 144 -6.26 18.07 -31.59
CA PRO E 144 -5.64 19.39 -31.73
C PRO E 144 -5.52 20.14 -30.40
N GLU E 145 -6.53 20.03 -29.53
CA GLU E 145 -6.44 20.58 -28.18
C GLU E 145 -5.30 19.99 -27.31
N GLY E 146 -4.75 18.83 -27.70
CA GLY E 146 -3.68 18.14 -26.96
C GLY E 146 -4.12 16.95 -26.10
N LYS E 147 -5.43 16.72 -25.99
CA LYS E 147 -5.97 15.61 -25.19
C LYS E 147 -6.04 14.30 -25.99
N ILE E 148 -6.54 13.24 -25.35
CA ILE E 148 -6.57 11.91 -25.95
C ILE E 148 -7.62 11.79 -27.05
N TYR E 149 -7.24 11.21 -28.20
CA TYR E 149 -8.18 11.06 -29.32
C TYR E 149 -9.13 9.91 -29.07
N GLN E 150 -10.40 10.14 -29.31
CA GLN E 150 -11.40 9.09 -29.17
C GLN E 150 -12.16 8.93 -30.48
N ARG E 151 -12.42 7.67 -30.84
CA ARG E 151 -13.20 7.38 -32.02
C ARG E 151 -14.53 6.77 -31.60
N SER E 152 -15.39 6.60 -32.59
CA SER E 152 -16.67 5.92 -32.42
C SER E 152 -16.55 4.41 -32.67
N PHE E 153 -17.53 3.68 -32.16
CA PHE E 153 -17.45 2.24 -32.10
C PHE E 153 -18.88 1.68 -32.11
N GLY E 154 -19.02 0.38 -31.91
CA GLY E 154 -20.31 -0.26 -31.93
C GLY E 154 -20.97 -0.24 -30.57
N GLY E 155 -22.23 0.22 -30.58
CA GLY E 155 -23.12 0.14 -29.44
C GLY E 155 -23.00 1.19 -28.35
N GLN E 156 -22.63 2.43 -28.69
CA GLN E 156 -22.52 3.49 -27.69
C GLN E 156 -23.21 4.79 -28.10
N SER E 157 -23.72 5.49 -27.08
CA SER E 157 -24.63 6.62 -27.26
C SER E 157 -24.52 7.66 -26.14
N ASN E 158 -24.46 8.93 -26.53
CA ASN E 158 -24.59 10.02 -25.55
C ASN E 158 -26.05 10.21 -25.13
N ASN E 159 -26.24 10.84 -23.97
CA ASN E 159 -27.56 11.08 -23.39
C ASN E 159 -28.48 9.83 -23.27
N TYR E 160 -27.96 8.79 -22.63
CA TYR E 160 -28.75 7.60 -22.27
C TYR E 160 -29.54 7.01 -23.45
N GLY E 161 -28.95 6.98 -24.64
CA GLY E 161 -29.64 6.45 -25.81
C GLY E 161 -30.23 7.50 -26.72
N LYS E 162 -30.75 8.59 -26.17
CA LYS E 162 -31.40 9.60 -27.03
C LYS E 162 -30.44 10.63 -27.68
N GLY E 163 -29.18 10.65 -27.25
CA GLY E 163 -28.18 11.55 -27.84
C GLY E 163 -27.71 11.09 -29.21
N GLY E 164 -26.47 11.42 -29.57
CA GLY E 164 -25.89 10.97 -30.84
C GLY E 164 -25.20 9.63 -30.76
N VAL E 165 -24.31 9.38 -31.72
CA VAL E 165 -23.44 8.21 -31.69
C VAL E 165 -22.21 8.59 -30.89
N ALA E 166 -21.95 7.91 -29.76
CA ALA E 166 -20.88 8.35 -28.85
C ALA E 166 -19.45 8.34 -29.41
N LYS E 167 -18.58 9.14 -28.78
CA LYS E 167 -17.13 9.06 -29.01
C LYS E 167 -16.40 8.97 -27.66
N ARG E 168 -16.17 7.71 -27.24
CA ARG E 168 -15.51 7.36 -25.98
C ARG E 168 -14.26 6.53 -26.18
N THR E 169 -14.10 5.97 -27.37
CA THR E 169 -13.15 4.89 -27.60
C THR E 169 -11.76 5.44 -27.84
N CYS E 170 -11.03 5.63 -26.74
CA CYS E 170 -9.68 6.14 -26.79
C CYS E 170 -8.78 5.15 -27.52
N CYS E 171 -8.02 5.62 -28.49
CA CYS E 171 -7.13 4.74 -29.24
C CYS E 171 -5.76 5.28 -29.51
N VAL E 172 -4.79 4.39 -29.60
CA VAL E 172 -3.54 4.67 -30.25
C VAL E 172 -3.72 4.31 -31.71
N ALA E 173 -4.46 5.10 -32.43
CA ALA E 173 -4.65 4.75 -33.80
C ALA E 173 -5.13 3.37 -33.75
N ASP E 174 -4.50 2.54 -34.53
CA ASP E 174 -4.99 1.23 -34.85
C ASP E 174 -4.53 0.08 -33.99
N ARG E 175 -3.69 0.34 -32.99
CA ARG E 175 -2.82 -0.65 -32.37
C ARG E 175 -2.97 -0.57 -30.85
N THR E 176 -4.16 -0.29 -30.37
CA THR E 176 -4.29 0.20 -29.02
C THR E 176 -3.84 -0.83 -27.99
N GLY E 177 -4.12 -2.10 -28.25
CA GLY E 177 -3.70 -3.16 -27.34
C GLY E 177 -2.21 -3.45 -27.34
N HIS E 178 -1.57 -3.20 -28.48
CA HIS E 178 -0.13 -3.30 -28.57
C HIS E 178 0.49 -2.31 -27.62
N SER E 179 0.09 -1.04 -27.74
CA SER E 179 0.70 -0.01 -26.90
C SER E 179 0.22 -0.07 -25.44
N MET E 180 -0.96 -0.64 -25.19
CA MET E 180 -1.38 -0.80 -23.81
C MET E 180 -0.54 -1.85 -23.10
N LEU E 181 -0.33 -3.00 -23.74
CA LEU E 181 0.40 -4.09 -23.08
C LEU E 181 1.88 -3.81 -22.94
N HIS E 182 2.46 -3.09 -23.90
CA HIS E 182 3.88 -2.74 -23.83
C HIS E 182 4.11 -1.71 -22.71
N THR E 183 3.17 -0.77 -22.60
CA THR E 183 3.18 0.19 -21.53
C THR E 183 3.06 -0.57 -20.24
N LEU E 184 2.01 -1.36 -20.11
CA LEU E 184 1.76 -2.12 -18.89
C LEU E 184 2.96 -2.98 -18.49
N TYR E 185 3.54 -3.68 -19.47
CA TYR E 185 4.68 -4.57 -19.18
C TYR E 185 5.88 -3.74 -18.76
N GLY E 186 6.28 -2.80 -19.62
CA GLY E 186 7.37 -1.88 -19.35
C GLY E 186 7.31 -1.33 -17.93
N ASN E 187 6.13 -0.86 -17.54
CA ASN E 187 5.89 -0.33 -16.19
C ASN E 187 5.95 -1.40 -15.11
N SER E 188 5.75 -2.66 -15.49
CA SER E 188 5.80 -3.73 -14.51
C SER E 188 7.23 -4.12 -14.16
N LEU E 189 8.20 -3.55 -14.87
CA LEU E 189 9.60 -3.81 -14.56
C LEU E 189 10.08 -2.91 -13.43
N ARG E 190 9.27 -1.91 -13.09
CA ARG E 190 9.49 -1.07 -11.90
C ARG E 190 8.94 -1.66 -10.56
N CYS E 191 7.82 -2.41 -10.59
CA CYS E 191 7.19 -2.93 -9.32
C CYS E 191 7.93 -4.08 -8.60
N HIS E 192 9.11 -4.49 -9.05
CA HIS E 192 9.85 -5.61 -8.42
C HIS E 192 9.10 -6.97 -8.44
N CYS E 193 8.02 -7.04 -9.20
CA CYS E 193 7.31 -8.28 -9.41
C CYS E 193 8.27 -9.30 -10.05
N THR E 194 8.20 -10.57 -9.65
CA THR E 194 9.12 -11.63 -10.16
C THR E 194 8.47 -12.61 -11.18
N PHE E 195 9.12 -12.75 -12.34
CA PHE E 195 8.52 -13.27 -13.57
C PHE E 195 8.89 -14.70 -13.92
N PHE E 196 7.86 -15.55 -14.05
CA PHE E 196 8.03 -16.94 -14.46
C PHE E 196 7.45 -17.09 -15.87
N ILE E 197 8.35 -16.90 -16.83
CA ILE E 197 8.04 -16.78 -18.25
C ILE E 197 8.28 -18.11 -18.96
N GLU E 198 7.34 -18.46 -19.84
CA GLU E 198 7.23 -19.81 -20.40
C GLU E 198 7.23 -20.87 -19.30
N TYR E 199 6.25 -20.71 -18.42
CA TYR E 199 5.88 -21.68 -17.42
C TYR E 199 4.41 -21.98 -17.67
N PHE E 200 4.08 -23.25 -17.92
CA PHE E 200 2.72 -23.64 -18.22
C PHE E 200 2.07 -24.14 -16.94
N ALA E 201 0.92 -23.59 -16.59
CA ALA E 201 0.22 -23.96 -15.34
C ALA E 201 -0.74 -25.12 -15.52
N LEU E 202 -0.64 -26.07 -14.60
CA LEU E 202 -1.35 -27.34 -14.71
C LEU E 202 -2.66 -27.32 -13.96
N ASP E 203 -2.60 -26.87 -12.71
CA ASP E 203 -3.76 -26.87 -11.80
C ASP E 203 -3.57 -25.85 -10.67
N LEU E 204 -4.70 -25.43 -10.07
CA LEU E 204 -4.69 -24.65 -8.84
C LEU E 204 -4.40 -25.59 -7.66
N LEU E 205 -3.58 -25.11 -6.72
CA LEU E 205 -3.32 -25.86 -5.50
C LEU E 205 -4.43 -25.52 -4.49
N MET E 206 -5.24 -26.54 -4.19
CA MET E 206 -6.42 -26.42 -3.33
C MET E 206 -6.28 -27.27 -2.07
N ASP E 207 -6.66 -26.69 -0.93
CA ASP E 207 -6.64 -27.40 0.34
C ASP E 207 -7.97 -27.23 1.08
N LYS E 208 -8.90 -28.15 0.82
CA LYS E 208 -10.25 -28.16 1.41
C LYS E 208 -11.08 -26.88 1.14
N GLY E 209 -11.06 -26.42 -0.12
CA GLY E 209 -11.91 -25.30 -0.56
C GLY E 209 -11.21 -23.96 -0.67
N ARG E 210 -9.98 -23.87 -0.18
CA ARG E 210 -9.19 -22.63 -0.24
C ARG E 210 -7.97 -22.81 -1.17
N CYS E 211 -7.74 -21.84 -2.07
CA CYS E 211 -6.64 -21.93 -3.04
C CYS E 211 -5.32 -21.39 -2.51
N VAL E 212 -4.38 -22.31 -2.27
CA VAL E 212 -3.10 -21.98 -1.65
C VAL E 212 -1.96 -21.87 -2.66
N GLY E 213 -2.28 -21.87 -3.95
CA GLY E 213 -1.24 -21.78 -4.96
C GLY E 213 -1.53 -22.37 -6.32
N VAL E 214 -0.43 -22.62 -7.05
CA VAL E 214 -0.44 -23.04 -8.45
C VAL E 214 0.72 -24.02 -8.69
N ILE E 215 0.45 -25.06 -9.47
CA ILE E 215 1.52 -25.93 -9.94
C ILE E 215 1.71 -25.75 -11.46
N ALA E 216 2.96 -25.76 -11.90
CA ALA E 216 3.25 -25.47 -13.30
C ALA E 216 4.48 -26.19 -13.79
N LEU E 217 4.52 -26.46 -15.09
CA LEU E 217 5.68 -27.03 -15.76
C LEU E 217 6.52 -25.91 -16.38
N CYS E 218 7.79 -25.86 -15.99
CA CYS E 218 8.73 -24.91 -16.57
C CYS E 218 9.32 -25.44 -17.88
N LEU E 219 9.07 -24.77 -19.00
CA LEU E 219 9.44 -25.31 -20.31
C LEU E 219 10.94 -25.29 -20.62
N GLU E 220 11.65 -24.31 -20.05
CA GLU E 220 13.06 -24.16 -20.37
C GLU E 220 13.86 -25.40 -20.02
N ASP E 221 13.51 -26.05 -18.90
CA ASP E 221 14.27 -27.19 -18.37
C ASP E 221 13.47 -28.44 -17.97
N GLY E 222 12.15 -28.36 -18.02
CA GLY E 222 11.30 -29.50 -17.70
C GLY E 222 10.89 -29.65 -16.25
N THR E 223 11.39 -28.79 -15.37
CA THR E 223 11.03 -28.90 -13.95
C THR E 223 9.55 -28.59 -13.66
N ILE E 224 9.02 -29.21 -12.60
CA ILE E 224 7.66 -28.99 -12.11
C ILE E 224 7.69 -28.03 -10.89
N HIS E 225 6.94 -26.93 -10.95
CA HIS E 225 7.04 -25.88 -9.96
C HIS E 225 5.75 -25.70 -9.17
N ARG E 226 5.89 -25.52 -7.86
CA ARG E 226 4.74 -25.31 -6.99
C ARG E 226 4.89 -23.99 -6.24
N PHE E 227 3.93 -23.10 -6.47
CA PHE E 227 3.92 -21.79 -5.87
C PHE E 227 2.92 -21.79 -4.72
N ARG E 228 3.40 -21.53 -3.51
CA ARG E 228 2.53 -21.41 -2.36
C ARG E 228 2.17 -19.95 -2.22
N SER E 229 0.89 -19.66 -2.13
CA SER E 229 0.46 -18.27 -2.07
C SER E 229 -0.90 -18.03 -1.39
N LYS E 230 -0.87 -17.07 -0.46
CA LYS E 230 -2.06 -16.53 0.19
C LYS E 230 -3.15 -16.22 -0.83
N ARG E 231 -2.74 -15.67 -1.96
CA ARG E 231 -3.66 -15.33 -3.04
C ARG E 231 -3.23 -15.92 -4.37
N THR E 232 -4.14 -15.86 -5.33
CA THR E 232 -3.89 -16.40 -6.65
C THR E 232 -4.87 -15.73 -7.61
N ILE E 233 -4.36 -14.99 -8.59
CA ILE E 233 -5.22 -14.30 -9.56
C ILE E 233 -5.13 -14.97 -10.93
N VAL E 234 -6.25 -15.50 -11.40
CA VAL E 234 -6.32 -16.13 -12.71
C VAL E 234 -6.67 -15.07 -13.76
N ALA E 235 -5.75 -14.86 -14.71
CA ALA E 235 -5.88 -13.84 -15.74
C ALA E 235 -5.52 -14.39 -17.12
N THR E 236 -6.09 -15.55 -17.48
CA THR E 236 -5.61 -16.36 -18.62
C THR E 236 -6.19 -16.04 -20.00
N GLY E 237 -7.25 -15.25 -20.09
CA GLY E 237 -7.87 -14.95 -21.37
C GLY E 237 -8.81 -16.05 -21.87
N GLY E 238 -9.31 -15.85 -23.08
CA GLY E 238 -10.38 -16.69 -23.62
C GLY E 238 -10.01 -18.04 -24.21
N TYR E 239 -10.99 -18.67 -24.85
CA TYR E 239 -10.86 -19.98 -25.52
C TYR E 239 -11.39 -19.90 -26.96
N GLY E 240 -10.98 -18.87 -27.68
CA GLY E 240 -11.34 -18.78 -29.09
C GLY E 240 -10.94 -20.01 -29.87
N ARG E 241 -9.83 -20.66 -29.50
CA ARG E 241 -9.33 -21.86 -30.21
C ARG E 241 -10.18 -23.10 -30.01
N ALA E 242 -11.30 -22.97 -29.30
CA ALA E 242 -12.33 -24.02 -29.29
C ALA E 242 -13.06 -24.09 -30.62
N TYR E 243 -12.98 -23.02 -31.39
CA TYR E 243 -13.68 -22.92 -32.66
C TYR E 243 -12.69 -23.20 -33.77
N PHE E 244 -13.21 -23.34 -34.98
CA PHE E 244 -12.37 -23.53 -36.15
C PHE E 244 -11.84 -22.16 -36.48
N SER E 245 -12.75 -21.24 -36.77
CA SER E 245 -12.39 -19.91 -37.18
C SER E 245 -12.64 -18.89 -36.08
N CYS E 246 -11.53 -18.31 -35.60
CA CYS E 246 -11.51 -17.30 -34.54
C CYS E 246 -10.47 -16.22 -34.83
N THR E 247 -10.63 -15.08 -34.18
CA THR E 247 -9.68 -13.96 -34.30
C THR E 247 -8.52 -14.10 -33.31
N THR E 248 -8.70 -14.97 -32.32
CA THR E 248 -7.79 -15.14 -31.19
C THR E 248 -6.47 -15.84 -31.51
N ALA E 249 -5.51 -15.74 -30.58
CA ALA E 249 -4.19 -16.37 -30.73
C ALA E 249 -4.23 -17.88 -30.48
N HIS E 250 -3.25 -18.62 -31.02
CA HIS E 250 -3.10 -20.04 -30.72
C HIS E 250 -3.03 -20.32 -29.22
N MET E 251 -2.72 -19.31 -28.44
CA MET E 251 -2.67 -19.47 -27.00
C MET E 251 -4.02 -19.41 -26.32
N ASN E 252 -5.00 -18.78 -26.95
CA ASN E 252 -6.34 -18.64 -26.35
C ASN E 252 -7.07 -20.00 -26.28
N THR E 253 -6.66 -20.82 -25.33
CA THR E 253 -7.16 -22.20 -25.20
C THR E 253 -8.00 -22.44 -23.94
N GLY E 254 -8.23 -21.39 -23.16
CA GLY E 254 -9.12 -21.47 -21.99
C GLY E 254 -8.58 -22.37 -20.92
N ASP E 255 -7.41 -22.02 -20.40
CA ASP E 255 -6.74 -22.81 -19.40
C ASP E 255 -7.13 -22.36 -17.97
N GLY E 256 -7.53 -21.10 -17.82
CA GLY E 256 -7.95 -20.61 -16.51
C GLY E 256 -9.26 -21.28 -16.15
N THR E 257 -10.21 -21.14 -17.06
CA THR E 257 -11.51 -21.78 -16.93
C THR E 257 -11.37 -23.28 -16.66
N ALA E 258 -10.46 -23.94 -17.39
CA ALA E 258 -10.17 -25.37 -17.16
C ALA E 258 -9.54 -25.62 -15.80
N LEU E 259 -8.55 -24.82 -15.43
CA LEU E 259 -7.97 -24.81 -14.09
C LEU E 259 -9.07 -24.74 -13.02
N ALA E 260 -10.08 -23.91 -13.28
CA ALA E 260 -11.19 -23.69 -12.36
C ALA E 260 -12.18 -24.86 -12.37
N THR E 261 -12.53 -25.34 -13.56
CA THR E 261 -13.40 -26.51 -13.67
C THR E 261 -12.75 -27.70 -12.97
N ARG E 262 -11.43 -27.75 -12.97
CA ARG E 262 -10.72 -28.80 -12.26
C ARG E 262 -10.73 -28.59 -10.75
N ALA E 263 -10.63 -27.36 -10.27
CA ALA E 263 -10.66 -27.11 -8.83
C ALA E 263 -12.08 -27.13 -8.24
N GLY E 264 -13.01 -27.80 -8.93
CA GLY E 264 -14.41 -27.93 -8.50
C GLY E 264 -15.35 -26.78 -8.86
N ILE E 265 -14.80 -25.65 -9.29
CA ILE E 265 -15.58 -24.42 -9.43
C ILE E 265 -16.37 -24.42 -10.73
N ALA E 266 -17.64 -24.06 -10.63
CA ALA E 266 -18.53 -24.02 -11.78
C ALA E 266 -18.40 -22.73 -12.59
N LEU E 267 -18.37 -22.86 -13.91
CA LEU E 267 -18.18 -21.74 -14.83
C LEU E 267 -19.49 -21.11 -15.31
N GLU E 268 -19.45 -19.81 -15.55
CA GLU E 268 -20.63 -19.02 -15.83
C GLU E 268 -20.74 -18.60 -17.30
N ASP E 269 -21.97 -18.66 -17.84
CA ASP E 269 -22.33 -18.04 -19.11
C ASP E 269 -21.51 -18.48 -20.35
N LEU E 270 -20.80 -19.59 -20.26
CA LEU E 270 -19.94 -20.02 -21.37
C LEU E 270 -20.61 -19.93 -22.74
N GLU E 271 -21.91 -20.22 -22.79
CA GLU E 271 -22.67 -20.21 -24.04
C GLU E 271 -22.54 -18.93 -24.83
N PHE E 272 -22.35 -17.82 -24.14
CA PHE E 272 -22.29 -16.51 -24.79
C PHE E 272 -20.91 -16.27 -25.41
N ILE E 273 -20.82 -16.63 -26.71
CA ILE E 273 -19.61 -16.49 -27.51
C ILE E 273 -19.83 -15.35 -28.48
N GLN E 274 -18.97 -14.35 -28.41
CA GLN E 274 -19.05 -13.17 -29.29
C GLN E 274 -18.39 -13.46 -30.64
N PHE E 275 -19.18 -13.25 -31.70
CA PHE E 275 -18.69 -13.27 -33.05
C PHE E 275 -18.49 -11.83 -33.48
N HIS E 276 -17.23 -11.45 -33.72
CA HIS E 276 -16.92 -10.12 -34.20
C HIS E 276 -17.41 -10.08 -35.64
N PRO E 277 -18.09 -8.99 -36.04
CA PRO E 277 -18.58 -8.84 -37.40
C PRO E 277 -17.52 -9.03 -38.48
N THR E 278 -16.36 -8.44 -38.29
CA THR E 278 -15.34 -8.36 -39.31
C THR E 278 -14.01 -9.03 -38.94
N GLY E 279 -14.00 -10.35 -39.05
CA GLY E 279 -12.75 -11.09 -39.25
C GLY E 279 -12.56 -11.24 -40.76
N ILE E 280 -11.32 -11.27 -41.23
CA ILE E 280 -11.01 -11.48 -42.65
C ILE E 280 -11.45 -12.88 -43.11
N TYR E 281 -11.96 -12.96 -44.33
CA TYR E 281 -12.70 -14.15 -44.80
C TYR E 281 -11.92 -15.49 -44.75
N GLY E 282 -10.81 -15.53 -45.46
CA GLY E 282 -10.00 -16.73 -45.50
C GLY E 282 -9.38 -17.10 -44.16
N VAL E 283 -9.01 -16.10 -43.35
CA VAL E 283 -8.09 -16.34 -42.23
C VAL E 283 -8.63 -16.14 -40.81
N GLY E 284 -9.42 -15.09 -40.60
CA GLY E 284 -9.90 -14.75 -39.26
C GLY E 284 -9.19 -13.55 -38.64
N CYS E 285 -8.19 -13.01 -39.31
CA CYS E 285 -7.51 -11.81 -38.83
C CYS E 285 -8.54 -10.74 -38.58
N LEU E 286 -8.52 -10.16 -37.39
CA LEU E 286 -9.48 -9.11 -37.08
C LEU E 286 -9.26 -7.86 -37.94
N ILE E 287 -10.35 -7.25 -38.38
CA ILE E 287 -10.32 -5.88 -38.87
C ILE E 287 -11.24 -5.09 -37.97
N THR E 288 -10.67 -4.13 -37.26
CA THR E 288 -11.34 -3.46 -36.14
C THR E 288 -12.72 -2.87 -36.41
N GLU E 289 -13.53 -2.81 -35.35
CA GLU E 289 -14.82 -2.10 -35.36
C GLU E 289 -14.52 -0.62 -35.68
N GLY E 290 -13.35 -0.17 -35.25
CA GLY E 290 -12.93 1.20 -35.51
C GLY E 290 -12.97 1.60 -36.97
N SER E 291 -12.78 0.66 -37.88
CA SER E 291 -12.84 0.99 -39.27
C SER E 291 -14.26 1.43 -39.64
N ARG E 292 -15.27 0.93 -38.94
CA ARG E 292 -16.66 1.31 -39.23
C ARG E 292 -16.99 2.61 -38.53
N GLY E 293 -16.49 2.76 -37.31
CA GLY E 293 -16.74 3.95 -36.52
C GLY E 293 -15.91 5.14 -36.95
N GLU E 294 -15.00 4.93 -37.90
CA GLU E 294 -14.33 6.02 -38.61
C GLU E 294 -15.08 6.39 -39.88
N GLY E 295 -16.08 5.59 -40.26
CA GLY E 295 -16.89 5.87 -41.44
C GLY E 295 -17.24 4.65 -42.29
N GLY E 296 -16.34 3.68 -42.33
CA GLY E 296 -16.51 2.47 -43.13
C GLY E 296 -17.81 1.75 -42.89
N PHE E 297 -18.20 0.91 -43.84
CA PHE E 297 -19.47 0.21 -43.76
C PHE E 297 -19.56 -1.08 -44.57
N LEU E 298 -20.48 -1.93 -44.14
CA LEU E 298 -20.67 -3.22 -44.75
C LEU E 298 -21.49 -3.08 -46.03
N VAL E 299 -21.16 -3.89 -47.03
CA VAL E 299 -21.82 -3.90 -48.34
C VAL E 299 -22.05 -5.34 -48.76
N ASN E 300 -23.14 -5.60 -49.50
CA ASN E 300 -23.47 -6.96 -50.03
C ASN E 300 -23.39 -7.04 -51.56
N SER E 301 -23.83 -8.15 -52.15
CA SER E 301 -23.71 -8.34 -53.60
C SER E 301 -24.61 -7.41 -54.43
N GLU E 302 -25.71 -6.91 -53.86
CA GLU E 302 -26.55 -5.92 -54.56
C GLU E 302 -25.93 -4.52 -54.45
N GLY E 303 -24.84 -4.41 -53.70
CA GLY E 303 -24.17 -3.13 -53.51
C GLY E 303 -24.89 -2.31 -52.47
N GLU E 304 -25.74 -2.96 -51.67
CA GLU E 304 -26.54 -2.28 -50.66
C GLU E 304 -25.79 -2.16 -49.34
N ARG E 305 -25.79 -0.96 -48.76
CA ARG E 305 -25.34 -0.79 -47.38
C ARG E 305 -26.47 -1.28 -46.46
N PHE E 306 -26.57 -2.61 -46.36
CA PHE E 306 -27.72 -3.29 -45.74
C PHE E 306 -27.95 -2.94 -44.27
N MET E 307 -26.92 -2.47 -43.56
CA MET E 307 -27.10 -2.18 -42.14
C MET E 307 -28.04 -0.99 -41.90
N GLU E 308 -28.25 -0.16 -42.92
CA GLU E 308 -29.31 0.86 -42.90
C GLU E 308 -30.73 0.26 -42.72
N ARG E 309 -30.93 -1.01 -43.12
CA ARG E 309 -32.19 -1.76 -42.88
C ARG E 309 -32.31 -2.44 -41.51
N TYR E 310 -31.36 -3.31 -41.20
CA TYR E 310 -31.40 -4.07 -39.93
C TYR E 310 -31.29 -3.18 -38.70
N ALA E 311 -30.76 -1.97 -38.87
CA ALA E 311 -30.63 -1.03 -37.76
C ALA E 311 -30.60 0.42 -38.29
N PRO E 312 -31.78 0.99 -38.55
CA PRO E 312 -31.87 2.28 -39.26
C PRO E 312 -31.26 3.49 -38.51
N LYS E 313 -31.14 3.37 -37.19
CA LYS E 313 -30.66 4.46 -36.34
C LYS E 313 -29.15 4.39 -36.10
N ALA E 314 -28.66 3.26 -35.61
CA ALA E 314 -27.22 3.10 -35.31
C ALA E 314 -26.44 2.52 -36.48
N LYS E 315 -27.13 2.04 -37.51
CA LYS E 315 -26.51 1.55 -38.76
C LYS E 315 -25.35 0.56 -38.54
N ASP E 316 -24.18 0.81 -39.14
CA ASP E 316 -23.07 -0.14 -39.02
C ASP E 316 -22.36 -0.06 -37.65
N LEU E 317 -22.82 0.81 -36.77
CA LEU E 317 -22.32 0.87 -35.40
C LEU E 317 -23.34 0.33 -34.37
N ALA E 318 -24.06 -0.72 -34.76
CA ALA E 318 -24.91 -1.45 -33.82
C ALA E 318 -24.05 -2.43 -33.04
N SER E 319 -24.67 -3.10 -32.06
CA SER E 319 -23.96 -4.06 -31.23
C SER E 319 -23.37 -5.17 -32.08
N ARG E 320 -22.37 -5.81 -31.53
CA ARG E 320 -21.65 -6.82 -32.27
C ARG E 320 -22.60 -7.97 -32.66
N ASP E 321 -23.42 -8.40 -31.71
CA ASP E 321 -24.28 -9.57 -31.87
C ASP E 321 -25.32 -9.39 -32.97
N VAL E 322 -25.89 -8.18 -33.05
CA VAL E 322 -26.87 -7.82 -34.07
C VAL E 322 -26.24 -7.79 -35.46
N VAL E 323 -25.13 -7.05 -35.59
CA VAL E 323 -24.48 -6.90 -36.87
C VAL E 323 -24.04 -8.25 -37.44
N SER E 324 -23.45 -9.11 -36.60
CA SER E 324 -23.00 -10.42 -37.08
C SER E 324 -24.18 -11.23 -37.62
N ARG E 325 -25.33 -11.12 -36.95
CA ARG E 325 -26.57 -11.77 -37.38
C ARG E 325 -27.12 -11.17 -38.66
N ALA E 326 -27.08 -9.85 -38.74
CA ALA E 326 -27.47 -9.15 -39.95
C ALA E 326 -26.62 -9.63 -41.14
N GLU E 327 -25.31 -9.68 -40.96
CA GLU E 327 -24.41 -10.19 -41.98
C GLU E 327 -24.81 -11.62 -42.32
N THR E 328 -24.95 -12.45 -41.30
CA THR E 328 -25.23 -13.87 -41.51
C THR E 328 -26.52 -14.05 -42.33
N ILE E 329 -27.55 -13.25 -42.06
CA ILE E 329 -28.79 -13.33 -42.82
C ILE E 329 -28.58 -12.99 -44.29
N GLU E 330 -27.89 -11.88 -44.54
CA GLU E 330 -27.55 -11.51 -45.89
C GLU E 330 -26.79 -12.62 -46.62
N ILE E 331 -25.93 -13.36 -45.91
CA ILE E 331 -25.20 -14.48 -46.51
C ILE E 331 -26.16 -15.58 -46.92
N MET E 332 -26.99 -15.99 -45.96
CA MET E 332 -28.03 -17.00 -46.12
C MET E 332 -28.99 -16.66 -47.26
N GLU E 333 -29.50 -15.44 -47.26
CA GLU E 333 -30.53 -15.06 -48.25
C GLU E 333 -29.98 -14.69 -49.62
N GLY E 334 -28.71 -15.01 -49.87
CA GLY E 334 -28.13 -14.96 -51.23
C GLY E 334 -27.43 -13.68 -51.62
N ARG E 335 -27.44 -12.68 -50.75
CA ARG E 335 -26.72 -11.44 -51.02
C ARG E 335 -25.26 -11.50 -50.57
N GLY E 336 -24.77 -12.70 -50.29
CA GLY E 336 -23.36 -12.93 -50.04
C GLY E 336 -22.46 -12.41 -51.15
N VAL E 337 -21.16 -12.53 -50.92
CA VAL E 337 -20.15 -11.93 -51.80
C VAL E 337 -19.05 -12.97 -52.10
N GLY E 338 -18.34 -12.78 -53.22
CA GLY E 338 -17.20 -13.61 -53.57
C GLY E 338 -17.56 -14.91 -54.26
N PRO E 339 -16.54 -15.67 -54.70
CA PRO E 339 -16.70 -16.95 -55.39
C PRO E 339 -17.73 -17.93 -54.81
N GLU E 340 -17.96 -17.92 -53.49
CA GLU E 340 -18.93 -18.84 -52.86
C GLU E 340 -20.10 -18.12 -52.20
N LYS E 341 -20.13 -16.78 -52.32
CA LYS E 341 -21.17 -15.92 -51.73
C LYS E 341 -21.39 -16.26 -50.26
N ASP E 342 -20.29 -16.29 -49.50
CA ASP E 342 -20.29 -16.73 -48.08
C ASP E 342 -19.87 -15.65 -47.07
N HIS E 343 -19.30 -14.57 -47.58
CA HIS E 343 -18.89 -13.45 -46.75
C HIS E 343 -19.48 -12.15 -47.30
N ILE E 344 -19.26 -11.03 -46.62
CA ILE E 344 -19.63 -9.71 -47.17
C ILE E 344 -18.40 -8.79 -47.25
N TYR E 345 -18.57 -7.65 -47.91
CA TYR E 345 -17.51 -6.67 -48.11
C TYR E 345 -17.56 -5.61 -47.05
N LEU E 346 -16.39 -5.19 -46.59
CA LEU E 346 -16.25 -4.03 -45.71
C LEU E 346 -15.58 -2.91 -46.49
N GLN E 347 -16.27 -1.79 -46.65
CA GLN E 347 -15.80 -0.74 -47.53
C GLN E 347 -15.11 0.39 -46.78
N LEU E 348 -13.86 0.67 -47.15
CA LEU E 348 -13.14 1.83 -46.61
C LEU E 348 -12.67 2.80 -47.70
N HIS E 349 -12.64 2.34 -48.95
CA HIS E 349 -12.08 3.15 -50.03
C HIS E 349 -12.69 4.56 -50.15
N HIS E 350 -13.95 4.70 -49.73
CA HIS E 350 -14.60 6.01 -49.76
C HIS E 350 -14.04 7.07 -48.80
N LEU E 351 -13.41 6.66 -47.71
CA LEU E 351 -12.76 7.61 -46.78
C LEU E 351 -11.47 8.15 -47.39
N PRO E 352 -10.96 9.29 -46.89
CA PRO E 352 -9.63 9.78 -47.25
C PRO E 352 -8.51 8.77 -46.97
N ALA E 353 -7.56 8.69 -47.90
CA ALA E 353 -6.39 7.82 -47.75
C ALA E 353 -5.51 8.34 -46.61
N GLU E 354 -5.61 9.64 -46.32
CA GLU E 354 -4.83 10.23 -45.23
C GLU E 354 -5.43 9.91 -43.87
N GLN E 355 -6.76 9.87 -43.80
CA GLN E 355 -7.45 9.45 -42.59
C GLN E 355 -7.30 7.94 -42.40
N LEU E 356 -7.14 7.22 -43.51
CA LEU E 356 -6.91 5.78 -43.45
C LEU E 356 -5.58 5.52 -42.80
N HIS E 357 -4.57 6.28 -43.19
CA HIS E 357 -3.20 6.08 -42.72
C HIS E 357 -3.07 6.49 -41.27
N GLN E 358 -3.58 7.68 -40.97
CA GLN E 358 -3.41 8.25 -39.66
C GLN E 358 -4.17 7.40 -38.61
N ARG E 359 -5.34 6.90 -39.00
CA ARG E 359 -6.28 6.26 -38.08
C ARG E 359 -6.33 4.71 -38.16
N LEU E 360 -6.07 4.12 -39.34
CA LEU E 360 -6.15 2.66 -39.50
C LEU E 360 -4.93 2.06 -40.21
N PRO E 361 -3.71 2.47 -39.79
CA PRO E 361 -2.51 2.05 -40.50
C PRO E 361 -2.28 0.54 -40.47
N GLY E 362 -2.61 -0.08 -39.34
CA GLY E 362 -2.29 -1.49 -39.12
C GLY E 362 -3.18 -2.43 -39.91
N ILE E 363 -4.46 -2.10 -40.01
CA ILE E 363 -5.40 -2.93 -40.75
C ILE E 363 -5.32 -2.61 -42.22
N SER E 364 -4.86 -1.40 -42.52
CA SER E 364 -4.54 -1.03 -43.90
C SER E 364 -3.53 -2.05 -44.43
N GLU E 365 -2.56 -2.41 -43.57
CA GLU E 365 -1.50 -3.38 -43.90
C GLU E 365 -1.94 -4.84 -43.74
N THR E 366 -2.67 -5.16 -42.68
CA THR E 366 -3.10 -6.55 -42.49
C THR E 366 -4.02 -7.02 -43.66
N ALA E 367 -4.76 -6.11 -44.30
CA ALA E 367 -5.58 -6.47 -45.46
C ALA E 367 -4.72 -6.67 -46.71
N LYS E 368 -3.77 -5.77 -46.90
CA LYS E 368 -2.74 -5.88 -47.93
C LYS E 368 -2.03 -7.26 -47.90
N ILE E 369 -1.64 -7.73 -46.72
CA ILE E 369 -0.89 -8.98 -46.55
C ILE E 369 -1.75 -10.22 -46.69
N PHE E 370 -2.97 -10.15 -46.18
CA PHE E 370 -3.78 -11.34 -45.99
C PHE E 370 -4.92 -11.46 -46.98
N ALA E 371 -5.39 -10.36 -47.53
CA ALA E 371 -6.48 -10.41 -48.51
C ALA E 371 -6.11 -9.87 -49.90
N GLY E 372 -4.89 -9.36 -50.05
CA GLY E 372 -4.44 -8.76 -51.31
C GLY E 372 -5.09 -7.41 -51.64
N VAL E 373 -5.38 -6.63 -50.60
CA VAL E 373 -6.33 -5.50 -50.68
C VAL E 373 -5.74 -4.13 -50.36
N ASP E 374 -5.81 -3.21 -51.32
CA ASP E 374 -5.56 -1.79 -51.02
C ASP E 374 -6.84 -1.23 -50.42
N VAL E 375 -6.81 -0.87 -49.14
CA VAL E 375 -8.01 -0.40 -48.48
C VAL E 375 -8.57 0.90 -49.07
N THR E 376 -7.74 1.70 -49.73
CA THR E 376 -8.20 2.96 -50.37
C THR E 376 -8.82 2.78 -51.74
N LYS E 377 -8.80 1.57 -52.26
CA LYS E 377 -9.29 1.35 -53.62
C LYS E 377 -10.30 0.21 -53.70
N GLU E 378 -10.08 -0.87 -52.96
CA GLU E 378 -11.00 -2.02 -52.94
C GLU E 378 -11.51 -2.28 -51.51
N PRO E 379 -12.47 -3.22 -51.37
CA PRO E 379 -12.98 -3.56 -50.05
C PRO E 379 -12.32 -4.80 -49.46
N ILE E 380 -12.40 -4.91 -48.13
CA ILE E 380 -11.88 -6.05 -47.40
C ILE E 380 -12.99 -7.10 -47.30
N PRO E 381 -12.72 -8.35 -47.76
CA PRO E 381 -13.68 -9.43 -47.61
C PRO E 381 -13.69 -9.88 -46.18
N VAL E 382 -14.85 -9.79 -45.53
CA VAL E 382 -14.94 -9.99 -44.09
C VAL E 382 -16.14 -10.85 -43.71
N ILE E 383 -16.03 -11.55 -42.58
CA ILE E 383 -17.08 -12.47 -42.14
C ILE E 383 -17.13 -12.50 -40.60
N PRO E 384 -18.30 -12.80 -40.03
CA PRO E 384 -18.30 -12.91 -38.58
C PRO E 384 -17.37 -14.01 -38.10
N THR E 385 -16.72 -13.79 -36.98
CA THR E 385 -15.59 -14.61 -36.55
C THR E 385 -15.50 -14.58 -35.02
N VAL E 386 -15.48 -15.76 -34.42
CA VAL E 386 -15.35 -15.91 -32.96
C VAL E 386 -14.20 -15.04 -32.44
N HIS E 387 -14.39 -14.41 -31.28
CA HIS E 387 -13.54 -13.28 -30.88
C HIS E 387 -13.33 -13.12 -29.37
N TYR E 388 -14.44 -12.95 -28.65
CA TYR E 388 -14.41 -12.70 -27.21
C TYR E 388 -15.31 -13.69 -26.47
N ASN E 389 -14.96 -13.97 -25.21
CA ASN E 389 -15.74 -14.87 -24.38
C ASN E 389 -16.27 -14.14 -23.14
N MET E 390 -17.50 -13.67 -23.20
CA MET E 390 -18.08 -13.03 -22.01
C MET E 390 -18.23 -14.05 -20.90
N GLY E 391 -18.27 -15.33 -21.27
CA GLY E 391 -18.20 -16.41 -20.28
C GLY E 391 -16.92 -16.40 -19.44
N GLY E 392 -16.90 -17.29 -18.46
CA GLY E 392 -15.70 -17.56 -17.66
C GLY E 392 -15.93 -17.93 -16.19
N ILE E 393 -14.92 -17.69 -15.38
CA ILE E 393 -14.99 -17.94 -13.95
C ILE E 393 -15.86 -16.86 -13.30
N PRO E 394 -16.91 -17.26 -12.57
CA PRO E 394 -17.76 -16.28 -11.91
C PRO E 394 -17.07 -15.60 -10.73
N THR E 395 -17.40 -14.32 -10.53
CA THR E 395 -16.95 -13.57 -9.38
C THR E 395 -18.07 -12.70 -8.83
N ASN E 396 -17.73 -11.94 -7.78
CA ASN E 396 -18.52 -10.79 -7.33
C ASN E 396 -17.92 -9.54 -7.97
N TYR E 397 -18.40 -8.35 -7.60
CA TYR E 397 -17.85 -7.09 -8.12
C TYR E 397 -16.38 -6.85 -7.70
N LYS E 398 -15.90 -7.60 -6.70
CA LYS E 398 -14.54 -7.45 -6.21
C LYS E 398 -13.58 -8.46 -6.83
N ALA E 399 -14.03 -9.18 -7.85
CA ALA E 399 -13.16 -10.09 -8.58
C ALA E 399 -12.76 -11.34 -7.79
N GLN E 400 -13.51 -11.68 -6.75
CA GLN E 400 -13.27 -12.91 -6.00
C GLN E 400 -14.07 -14.04 -6.61
N VAL E 401 -13.45 -15.20 -6.75
CA VAL E 401 -14.10 -16.36 -7.37
C VAL E 401 -15.24 -16.90 -6.50
N ILE E 402 -16.36 -17.29 -7.10
CA ILE E 402 -17.47 -17.81 -6.29
C ILE E 402 -17.99 -19.21 -6.70
N LYS E 403 -18.53 -19.92 -5.71
CA LYS E 403 -19.44 -21.02 -5.95
C LYS E 403 -20.83 -20.47 -5.66
N TYR E 404 -21.86 -21.11 -6.24
CA TYR E 404 -23.24 -20.72 -5.99
C TYR E 404 -24.09 -21.94 -5.71
N THR E 405 -24.84 -21.90 -4.61
CA THR E 405 -25.91 -22.86 -4.37
C THR E 405 -27.24 -22.11 -4.37
N LYS E 406 -28.29 -22.86 -4.63
CA LYS E 406 -29.64 -22.30 -4.65
C LYS E 406 -30.09 -21.73 -3.29
N GLU E 407 -29.54 -22.24 -2.19
CA GLU E 407 -29.96 -21.84 -0.83
C GLU E 407 -28.86 -21.03 -0.11
N GLY E 408 -27.66 -21.61 -0.02
CA GLY E 408 -26.51 -20.92 0.55
C GLY E 408 -26.03 -19.69 -0.21
N GLY E 409 -26.54 -19.48 -1.43
CA GLY E 409 -26.20 -18.30 -2.23
C GLY E 409 -24.73 -18.23 -2.68
N ASP E 410 -24.23 -17.01 -2.85
CA ASP E 410 -22.83 -16.80 -3.21
C ASP E 410 -21.91 -17.10 -2.04
N LYS E 411 -20.96 -18.00 -2.26
CA LYS E 411 -19.88 -18.23 -1.32
C LYS E 411 -18.59 -17.89 -2.08
N ILE E 412 -17.72 -17.06 -1.51
CA ILE E 412 -16.45 -16.78 -2.19
C ILE E 412 -15.56 -18.00 -1.97
N VAL E 413 -14.59 -18.19 -2.86
CA VAL E 413 -13.55 -19.19 -2.70
C VAL E 413 -12.38 -18.48 -2.06
N PRO E 414 -12.03 -18.84 -0.82
CA PRO E 414 -10.87 -18.19 -0.23
C PRO E 414 -9.63 -18.43 -1.07
N GLY E 415 -8.79 -17.41 -1.20
CA GLY E 415 -7.52 -17.51 -1.91
C GLY E 415 -7.57 -17.01 -3.33
N LEU E 416 -8.72 -17.22 -3.98
CA LEU E 416 -8.80 -17.13 -5.43
C LEU E 416 -9.45 -15.87 -5.96
N TYR E 417 -8.75 -15.18 -6.86
CA TYR E 417 -9.26 -14.03 -7.58
C TYR E 417 -9.18 -14.34 -9.07
N ALA E 418 -9.92 -13.60 -9.89
CA ALA E 418 -9.85 -13.81 -11.34
C ALA E 418 -10.26 -12.54 -12.10
N CYS E 419 -9.54 -12.22 -13.18
CA CYS E 419 -9.92 -11.11 -14.05
C CYS E 419 -9.57 -11.27 -15.56
N GLY E 420 -10.14 -10.38 -16.37
CA GLY E 420 -9.87 -10.41 -17.79
C GLY E 420 -10.99 -11.10 -18.53
N GLU E 421 -10.64 -11.77 -19.63
CA GLU E 421 -11.59 -12.49 -20.47
C GLU E 421 -11.89 -13.85 -19.83
N CYS E 422 -10.96 -14.31 -18.99
CA CYS E 422 -11.09 -15.60 -18.29
C CYS E 422 -12.10 -15.56 -17.16
N ALA E 423 -12.47 -14.36 -16.72
CA ALA E 423 -13.52 -14.20 -15.73
C ALA E 423 -14.89 -13.99 -16.36
N CYS E 424 -15.91 -14.03 -15.49
CA CYS E 424 -17.26 -13.62 -15.81
C CYS E 424 -17.78 -12.82 -14.63
N HIS E 425 -17.74 -11.49 -14.71
CA HIS E 425 -18.01 -10.65 -13.51
C HIS E 425 -19.46 -10.47 -13.02
N SER E 426 -20.48 -10.41 -13.88
CA SER E 426 -20.38 -10.29 -15.35
C SER E 426 -20.59 -8.83 -15.80
N VAL E 427 -19.55 -8.20 -16.34
CA VAL E 427 -19.67 -6.84 -16.88
C VAL E 427 -20.15 -6.83 -18.34
N HIS E 428 -20.27 -8.00 -18.95
CA HIS E 428 -20.69 -8.09 -20.35
C HIS E 428 -22.01 -8.82 -20.54
N GLY E 429 -22.35 -9.70 -19.60
CA GLY E 429 -23.59 -10.46 -19.70
C GLY E 429 -23.69 -11.21 -21.00
N ALA E 430 -24.64 -10.84 -21.85
CA ALA E 430 -24.95 -11.60 -23.06
C ALA E 430 -24.28 -11.07 -24.32
N ASN E 431 -23.56 -9.95 -24.20
CA ASN E 431 -22.87 -9.35 -25.33
C ASN E 431 -21.88 -8.30 -24.86
N ARG E 432 -20.59 -8.58 -24.98
CA ARG E 432 -19.54 -7.60 -24.67
C ARG E 432 -19.66 -6.37 -25.59
N LEU E 433 -19.40 -5.20 -25.02
CA LEU E 433 -19.44 -3.96 -25.80
C LEU E 433 -18.06 -3.63 -26.37
N GLY E 434 -18.05 -3.07 -27.57
CA GLY E 434 -16.78 -2.82 -28.25
C GLY E 434 -15.92 -1.87 -27.45
N ALA E 435 -14.70 -2.30 -27.16
CA ALA E 435 -13.71 -1.54 -26.40
C ALA E 435 -13.95 -1.49 -24.89
N ASN E 436 -14.76 -2.41 -24.39
CA ASN E 436 -14.95 -2.54 -22.95
C ASN E 436 -14.10 -3.63 -22.32
N SER E 437 -13.29 -4.33 -23.11
CA SER E 437 -12.53 -5.46 -22.58
C SER E 437 -11.16 -5.04 -22.06
N LEU E 438 -10.46 -4.24 -22.87
CA LEU E 438 -9.23 -3.62 -22.40
C LEU E 438 -9.47 -2.81 -21.13
N LEU E 439 -10.70 -2.33 -20.96
CA LEU E 439 -11.11 -1.72 -19.71
C LEU E 439 -11.26 -2.83 -18.65
N ASP E 440 -12.25 -3.72 -18.84
CA ASP E 440 -12.50 -4.84 -17.91
C ASP E 440 -11.19 -5.48 -17.43
N ALA E 441 -10.16 -5.46 -18.28
CA ALA E 441 -8.87 -5.97 -17.89
C ALA E 441 -8.20 -5.02 -16.93
N VAL E 442 -7.89 -3.82 -17.41
CA VAL E 442 -7.15 -2.83 -16.62
C VAL E 442 -7.90 -2.45 -15.32
N VAL E 443 -9.22 -2.30 -15.40
CA VAL E 443 -10.00 -1.89 -14.22
C VAL E 443 -10.04 -3.00 -13.17
N PHE E 444 -10.54 -4.17 -13.54
CA PHE E 444 -10.69 -5.27 -12.57
C PHE E 444 -9.36 -5.96 -12.21
N GLY E 445 -8.32 -5.73 -13.02
CA GLY E 445 -6.97 -6.16 -12.69
C GLY E 445 -6.45 -5.31 -11.54
N ARG E 446 -6.61 -4.00 -11.68
CA ARG E 446 -6.28 -3.04 -10.62
C ARG E 446 -7.12 -3.34 -9.38
N ALA E 447 -8.38 -3.67 -9.62
CA ALA E 447 -9.30 -4.01 -8.55
C ALA E 447 -8.88 -5.27 -7.77
N CYS E 448 -8.10 -6.14 -8.41
CA CYS E 448 -7.59 -7.31 -7.71
C CYS E 448 -6.51 -6.88 -6.76
N SER E 449 -5.66 -5.96 -7.20
CA SER E 449 -4.62 -5.42 -6.33
C SER E 449 -5.22 -4.56 -5.23
N ILE E 450 -6.29 -3.84 -5.54
CA ILE E 450 -6.90 -2.97 -4.56
C ILE E 450 -7.60 -3.78 -3.47
N ASN E 451 -8.33 -4.82 -3.85
CA ASN E 451 -9.08 -5.64 -2.89
C ASN E 451 -8.21 -6.60 -2.08
N ILE E 452 -7.15 -7.13 -2.68
CA ILE E 452 -6.19 -7.94 -1.94
C ILE E 452 -5.50 -7.05 -0.91
N LYS E 453 -4.93 -5.94 -1.35
CA LYS E 453 -4.32 -4.97 -0.43
C LYS E 453 -5.25 -4.74 0.76
N GLU E 454 -6.53 -4.52 0.50
CA GLU E 454 -7.46 -4.18 1.59
C GLU E 454 -7.89 -5.37 2.45
N GLU E 455 -7.96 -6.58 1.91
CA GLU E 455 -8.46 -7.73 2.70
C GLU E 455 -7.38 -8.61 3.32
N LEU E 456 -6.19 -8.64 2.72
CA LEU E 456 -5.06 -9.45 3.19
C LEU E 456 -4.27 -8.68 4.25
N LYS E 457 -4.13 -9.23 5.45
CA LYS E 457 -3.24 -8.61 6.44
C LYS E 457 -1.90 -9.37 6.51
N PRO E 458 -0.79 -8.67 6.84
CA PRO E 458 0.53 -9.33 6.86
C PRO E 458 0.69 -10.35 7.99
N ASP E 459 -0.26 -10.36 8.94
CA ASP E 459 -0.33 -11.35 10.01
C ASP E 459 -0.52 -12.75 9.39
N GLU E 460 -1.58 -12.90 8.59
CA GLU E 460 -1.83 -14.13 7.83
C GLU E 460 -0.62 -14.49 6.99
N LYS E 461 -0.28 -15.77 6.93
CA LYS E 461 1.00 -16.20 6.32
C LYS E 461 0.87 -17.19 5.16
N ILE E 462 1.97 -17.39 4.43
CA ILE E 462 1.98 -18.19 3.20
C ILE E 462 1.68 -19.65 3.52
N PRO E 463 0.51 -20.16 3.09
CA PRO E 463 0.05 -21.46 3.59
C PRO E 463 0.99 -22.61 3.28
N GLU E 464 1.02 -23.61 4.15
CA GLU E 464 1.75 -24.83 3.87
C GLU E 464 0.93 -25.68 2.88
N LEU E 465 1.61 -26.51 2.10
CA LEU E 465 0.95 -27.34 1.10
C LEU E 465 0.55 -28.70 1.65
N PRO E 466 -0.72 -29.07 1.49
CA PRO E 466 -1.14 -30.40 1.91
C PRO E 466 -0.33 -31.44 1.18
N GLU E 467 -0.11 -32.59 1.80
CA GLU E 467 0.80 -33.58 1.24
C GLU E 467 0.23 -34.22 -0.02
N GLY E 468 1.08 -34.32 -1.05
CA GLY E 468 0.68 -34.85 -2.35
C GLY E 468 -0.03 -33.84 -3.23
N ALA E 469 0.15 -32.55 -2.96
CA ALA E 469 -0.54 -31.50 -3.72
C ALA E 469 0.03 -31.41 -5.13
N GLY E 470 -0.87 -31.41 -6.12
CA GLY E 470 -0.48 -31.37 -7.52
C GLY E 470 0.15 -32.65 -8.03
N GLU E 471 0.19 -33.66 -7.18
CA GLU E 471 0.62 -34.99 -7.57
C GLU E 471 -0.26 -35.51 -8.71
N GLU E 472 -1.56 -35.19 -8.63
CA GLU E 472 -2.54 -35.54 -9.66
C GLU E 472 -2.28 -34.80 -10.95
N SER E 473 -1.80 -33.56 -10.84
CA SER E 473 -1.39 -32.79 -12.01
C SER E 473 -0.16 -33.40 -12.67
N ILE E 474 0.75 -33.96 -11.88
CA ILE E 474 1.94 -34.60 -12.42
C ILE E 474 1.55 -35.90 -13.15
N ALA E 475 0.67 -36.68 -12.54
CA ALA E 475 0.13 -37.89 -13.16
C ALA E 475 -0.46 -37.60 -14.54
N ASN E 476 -1.23 -36.53 -14.65
CA ASN E 476 -1.79 -36.12 -15.93
C ASN E 476 -0.72 -35.64 -16.92
N LEU E 477 0.29 -34.96 -16.40
CA LEU E 477 1.42 -34.53 -17.21
C LEU E 477 2.16 -35.73 -17.74
N ASP E 478 2.33 -36.74 -16.89
CA ASP E 478 3.01 -37.98 -17.25
C ASP E 478 2.21 -38.84 -18.23
N ALA E 479 0.89 -38.93 -18.00
CA ALA E 479 0.01 -39.71 -18.86
C ALA E 479 -0.08 -39.14 -20.26
N VAL E 480 -0.15 -37.82 -20.35
CA VAL E 480 -0.26 -37.13 -21.65
C VAL E 480 1.09 -37.09 -22.33
N ARG E 481 2.15 -36.86 -21.56
CA ARG E 481 3.49 -36.92 -22.10
C ARG E 481 3.74 -38.24 -22.84
N TYR E 482 3.26 -39.34 -22.25
CA TYR E 482 3.49 -40.69 -22.76
C TYR E 482 2.23 -41.33 -23.36
N ALA E 483 1.24 -40.50 -23.69
CA ALA E 483 0.01 -40.99 -24.28
C ALA E 483 0.33 -41.86 -25.50
N ASN E 484 -0.34 -43.01 -25.59
CA ASN E 484 -0.01 -44.06 -26.56
C ASN E 484 -1.02 -44.40 -27.65
N GLY E 485 -2.16 -43.74 -27.67
CA GLY E 485 -3.31 -44.21 -28.40
C GLY E 485 -3.31 -43.93 -29.87
N ASP E 486 -4.47 -44.09 -30.50
CA ASP E 486 -4.63 -43.98 -31.94
C ASP E 486 -5.20 -42.67 -32.45
N VAL E 487 -5.44 -41.73 -31.56
CA VAL E 487 -6.01 -40.43 -31.96
C VAL E 487 -4.98 -39.31 -31.70
N PRO E 488 -4.19 -38.95 -32.74
CA PRO E 488 -3.27 -37.83 -32.65
C PRO E 488 -3.95 -36.56 -32.13
N THR E 489 -3.27 -35.90 -31.21
CA THR E 489 -3.79 -34.74 -30.52
C THR E 489 -4.26 -33.65 -31.50
N ALA E 490 -3.55 -33.50 -32.64
CA ALA E 490 -3.90 -32.50 -33.65
C ALA E 490 -5.24 -32.76 -34.34
N GLU E 491 -5.52 -34.03 -34.65
CA GLU E 491 -6.77 -34.43 -35.32
C GLU E 491 -7.98 -34.20 -34.44
N LEU E 492 -7.79 -34.49 -33.16
CA LEU E 492 -8.86 -34.44 -32.19
C LEU E 492 -9.30 -32.99 -32.01
N ARG E 493 -8.33 -32.09 -31.90
CA ARG E 493 -8.64 -30.67 -31.78
C ARG E 493 -9.42 -30.15 -32.98
N LEU E 494 -9.04 -30.61 -34.17
CA LEU E 494 -9.61 -30.10 -35.40
C LEU E 494 -11.08 -30.48 -35.46
N THR E 495 -11.40 -31.76 -35.27
CA THR E 495 -12.82 -32.17 -35.27
C THR E 495 -13.59 -31.49 -34.12
N MET E 496 -12.94 -31.27 -32.97
CA MET E 496 -13.58 -30.48 -31.90
C MET E 496 -13.95 -29.09 -32.43
N GLN E 497 -12.92 -28.34 -32.84
CA GLN E 497 -13.05 -27.03 -33.48
C GLN E 497 -14.15 -26.98 -34.57
N LYS E 498 -14.30 -28.07 -35.34
CA LYS E 498 -15.30 -28.14 -36.40
C LYS E 498 -16.70 -28.50 -35.88
N THR E 499 -16.82 -29.46 -34.97
CA THR E 499 -18.11 -29.72 -34.36
C THR E 499 -18.72 -28.44 -33.83
N MET E 500 -17.86 -27.67 -33.17
CA MET E 500 -18.24 -26.44 -32.46
C MET E 500 -18.73 -25.33 -33.38
N GLN E 501 -18.05 -25.18 -34.51
CA GLN E 501 -18.38 -24.18 -35.51
C GLN E 501 -19.71 -24.47 -36.17
N LYS E 502 -19.99 -25.75 -36.35
CA LYS E 502 -21.25 -26.19 -36.97
C LYS E 502 -22.41 -26.00 -36.00
N HIS E 503 -22.31 -26.66 -34.85
CA HIS E 503 -23.45 -26.76 -33.97
C HIS E 503 -23.64 -25.51 -33.11
N ALA E 504 -22.54 -24.89 -32.68
CA ALA E 504 -22.58 -23.76 -31.72
C ALA E 504 -22.16 -22.42 -32.34
N GLY E 505 -22.78 -22.08 -33.47
CA GLY E 505 -22.45 -20.87 -34.21
C GLY E 505 -23.40 -19.70 -34.04
N VAL E 506 -23.43 -18.84 -35.06
CA VAL E 506 -24.12 -17.55 -35.00
C VAL E 506 -25.60 -17.71 -34.73
N PHE E 507 -26.23 -18.65 -35.46
CA PHE E 507 -27.67 -18.98 -35.31
C PHE E 507 -27.87 -20.44 -34.84
N ARG E 508 -28.52 -20.62 -33.70
CA ARG E 508 -28.59 -21.96 -33.07
C ARG E 508 -30.00 -22.54 -33.08
N ARG E 509 -30.10 -23.88 -33.04
CA ARG E 509 -31.38 -24.58 -32.93
C ARG E 509 -31.23 -25.83 -32.05
N GLY E 510 -32.25 -26.14 -31.28
CA GLY E 510 -32.18 -27.22 -30.28
C GLY E 510 -31.70 -28.58 -30.75
N ASP E 511 -32.20 -29.01 -31.90
CA ASP E 511 -31.89 -30.34 -32.43
C ASP E 511 -30.44 -30.39 -32.87
N ILE E 512 -30.02 -29.41 -33.68
CA ILE E 512 -28.62 -29.25 -34.08
C ILE E 512 -27.78 -29.21 -32.80
N LEU E 513 -28.08 -28.24 -31.92
CA LEU E 513 -27.39 -28.14 -30.64
C LEU E 513 -27.24 -29.52 -29.98
N ALA E 514 -28.35 -30.25 -29.92
CA ALA E 514 -28.41 -31.55 -29.22
C ALA E 514 -27.59 -32.63 -29.90
N GLU E 515 -27.64 -32.68 -31.23
CA GLU E 515 -26.72 -33.50 -31.99
C GLU E 515 -25.30 -33.08 -31.63
N GLY E 516 -25.07 -31.76 -31.54
CA GLY E 516 -23.78 -31.20 -31.18
C GLY E 516 -23.23 -31.79 -29.91
N VAL E 517 -24.01 -31.69 -28.83
CA VAL E 517 -23.56 -32.15 -27.51
C VAL E 517 -23.16 -33.62 -27.58
N LYS E 518 -23.99 -34.40 -28.25
CA LYS E 518 -23.77 -35.84 -28.44
C LYS E 518 -22.38 -36.07 -29.01
N LYS E 519 -22.07 -35.37 -30.10
CA LYS E 519 -20.80 -35.50 -30.80
C LYS E 519 -19.65 -34.92 -29.99
N MET E 520 -19.94 -33.91 -29.16
CA MET E 520 -18.94 -33.29 -28.30
C MET E 520 -18.61 -34.16 -27.09
N MET E 521 -19.63 -34.78 -26.48
CA MET E 521 -19.38 -35.73 -25.41
C MET E 521 -18.59 -36.92 -25.94
N ASP E 522 -18.82 -37.30 -27.20
CA ASP E 522 -18.05 -38.37 -27.85
C ASP E 522 -16.58 -38.02 -27.98
N LEU E 523 -16.28 -36.81 -28.42
CA LEU E 523 -14.90 -36.36 -28.56
C LEU E 523 -14.20 -36.28 -27.21
N PHE E 524 -15.00 -36.11 -26.14
CA PHE E 524 -14.44 -36.13 -24.80
C PHE E 524 -13.98 -37.53 -24.43
N LYS E 525 -14.70 -38.52 -24.94
CA LYS E 525 -14.40 -39.92 -24.63
C LYS E 525 -13.19 -40.41 -25.44
N GLU E 526 -12.88 -39.70 -26.54
CA GLU E 526 -11.70 -40.04 -27.36
C GLU E 526 -10.39 -39.53 -26.78
N LEU E 527 -10.47 -38.62 -25.81
CA LEU E 527 -9.29 -38.17 -25.05
C LEU E 527 -8.44 -39.32 -24.52
N LYS E 528 -9.08 -40.36 -24.00
CA LYS E 528 -8.37 -41.48 -23.40
C LYS E 528 -7.59 -42.30 -24.43
N ARG E 529 -7.89 -42.08 -25.71
CA ARG E 529 -7.17 -42.70 -26.82
C ARG E 529 -6.14 -41.76 -27.47
N LEU E 530 -5.63 -40.80 -26.73
CA LEU E 530 -4.78 -39.76 -27.31
C LEU E 530 -3.43 -40.34 -27.71
N LYS E 531 -2.78 -39.76 -28.72
CA LYS E 531 -1.40 -40.11 -29.06
C LYS E 531 -0.51 -38.89 -29.19
N THR E 532 0.28 -38.63 -28.15
CA THR E 532 1.41 -37.73 -28.29
C THR E 532 2.57 -38.53 -28.87
N THR E 533 3.57 -37.79 -29.33
CA THR E 533 4.70 -38.34 -30.02
C THR E 533 5.99 -37.89 -29.33
N ASP E 534 6.17 -36.60 -29.12
CA ASP E 534 7.36 -36.06 -28.44
C ASP E 534 7.35 -36.45 -26.96
N ARG E 535 8.42 -37.07 -26.49
CA ARG E 535 8.52 -37.51 -25.10
C ARG E 535 9.40 -36.60 -24.21
N SER E 536 10.13 -35.68 -24.82
CA SER E 536 11.06 -34.83 -24.07
C SER E 536 10.30 -33.95 -23.09
N LEU E 537 11.02 -33.38 -22.14
CA LEU E 537 10.43 -32.43 -21.19
C LEU E 537 10.78 -30.98 -21.55
N ILE E 538 11.98 -30.79 -22.09
CA ILE E 538 12.48 -29.46 -22.39
C ILE E 538 11.76 -28.90 -23.62
N TRP E 539 11.01 -27.82 -23.40
CA TRP E 539 10.17 -27.23 -24.44
C TRP E 539 9.41 -28.27 -25.28
N ASN E 540 8.43 -28.94 -24.68
CA ASN E 540 7.64 -29.93 -25.42
C ASN E 540 6.27 -29.41 -25.86
N SER E 541 6.24 -28.78 -27.03
CA SER E 541 5.02 -28.13 -27.50
C SER E 541 3.96 -29.16 -27.88
N ASP E 542 4.38 -30.34 -28.32
CA ASP E 542 3.42 -31.43 -28.56
C ASP E 542 2.61 -31.66 -27.29
N LEU E 543 3.34 -31.78 -26.17
CA LEU E 543 2.80 -31.99 -24.81
C LEU E 543 1.89 -30.86 -24.31
N THR E 544 2.45 -29.65 -24.23
CA THR E 544 1.71 -28.49 -23.78
C THR E 544 0.46 -28.28 -24.65
N GLU E 545 0.62 -28.32 -25.98
CA GLU E 545 -0.53 -28.19 -26.89
C GLU E 545 -1.63 -29.25 -26.67
N SER E 546 -1.22 -30.45 -26.24
CA SER E 546 -2.18 -31.53 -25.92
C SER E 546 -2.90 -31.23 -24.62
N LEU E 547 -2.15 -30.71 -23.64
CA LEU E 547 -2.70 -30.18 -22.40
C LEU E 547 -3.71 -29.10 -22.75
N GLU E 548 -3.29 -28.16 -23.60
CA GLU E 548 -4.15 -27.09 -24.13
C GLU E 548 -5.47 -27.64 -24.68
N LEU E 549 -5.39 -28.82 -25.31
CA LEU E 549 -6.57 -29.52 -25.87
C LEU E 549 -7.54 -30.02 -24.79
N GLN E 550 -6.99 -30.65 -23.75
CA GLN E 550 -7.79 -31.16 -22.64
C GLN E 550 -8.61 -30.04 -22.05
N ASN E 551 -7.96 -28.88 -21.94
CA ASN E 551 -8.59 -27.69 -21.42
C ASN E 551 -9.69 -27.22 -22.37
N LEU E 552 -9.34 -27.05 -23.64
CA LEU E 552 -10.30 -26.65 -24.67
C LEU E 552 -11.57 -27.52 -24.68
N MET E 553 -11.41 -28.85 -24.52
CA MET E 553 -12.56 -29.77 -24.43
C MET E 553 -13.43 -29.49 -23.21
N LEU E 554 -12.83 -29.12 -22.09
CA LEU E 554 -13.60 -28.80 -20.90
C LEU E 554 -14.43 -27.54 -21.10
N ASN E 555 -13.89 -26.55 -21.81
CA ASN E 555 -14.62 -25.33 -22.12
C ASN E 555 -15.71 -25.54 -23.15
N ALA E 556 -15.36 -26.17 -24.27
CA ALA E 556 -16.29 -26.41 -25.38
C ALA E 556 -17.51 -27.22 -24.93
N THR E 557 -17.27 -28.32 -24.23
CA THR E 557 -18.35 -29.20 -23.77
C THR E 557 -19.33 -28.43 -22.90
N GLN E 558 -18.81 -27.77 -21.86
CA GLN E 558 -19.65 -26.95 -21.01
C GLN E 558 -20.31 -25.85 -21.81
N THR E 559 -19.59 -25.27 -22.75
CA THR E 559 -20.14 -24.23 -23.60
C THR E 559 -21.42 -24.73 -24.24
N ILE E 560 -21.36 -25.92 -24.83
CA ILE E 560 -22.45 -26.37 -25.69
C ILE E 560 -23.63 -26.99 -24.92
N VAL E 561 -23.36 -27.66 -23.81
CA VAL E 561 -24.48 -28.26 -23.08
C VAL E 561 -25.30 -27.16 -22.45
N ALA E 562 -24.63 -26.04 -22.16
CA ALA E 562 -25.29 -24.85 -21.60
C ALA E 562 -26.05 -24.08 -22.67
N ALA E 563 -25.47 -24.06 -23.87
CA ALA E 563 -26.08 -23.41 -25.01
C ALA E 563 -27.33 -24.15 -25.46
N GLU E 564 -27.22 -25.48 -25.47
CA GLU E 564 -28.36 -26.31 -25.87
C GLU E 564 -29.57 -26.09 -24.97
N ASN E 565 -29.34 -25.82 -23.68
CA ASN E 565 -30.41 -25.76 -22.68
C ASN E 565 -31.08 -24.37 -22.53
N ARG E 566 -30.35 -23.30 -22.86
CA ARG E 566 -30.93 -21.97 -22.87
C ARG E 566 -31.88 -21.89 -24.06
N LYS E 567 -33.18 -21.86 -23.78
CA LYS E 567 -34.22 -21.76 -24.80
C LYS E 567 -34.78 -20.33 -24.81
N GLU E 568 -33.90 -19.39 -25.15
CA GLU E 568 -34.28 -18.00 -25.37
C GLU E 568 -33.27 -17.38 -26.32
N SER E 569 -33.45 -16.11 -26.67
CA SER E 569 -32.57 -15.44 -27.62
C SER E 569 -32.13 -14.09 -27.06
N ARG E 570 -31.11 -14.15 -26.21
CA ARG E 570 -30.56 -13.01 -25.49
C ARG E 570 -29.15 -12.74 -25.93
N GLY E 571 -28.85 -11.50 -26.24
CA GLY E 571 -27.49 -11.14 -26.62
C GLY E 571 -26.95 -11.93 -27.80
N ALA E 572 -25.74 -12.48 -27.61
CA ALA E 572 -25.04 -13.25 -28.65
C ALA E 572 -25.69 -14.60 -28.88
N HIS E 573 -26.46 -15.06 -27.90
CA HIS E 573 -27.19 -16.31 -28.01
C HIS E 573 -28.47 -16.09 -28.81
N ALA E 574 -28.57 -16.78 -29.93
CA ALA E 574 -29.71 -16.63 -30.82
C ALA E 574 -30.22 -18.00 -31.18
N ARG E 575 -31.36 -18.36 -30.62
CA ARG E 575 -32.00 -19.64 -30.90
C ARG E 575 -33.13 -19.40 -31.88
N ASP E 576 -33.04 -20.03 -33.05
CA ASP E 576 -34.05 -19.89 -34.11
C ASP E 576 -35.36 -20.59 -33.72
N ASP E 577 -35.26 -21.59 -32.85
CA ASP E 577 -36.43 -22.23 -32.25
C ASP E 577 -36.91 -21.57 -30.93
N PHE E 578 -36.40 -20.37 -30.63
CA PHE E 578 -36.78 -19.61 -29.42
C PHE E 578 -36.40 -18.13 -29.56
N PRO E 579 -36.99 -17.44 -30.54
CA PRO E 579 -36.44 -16.13 -30.93
C PRO E 579 -36.70 -14.98 -29.98
N LYS E 580 -37.60 -15.16 -29.02
CA LYS E 580 -37.85 -14.12 -28.02
C LYS E 580 -36.82 -14.14 -26.91
N ARG E 581 -36.48 -12.97 -26.38
CA ARG E 581 -35.73 -12.90 -25.12
C ARG E 581 -36.73 -13.13 -24.01
N GLU E 582 -36.44 -14.10 -23.12
CA GLU E 582 -37.38 -14.52 -22.08
C GLU E 582 -36.99 -13.93 -20.74
N ASP E 583 -37.60 -12.80 -20.38
CA ASP E 583 -37.34 -12.14 -19.08
C ASP E 583 -38.44 -12.49 -18.08
N GLU E 584 -38.29 -11.98 -16.85
CA GLU E 584 -39.27 -12.23 -15.79
C GLU E 584 -40.59 -11.62 -16.22
N TYR E 585 -40.53 -10.37 -16.66
CA TYR E 585 -41.68 -9.73 -17.31
C TYR E 585 -41.58 -9.83 -18.85
N ASP E 586 -42.65 -9.52 -19.54
CA ASP E 586 -42.60 -9.28 -20.99
C ASP E 586 -42.50 -7.77 -21.15
N TYR E 587 -41.28 -7.28 -21.34
CA TYR E 587 -41.04 -5.83 -21.35
C TYR E 587 -41.53 -5.10 -22.61
N SER E 588 -42.18 -5.79 -23.55
CA SER E 588 -42.79 -5.13 -24.71
C SER E 588 -44.15 -4.54 -24.35
N LYS E 589 -44.88 -5.23 -23.49
CA LYS E 589 -46.10 -4.70 -22.86
C LYS E 589 -45.71 -3.72 -21.77
N PRO E 590 -46.63 -2.78 -21.43
CA PRO E 590 -46.46 -2.02 -20.18
C PRO E 590 -46.37 -2.97 -18.99
N ILE E 591 -45.71 -2.55 -17.93
CA ILE E 591 -45.27 -3.48 -16.90
C ILE E 591 -46.21 -3.51 -15.70
N GLU E 592 -46.71 -2.35 -15.27
CA GLU E 592 -47.69 -2.30 -14.16
C GLU E 592 -48.94 -3.12 -14.52
N GLY E 593 -49.35 -3.98 -13.59
CA GLY E 593 -50.44 -4.91 -13.86
C GLY E 593 -49.96 -6.25 -14.35
N GLN E 594 -48.67 -6.36 -14.68
CA GLN E 594 -48.08 -7.67 -15.01
C GLN E 594 -47.79 -8.45 -13.74
N THR E 595 -47.63 -9.75 -13.91
CA THR E 595 -47.33 -10.66 -12.81
C THR E 595 -46.02 -11.40 -13.11
N LYS E 596 -45.08 -11.31 -12.17
CA LYS E 596 -43.70 -11.74 -12.35
C LYS E 596 -43.54 -13.27 -12.48
N ARG E 597 -43.00 -13.71 -13.60
CA ARG E 597 -42.74 -15.10 -13.85
C ARG E 597 -41.71 -15.60 -12.88
N PRO E 598 -41.84 -16.85 -12.49
CA PRO E 598 -40.93 -17.49 -11.56
C PRO E 598 -39.61 -17.75 -12.23
N PHE E 599 -38.59 -17.89 -11.42
CA PHE E 599 -37.23 -17.87 -11.86
C PHE E 599 -37.10 -18.94 -12.87
N GLU E 600 -37.67 -20.09 -12.63
CA GLU E 600 -37.47 -21.16 -13.55
C GLU E 600 -38.06 -20.81 -14.90
N LYS E 601 -39.23 -20.21 -14.90
CA LYS E 601 -39.92 -20.08 -16.17
C LYS E 601 -39.40 -19.00 -17.12
N HIS E 602 -38.55 -18.14 -16.62
CA HIS E 602 -37.87 -17.12 -17.46
C HIS E 602 -36.38 -17.41 -17.54
N TRP E 603 -35.66 -16.62 -18.34
CA TRP E 603 -34.24 -16.87 -18.60
C TRP E 603 -33.22 -15.74 -18.25
N ARG E 604 -33.67 -14.64 -17.64
CA ARG E 604 -32.73 -13.65 -17.10
C ARG E 604 -31.96 -14.18 -15.89
N LYS E 605 -31.10 -15.17 -16.15
CA LYS E 605 -30.27 -15.82 -15.14
C LYS E 605 -28.99 -16.36 -15.75
N HIS E 606 -27.94 -16.40 -14.94
CA HIS E 606 -26.64 -16.87 -15.38
C HIS E 606 -26.64 -18.39 -15.48
N THR E 607 -25.99 -18.95 -16.50
CA THR E 607 -25.88 -20.40 -16.68
C THR E 607 -24.63 -20.90 -15.98
N LEU E 608 -24.81 -21.78 -15.01
CA LEU E 608 -23.69 -22.34 -14.25
C LEU E 608 -23.44 -23.82 -14.55
N THR E 609 -22.37 -24.07 -15.32
CA THR E 609 -21.95 -25.43 -15.72
C THR E 609 -20.96 -25.99 -14.72
N LYS E 610 -21.10 -27.26 -14.39
CA LYS E 610 -20.18 -27.96 -13.49
C LYS E 610 -19.82 -29.28 -14.12
N GLN E 611 -18.53 -29.52 -14.29
CA GLN E 611 -18.08 -30.70 -15.01
C GLN E 611 -17.14 -31.55 -14.15
N ASP E 612 -17.43 -32.85 -14.11
CA ASP E 612 -16.47 -33.83 -13.61
C ASP E 612 -15.33 -33.83 -14.61
N PRO E 613 -14.13 -33.42 -14.19
CA PRO E 613 -13.05 -33.41 -15.18
C PRO E 613 -12.73 -34.79 -15.75
N ARG E 614 -13.14 -35.85 -15.06
CA ARG E 614 -12.82 -37.22 -15.46
C ARG E 614 -13.90 -37.85 -16.35
N THR E 615 -15.14 -37.97 -15.86
CA THR E 615 -16.22 -38.54 -16.69
C THR E 615 -16.72 -37.56 -17.72
N GLY E 616 -16.42 -36.27 -17.55
CA GLY E 616 -16.85 -35.24 -18.49
C GLY E 616 -18.30 -34.85 -18.36
N HIS E 617 -18.99 -35.42 -17.38
CA HIS E 617 -20.42 -35.15 -17.20
C HIS E 617 -20.66 -33.74 -16.67
N ILE E 618 -21.70 -33.10 -17.17
CA ILE E 618 -22.03 -31.73 -16.79
C ILE E 618 -23.42 -31.64 -16.18
N THR E 619 -23.50 -31.02 -15.02
CA THR E 619 -24.78 -30.65 -14.43
C THR E 619 -24.93 -29.15 -14.64
N LEU E 620 -26.17 -28.66 -14.76
CA LEU E 620 -26.42 -27.22 -14.83
C LEU E 620 -26.85 -26.65 -13.46
N ASP E 621 -26.98 -25.32 -13.39
CA ASP E 621 -27.62 -24.60 -12.27
C ASP E 621 -27.76 -23.17 -12.78
N TYR E 622 -28.46 -22.31 -12.05
CA TYR E 622 -28.77 -20.97 -12.55
C TYR E 622 -28.81 -19.91 -11.45
N ARG E 623 -28.11 -18.81 -11.70
CA ARG E 623 -27.84 -17.81 -10.69
C ARG E 623 -28.52 -16.50 -11.14
N PRO E 624 -29.02 -15.71 -10.19
CA PRO E 624 -29.74 -14.51 -10.57
C PRO E 624 -28.81 -13.44 -11.07
N VAL E 625 -29.22 -12.76 -12.14
CA VAL E 625 -28.54 -11.54 -12.57
C VAL E 625 -28.64 -10.52 -11.45
N ILE E 626 -27.54 -9.87 -11.09
CA ILE E 626 -27.60 -8.81 -10.09
C ILE E 626 -28.12 -7.56 -10.77
N ASP E 627 -29.18 -6.96 -10.22
CA ASP E 627 -29.82 -5.79 -10.83
C ASP E 627 -29.73 -4.50 -10.01
N LYS E 628 -29.14 -4.57 -8.83
CA LYS E 628 -28.85 -3.38 -8.04
C LYS E 628 -27.47 -2.90 -8.44
N THR E 629 -27.27 -1.59 -8.47
CA THR E 629 -25.93 -1.05 -8.65
C THR E 629 -25.22 -1.05 -7.28
N LEU E 630 -24.03 -0.46 -7.22
CA LEU E 630 -23.26 -0.40 -5.98
C LEU E 630 -23.72 0.65 -4.98
N ASP E 631 -24.57 1.56 -5.41
CA ASP E 631 -24.93 2.71 -4.60
C ASP E 631 -26.01 3.55 -5.31
N PRO E 632 -27.29 3.37 -4.92
CA PRO E 632 -28.38 4.05 -5.64
C PRO E 632 -28.16 5.53 -5.75
N ALA E 633 -27.54 6.11 -4.72
CA ALA E 633 -27.17 7.52 -4.68
C ALA E 633 -26.32 7.97 -5.87
N GLU E 634 -25.39 7.11 -6.30
CA GLU E 634 -24.48 7.45 -7.40
C GLU E 634 -25.14 7.26 -8.76
N VAL E 635 -25.86 6.16 -8.90
CA VAL E 635 -26.54 5.86 -10.17
C VAL E 635 -27.64 4.81 -9.98
N ASP E 636 -28.76 5.02 -10.68
CA ASP E 636 -29.93 4.16 -10.58
C ASP E 636 -29.79 2.99 -11.52
N TRP E 637 -30.20 1.82 -11.07
CA TRP E 637 -30.16 0.63 -11.90
C TRP E 637 -31.04 0.83 -13.14
N ILE E 638 -30.78 0.06 -14.20
CA ILE E 638 -31.41 0.28 -15.50
C ILE E 638 -32.35 -0.86 -15.89
N PRO E 639 -33.65 -0.72 -15.55
CA PRO E 639 -34.68 -1.68 -15.93
C PRO E 639 -34.51 -2.21 -17.37
N PRO E 640 -34.76 -3.53 -17.56
CA PRO E 640 -34.84 -4.11 -18.90
C PRO E 640 -35.82 -3.39 -19.80
N ILE E 641 -35.49 -3.34 -21.08
CA ILE E 641 -36.39 -2.89 -22.13
C ILE E 641 -36.07 -3.73 -23.37
N ILE E 642 -36.85 -3.54 -24.42
CA ILE E 642 -36.59 -4.24 -25.67
C ILE E 642 -35.31 -3.66 -26.24
N ARG E 643 -34.47 -4.52 -26.80
CA ARG E 643 -33.10 -4.16 -27.23
C ARG E 643 -33.05 -3.92 -28.73
N SER E 644 -33.32 -2.67 -29.13
CA SER E 644 -33.25 -2.25 -30.52
C SER E 644 -31.97 -1.46 -30.76
N TYR E 645 -31.55 -1.34 -32.01
CA TYR E 645 -30.38 -0.52 -32.37
C TYR E 645 -30.62 0.20 -33.68
N LYS F 33 0.79 -32.35 -58.20
CA LYS F 33 1.02 -31.96 -56.75
C LYS F 33 2.27 -31.08 -56.59
N ARG F 34 2.13 -30.02 -55.79
CA ARG F 34 3.20 -29.04 -55.62
C ARG F 34 3.87 -29.32 -54.29
N ILE F 35 4.99 -30.03 -54.33
CA ILE F 35 5.66 -30.46 -53.10
C ILE F 35 6.85 -29.55 -52.81
N LYS F 36 6.60 -28.52 -51.98
CA LYS F 36 7.66 -27.63 -51.51
C LYS F 36 8.43 -28.36 -50.43
N THR F 37 9.74 -28.15 -50.37
CA THR F 37 10.57 -28.81 -49.36
C THR F 37 11.18 -27.75 -48.43
N PHE F 38 11.21 -28.05 -47.13
CA PHE F 38 11.76 -27.12 -46.16
C PHE F 38 12.92 -27.78 -45.44
N GLU F 39 13.99 -27.01 -45.21
CA GLU F 39 15.16 -27.44 -44.43
C GLU F 39 15.16 -26.76 -43.08
N ILE F 40 14.96 -27.52 -42.02
CA ILE F 40 14.69 -26.92 -40.73
C ILE F 40 15.68 -27.38 -39.70
N TYR F 41 16.53 -26.47 -39.24
CA TYR F 41 17.45 -26.72 -38.14
C TYR F 41 16.68 -27.42 -37.02
N ARG F 42 17.10 -28.63 -36.69
CA ARG F 42 16.57 -29.35 -35.54
C ARG F 42 17.67 -29.41 -34.52
N PHE F 43 17.30 -29.60 -33.27
CA PHE F 43 18.28 -29.84 -32.22
C PHE F 43 17.56 -30.34 -30.97
N ASN F 44 18.12 -31.37 -30.34
CA ASN F 44 17.50 -31.94 -29.15
C ASN F 44 18.47 -31.93 -27.97
N PRO F 45 18.21 -31.09 -26.96
CA PRO F 45 19.18 -30.97 -25.89
C PRO F 45 19.17 -32.20 -25.01
N GLU F 46 18.16 -33.04 -25.18
CA GLU F 46 17.89 -34.13 -24.26
C GLU F 46 18.60 -35.40 -24.71
N GLU F 47 18.62 -35.64 -26.02
CA GLU F 47 19.40 -36.72 -26.60
C GLU F 47 20.87 -36.44 -26.26
N PRO F 48 21.55 -37.41 -25.60
CA PRO F 48 22.93 -37.20 -25.13
C PRO F 48 23.95 -37.27 -26.27
N GLY F 49 24.92 -36.35 -26.27
CA GLY F 49 25.90 -36.24 -27.35
C GLY F 49 25.33 -35.74 -28.68
N ALA F 50 24.12 -35.19 -28.65
CA ALA F 50 23.39 -34.82 -29.88
C ALA F 50 23.81 -33.44 -30.40
N LYS F 51 24.05 -33.35 -31.71
CA LYS F 51 24.48 -32.12 -32.34
C LYS F 51 23.40 -31.55 -33.26
N PRO F 52 23.46 -30.24 -33.54
CA PRO F 52 22.51 -29.70 -34.49
C PRO F 52 22.63 -30.38 -35.84
N LYS F 53 21.51 -30.48 -36.54
CA LYS F 53 21.49 -30.96 -37.92
C LYS F 53 20.43 -30.19 -38.69
N LEU F 54 20.39 -30.39 -40.00
CA LEU F 54 19.25 -29.95 -40.80
C LEU F 54 18.33 -31.13 -40.99
N GLN F 55 17.07 -30.83 -41.30
CA GLN F 55 16.09 -31.87 -41.63
C GLN F 55 15.19 -31.38 -42.74
N LYS F 56 14.98 -32.22 -43.75
CA LYS F 56 14.14 -31.85 -44.88
C LYS F 56 12.74 -32.37 -44.56
N PHE F 57 11.73 -31.61 -45.00
CA PHE F 57 10.32 -31.94 -44.77
C PHE F 57 9.59 -31.54 -46.02
N ASP F 58 8.81 -32.46 -46.58
CA ASP F 58 8.10 -32.21 -47.84
C ASP F 58 6.62 -31.93 -47.59
N VAL F 59 6.13 -30.84 -48.16
CA VAL F 59 4.82 -30.28 -47.81
C VAL F 59 4.03 -29.88 -49.05
N ASP F 60 2.83 -30.44 -49.18
CA ASP F 60 1.96 -30.13 -50.30
C ASP F 60 1.46 -28.71 -50.15
N LEU F 61 1.92 -27.80 -51.02
CA LEU F 61 1.49 -26.39 -50.94
C LEU F 61 0.01 -26.23 -51.16
N ASP F 62 -0.59 -27.16 -51.89
CA ASP F 62 -2.03 -27.12 -52.18
C ASP F 62 -2.86 -27.44 -50.95
N LYS F 63 -2.35 -28.32 -50.08
CA LYS F 63 -3.04 -28.68 -48.85
C LYS F 63 -2.66 -27.73 -47.71
N CYS F 64 -1.68 -26.85 -47.94
CA CYS F 64 -1.12 -25.99 -46.90
C CYS F 64 -1.45 -24.49 -47.06
N GLY F 65 -1.26 -23.76 -45.97
CA GLY F 65 -1.54 -22.33 -45.95
C GLY F 65 -0.55 -21.62 -46.83
N THR F 66 -0.60 -20.28 -46.78
CA THR F 66 0.24 -19.43 -47.63
C THR F 66 1.51 -18.93 -46.94
N MET F 67 1.52 -18.92 -45.61
CA MET F 67 2.64 -18.37 -44.82
C MET F 67 3.53 -19.46 -44.21
N VAL F 68 4.82 -19.16 -44.12
CA VAL F 68 5.78 -20.14 -43.64
C VAL F 68 5.28 -20.80 -42.38
N LEU F 69 4.79 -20.00 -41.43
CA LEU F 69 4.27 -20.53 -40.16
C LEU F 69 3.28 -21.66 -40.40
N ASP F 70 2.42 -21.50 -41.41
CA ASP F 70 1.42 -22.53 -41.76
C ASP F 70 2.06 -23.86 -42.09
N ALA F 71 3.19 -23.81 -42.79
CA ALA F 71 3.93 -25.03 -43.12
C ALA F 71 4.47 -25.67 -41.85
N LEU F 72 5.08 -24.87 -40.99
CA LEU F 72 5.65 -25.39 -39.75
C LEU F 72 4.60 -26.18 -38.97
N ILE F 73 3.41 -25.61 -38.85
CA ILE F 73 2.34 -26.22 -38.08
C ILE F 73 1.80 -27.52 -38.71
N LYS F 74 1.65 -27.51 -40.04
CA LYS F 74 1.28 -28.69 -40.80
C LYS F 74 2.34 -29.78 -40.58
N ILE F 75 3.60 -29.39 -40.71
CA ILE F 75 4.73 -30.29 -40.44
C ILE F 75 4.64 -30.83 -39.00
N LYS F 76 4.27 -29.98 -38.07
CA LYS F 76 4.15 -30.41 -36.68
C LYS F 76 2.94 -31.31 -36.48
N ASN F 77 1.81 -30.93 -37.08
CA ASN F 77 0.55 -31.60 -36.83
C ASN F 77 0.47 -32.91 -37.58
N GLU F 78 1.03 -32.94 -38.79
CA GLU F 78 0.82 -34.08 -39.69
C GLU F 78 2.03 -35.00 -39.81
N VAL F 79 3.25 -34.45 -39.74
CA VAL F 79 4.47 -35.18 -40.03
C VAL F 79 5.37 -35.38 -38.82
N ASP F 80 5.49 -34.39 -37.95
CA ASP F 80 6.46 -34.47 -36.87
C ASP F 80 6.10 -33.56 -35.70
N PRO F 81 5.33 -34.10 -34.75
CA PRO F 81 5.02 -33.34 -33.55
C PRO F 81 6.23 -32.95 -32.68
N THR F 82 7.42 -33.46 -32.97
CA THR F 82 8.60 -33.04 -32.20
C THR F 82 9.21 -31.72 -32.72
N LEU F 83 8.85 -31.33 -33.95
CA LEU F 83 9.30 -30.03 -34.48
C LEU F 83 8.79 -28.91 -33.58
N THR F 84 9.72 -28.15 -33.00
CA THR F 84 9.43 -27.18 -31.95
C THR F 84 9.81 -25.75 -32.34
N PHE F 85 8.84 -24.84 -32.24
CA PHE F 85 9.01 -23.41 -32.56
C PHE F 85 8.03 -22.58 -31.76
N ARG F 86 8.16 -21.25 -31.84
CA ARG F 86 7.21 -20.34 -31.18
C ARG F 86 6.18 -19.69 -32.13
N ARG F 87 4.97 -19.49 -31.62
CA ARG F 87 3.90 -18.78 -32.34
C ARG F 87 2.82 -18.32 -31.37
N SER F 88 2.01 -17.34 -31.76
CA SER F 88 0.80 -17.03 -31.00
C SER F 88 -0.27 -16.41 -31.89
N CYS F 89 -0.24 -15.08 -32.00
CA CYS F 89 -1.05 -14.33 -33.00
C CYS F 89 -0.85 -14.90 -34.40
N ARG F 90 -1.78 -14.62 -35.30
CA ARG F 90 -1.67 -15.11 -36.67
C ARG F 90 -1.35 -13.96 -37.64
N GLU F 91 -1.38 -12.73 -37.13
CA GLU F 91 -1.43 -11.51 -37.94
C GLU F 91 -0.14 -10.68 -37.88
N GLY F 92 0.95 -11.24 -37.38
CA GLY F 92 2.22 -10.55 -37.32
C GLY F 92 2.43 -9.45 -36.28
N ILE F 93 1.78 -9.56 -35.11
CA ILE F 93 1.89 -8.52 -34.05
C ILE F 93 2.56 -9.01 -32.72
N CYS F 94 2.26 -10.23 -32.28
CA CYS F 94 2.80 -10.81 -31.02
C CYS F 94 4.33 -10.79 -31.02
N GLY F 95 4.98 -11.15 -32.23
CA GLY F 95 6.42 -11.04 -32.45
C GLY F 95 7.11 -12.32 -32.03
N SER F 96 6.31 -13.37 -31.78
CA SER F 96 6.80 -14.61 -31.16
C SER F 96 7.51 -15.54 -32.15
N CYS F 97 7.16 -15.48 -33.44
CA CYS F 97 7.69 -16.44 -34.41
C CYS F 97 8.87 -15.93 -35.27
N ALA F 98 9.77 -15.15 -34.67
CA ALA F 98 10.91 -14.55 -35.38
C ALA F 98 11.96 -15.60 -35.63
N MET F 99 12.32 -15.80 -36.89
CA MET F 99 13.26 -16.86 -37.23
C MET F 99 13.96 -16.53 -38.54
N ASN F 100 14.96 -17.33 -38.93
CA ASN F 100 15.68 -17.06 -40.17
C ASN F 100 15.19 -17.90 -41.33
N ILE F 101 14.27 -17.35 -42.12
CA ILE F 101 13.74 -18.02 -43.31
C ILE F 101 14.40 -17.45 -44.54
N ALA F 102 14.96 -18.31 -45.38
CA ALA F 102 15.56 -17.92 -46.65
C ALA F 102 16.67 -16.90 -46.46
N GLY F 103 17.53 -17.15 -45.47
CA GLY F 103 18.67 -16.27 -45.18
C GLY F 103 18.37 -14.96 -44.45
N GLU F 104 17.10 -14.70 -44.19
CA GLU F 104 16.66 -13.43 -43.61
C GLU F 104 15.87 -13.63 -42.33
N ASN F 105 16.08 -12.73 -41.36
CA ASN F 105 15.25 -12.73 -40.17
C ASN F 105 13.92 -12.08 -40.46
N THR F 106 12.85 -12.76 -40.09
CA THR F 106 11.52 -12.26 -40.32
C THR F 106 10.52 -13.05 -39.47
N LEU F 107 9.23 -12.86 -39.73
CA LEU F 107 8.17 -13.50 -38.95
C LEU F 107 7.49 -14.56 -39.80
N ALA F 108 7.62 -15.81 -39.40
CA ALA F 108 7.09 -16.91 -40.21
C ALA F 108 5.64 -16.74 -40.61
N CYS F 109 4.86 -16.02 -39.80
CA CYS F 109 3.40 -15.95 -39.97
C CYS F 109 2.97 -14.90 -40.96
N ILE F 110 3.91 -14.05 -41.36
CA ILE F 110 3.64 -13.10 -42.42
C ILE F 110 4.71 -13.22 -43.50
N CYS F 111 5.39 -14.36 -43.53
CA CYS F 111 6.36 -14.62 -44.57
C CYS F 111 5.72 -15.58 -45.57
N ASN F 112 5.54 -15.11 -46.80
CA ASN F 112 4.94 -15.96 -47.79
C ASN F 112 5.81 -17.17 -48.03
N ILE F 113 5.15 -18.31 -48.22
CA ILE F 113 5.85 -19.50 -48.68
C ILE F 113 6.26 -19.21 -50.12
N ASP F 114 7.49 -19.57 -50.46
CA ASP F 114 7.94 -19.48 -51.85
C ASP F 114 7.29 -20.60 -52.65
N GLN F 115 6.51 -20.21 -53.65
CA GLN F 115 5.63 -21.14 -54.36
C GLN F 115 6.42 -22.03 -55.33
N ASN F 116 7.66 -21.60 -55.61
CA ASN F 116 8.62 -22.25 -56.52
C ASN F 116 9.25 -23.50 -55.89
N THR F 117 8.68 -24.67 -56.18
CA THR F 117 8.99 -25.92 -55.45
C THR F 117 10.39 -26.47 -55.65
N SER F 118 11.02 -26.09 -56.76
CA SER F 118 12.42 -26.44 -57.07
C SER F 118 13.50 -25.73 -56.20
N LYS F 119 13.25 -24.50 -55.72
CA LYS F 119 14.09 -23.92 -54.66
C LYS F 119 13.65 -24.61 -53.38
N THR F 120 14.56 -24.73 -52.43
CA THR F 120 14.18 -25.25 -51.11
C THR F 120 14.44 -24.19 -50.02
N THR F 121 13.38 -23.81 -49.33
CA THR F 121 13.42 -22.77 -48.29
C THR F 121 14.18 -23.30 -47.05
N LYS F 122 15.16 -22.54 -46.59
CA LYS F 122 15.96 -22.91 -45.41
C LYS F 122 15.56 -22.12 -44.17
N ILE F 123 15.22 -22.85 -43.12
CA ILE F 123 14.77 -22.26 -41.86
C ILE F 123 15.77 -22.56 -40.72
N TYR F 124 16.32 -21.48 -40.15
CA TYR F 124 17.17 -21.53 -38.97
C TYR F 124 16.55 -20.69 -37.86
N PRO F 125 17.03 -20.86 -36.59
CA PRO F 125 16.63 -19.97 -35.51
C PRO F 125 17.29 -18.61 -35.65
N LEU F 126 16.82 -17.63 -34.88
CA LEU F 126 17.46 -16.31 -34.85
C LEU F 126 18.98 -16.50 -34.73
N PRO F 127 19.75 -15.91 -35.66
CA PRO F 127 21.20 -16.02 -35.69
C PRO F 127 21.97 -15.64 -34.41
N HIS F 128 22.89 -16.54 -34.06
CA HIS F 128 23.84 -16.36 -32.97
C HIS F 128 23.23 -16.46 -31.58
N MET F 129 21.96 -16.79 -31.49
CA MET F 129 21.31 -16.95 -30.20
C MET F 129 21.53 -18.36 -29.68
N PHE F 130 21.59 -18.52 -28.37
CA PHE F 130 21.72 -19.84 -27.77
C PHE F 130 20.40 -20.55 -27.92
N VAL F 131 20.41 -21.79 -28.37
CA VAL F 131 19.13 -22.47 -28.60
C VAL F 131 18.79 -23.46 -27.49
N ILE F 132 17.54 -23.43 -27.12
CA ILE F 132 16.98 -24.37 -26.17
C ILE F 132 16.67 -25.68 -26.90
N LYS F 133 16.03 -25.55 -28.05
CA LYS F 133 15.53 -26.70 -28.81
C LYS F 133 15.07 -26.20 -30.18
N ASP F 134 15.52 -26.84 -31.25
CA ASP F 134 15.06 -26.55 -32.61
C ASP F 134 15.11 -25.04 -32.84
N LEU F 135 13.95 -24.45 -33.16
CA LEU F 135 13.86 -23.04 -33.53
C LEU F 135 13.68 -22.07 -32.35
N VAL F 136 13.63 -22.59 -31.12
CA VAL F 136 13.48 -21.77 -29.93
C VAL F 136 14.84 -21.37 -29.39
N PRO F 137 15.17 -20.05 -29.40
CA PRO F 137 16.39 -19.54 -28.74
C PRO F 137 16.17 -19.04 -27.31
N ASP F 138 17.24 -18.94 -26.53
CA ASP F 138 17.19 -18.28 -25.22
C ASP F 138 17.17 -16.76 -25.41
N MET F 139 16.11 -16.16 -24.90
CA MET F 139 15.73 -14.83 -25.27
C MET F 139 16.00 -13.84 -24.14
N ASN F 140 16.58 -14.34 -23.06
CA ASN F 140 16.54 -13.61 -21.80
C ASN F 140 17.55 -12.49 -21.67
N LEU F 141 18.68 -12.61 -22.37
CA LEU F 141 19.59 -11.47 -22.43
C LEU F 141 18.81 -10.36 -23.10
N PHE F 142 18.15 -10.71 -24.19
CA PHE F 142 17.42 -9.73 -24.98
C PHE F 142 16.37 -8.98 -24.17
N TYR F 143 15.64 -9.71 -23.33
CA TYR F 143 14.65 -9.11 -22.46
C TYR F 143 15.31 -8.25 -21.37
N ALA F 144 16.37 -8.76 -20.76
CA ALA F 144 17.01 -8.05 -19.67
C ALA F 144 17.57 -6.69 -20.09
N GLN F 145 18.06 -6.58 -21.31
CA GLN F 145 18.53 -5.30 -21.85
C GLN F 145 17.38 -4.31 -22.02
N TYR F 146 16.24 -4.79 -22.54
CA TYR F 146 15.04 -3.94 -22.67
C TYR F 146 14.59 -3.39 -21.31
N ALA F 147 14.78 -4.16 -20.23
CA ALA F 147 14.49 -3.67 -18.87
C ALA F 147 15.51 -2.62 -18.44
N SER F 148 16.76 -2.82 -18.90
CA SER F 148 17.87 -1.91 -18.57
C SER F 148 17.55 -0.46 -18.93
N ILE F 149 16.83 -0.24 -20.01
CA ILE F 149 16.53 1.13 -20.43
C ILE F 149 15.45 1.80 -19.57
N GLN F 150 14.79 1.03 -18.71
CA GLN F 150 13.66 1.51 -17.91
C GLN F 150 12.53 2.02 -18.80
N PRO F 151 11.84 1.10 -19.48
CA PRO F 151 10.80 1.45 -20.43
C PRO F 151 9.48 1.72 -19.71
N TRP F 152 9.47 2.80 -18.93
CA TRP F 152 8.27 3.28 -18.30
C TRP F 152 8.41 4.78 -18.18
N LEU F 153 7.30 5.50 -18.36
CA LEU F 153 7.33 6.94 -18.24
C LEU F 153 7.81 7.37 -16.85
N GLN F 154 8.79 8.26 -16.83
CA GLN F 154 9.28 8.90 -15.62
C GLN F 154 9.04 10.40 -15.70
N LYS F 155 8.91 11.03 -14.52
CA LYS F 155 8.65 12.45 -14.41
C LYS F 155 9.34 13.02 -13.17
N LYS F 156 10.03 14.15 -13.33
CA LYS F 156 10.74 14.76 -12.20
C LYS F 156 9.77 15.28 -11.12
N THR F 157 8.63 15.83 -11.53
CA THR F 157 7.60 16.34 -10.59
C THR F 157 6.49 15.33 -10.35
N LYS F 158 6.51 14.64 -9.20
CA LYS F 158 5.52 13.59 -8.91
C LYS F 158 4.08 14.08 -9.11
N ILE F 159 3.36 13.41 -10.00
CA ILE F 159 1.98 13.75 -10.37
C ILE F 159 1.01 12.83 -9.61
N ASN F 160 -0.25 13.25 -9.44
CA ASN F 160 -1.27 12.35 -8.91
C ASN F 160 -1.71 11.37 -9.99
N LEU F 161 -1.50 10.09 -9.71
CA LEU F 161 -1.45 9.07 -10.75
C LEU F 161 -2.61 9.13 -11.71
N GLY F 162 -3.83 8.99 -11.20
CA GLY F 162 -5.00 8.95 -12.06
C GLY F 162 -5.57 10.30 -12.44
N GLU F 163 -5.09 11.37 -11.84
CA GLU F 163 -5.89 12.58 -11.75
C GLU F 163 -6.19 13.19 -13.11
N LYS F 164 -5.18 13.29 -13.96
CA LYS F 164 -5.35 14.04 -15.21
C LYS F 164 -4.33 13.71 -16.28
N GLN F 165 -4.63 14.14 -17.48
CA GLN F 165 -3.84 13.80 -18.63
C GLN F 165 -2.64 14.72 -18.72
N GLN F 166 -1.48 14.13 -19.01
CA GLN F 166 -0.35 14.91 -19.43
C GLN F 166 -0.58 15.48 -20.85
N TYR F 167 -0.29 16.77 -21.03
CA TYR F 167 -0.39 17.42 -22.33
C TYR F 167 0.69 16.88 -23.25
N GLN F 168 0.29 16.56 -24.48
CA GLN F 168 1.21 16.25 -25.57
C GLN F 168 0.53 16.62 -26.85
N SER F 169 1.17 17.49 -27.63
CA SER F 169 0.62 17.94 -28.90
C SER F 169 0.64 16.82 -29.91
N ILE F 170 -0.14 16.97 -30.97
CA ILE F 170 -0.14 16.01 -32.05
C ILE F 170 1.25 15.94 -32.67
N LYS F 171 1.88 17.10 -32.80
CA LYS F 171 3.23 17.18 -33.37
C LYS F 171 4.20 16.28 -32.57
N GLU F 172 4.16 16.44 -31.25
CA GLU F 172 5.11 15.78 -30.34
C GLU F 172 4.97 14.26 -30.30
N GLN F 173 3.74 13.77 -30.30
CA GLN F 173 3.49 12.34 -30.15
C GLN F 173 3.69 11.57 -31.45
N GLU F 174 3.65 12.24 -32.58
CA GLU F 174 4.00 11.59 -33.85
C GLU F 174 5.50 11.30 -33.97
N LYS F 175 6.31 11.92 -33.13
CA LYS F 175 7.73 11.57 -33.03
C LYS F 175 7.85 10.13 -32.57
N LEU F 176 6.83 9.69 -31.83
CA LEU F 176 6.69 8.31 -31.44
C LEU F 176 6.26 7.35 -32.57
N ASP F 177 5.68 7.85 -33.67
CA ASP F 177 5.40 6.98 -34.82
C ASP F 177 6.71 6.50 -35.38
N GLY F 178 6.74 5.24 -35.81
CA GLY F 178 7.94 4.55 -36.30
C GLY F 178 8.80 3.99 -35.18
N LEU F 179 8.37 4.20 -33.95
CA LEU F 179 9.09 3.81 -32.75
C LEU F 179 8.25 2.86 -31.89
N TYR F 180 7.09 3.32 -31.43
CA TYR F 180 6.21 2.53 -30.54
C TYR F 180 5.65 1.25 -31.17
N GLU F 181 5.61 1.19 -32.50
CA GLU F 181 5.15 0.01 -33.22
C GLU F 181 5.97 -1.24 -32.94
N CYS F 182 7.25 -1.06 -32.60
CA CYS F 182 8.17 -2.17 -32.34
C CYS F 182 7.56 -3.26 -31.46
N ILE F 183 7.72 -4.52 -31.85
CA ILE F 183 7.02 -5.65 -31.20
C ILE F 183 7.95 -6.60 -30.41
N LEU F 184 9.22 -6.22 -30.30
CA LEU F 184 10.19 -6.98 -29.53
C LEU F 184 10.39 -8.42 -30.04
N CYS F 185 10.43 -8.57 -31.37
CA CYS F 185 10.63 -9.87 -32.02
C CYS F 185 12.12 -10.21 -32.16
N ALA F 186 12.93 -9.17 -32.13
CA ALA F 186 14.38 -9.27 -32.14
C ALA F 186 14.96 -9.83 -33.43
N CYS F 187 14.22 -9.69 -34.52
CA CYS F 187 14.74 -9.96 -35.86
C CYS F 187 15.93 -9.08 -36.24
N CYS F 188 15.89 -7.83 -35.80
CA CYS F 188 16.94 -6.87 -36.15
C CYS F 188 18.21 -7.03 -35.32
N SER F 189 18.07 -7.20 -34.00
CA SER F 189 19.22 -7.39 -33.11
C SER F 189 19.95 -8.69 -33.43
N ALA F 190 19.21 -9.74 -33.81
CA ALA F 190 19.82 -11.01 -34.22
C ALA F 190 20.28 -11.00 -35.69
N SER F 191 20.10 -9.88 -36.39
CA SER F 191 20.68 -9.69 -37.71
C SER F 191 21.91 -8.77 -37.68
N CYS F 192 22.21 -8.22 -36.50
CA CYS F 192 23.34 -7.28 -36.32
C CYS F 192 24.63 -8.04 -36.03
N PRO F 193 25.59 -7.97 -36.95
CA PRO F 193 26.85 -8.62 -36.66
C PRO F 193 27.49 -8.12 -35.35
N SER F 194 27.38 -6.83 -35.06
CA SER F 194 28.01 -6.27 -33.87
C SER F 194 27.37 -6.78 -32.57
N TYR F 195 26.08 -7.06 -32.62
CA TYR F 195 25.40 -7.68 -31.50
C TYR F 195 25.80 -9.15 -31.41
N TRP F 196 26.03 -9.79 -32.56
CA TRP F 196 26.49 -11.18 -32.60
C TRP F 196 27.76 -11.35 -31.77
N TRP F 197 28.76 -10.51 -32.05
CA TRP F 197 30.06 -10.60 -31.40
C TRP F 197 30.08 -10.08 -29.95
N ASN F 198 29.37 -8.99 -29.66
CA ASN F 198 29.32 -8.42 -28.29
C ASN F 198 27.90 -8.14 -27.81
N ALA F 199 27.05 -9.15 -27.92
CA ALA F 199 25.70 -9.07 -27.38
C ALA F 199 25.69 -8.65 -25.90
N ASP F 200 26.75 -8.95 -25.17
CA ASP F 200 26.74 -8.74 -23.73
C ASP F 200 27.00 -7.30 -23.34
N LYS F 201 27.42 -6.47 -24.30
CA LYS F 201 27.76 -5.07 -23.98
C LYS F 201 27.06 -4.06 -24.87
N TYR F 202 27.00 -4.33 -26.18
CA TYR F 202 26.15 -3.56 -27.10
C TYR F 202 24.69 -3.97 -26.94
N LEU F 203 23.81 -2.98 -26.74
CA LEU F 203 22.39 -3.24 -26.46
C LEU F 203 21.64 -3.75 -27.69
N GLY F 204 22.12 -3.39 -28.88
CA GLY F 204 21.54 -3.86 -30.12
C GLY F 204 20.47 -2.91 -30.62
N PRO F 205 20.10 -3.01 -31.91
CA PRO F 205 19.14 -2.09 -32.55
C PRO F 205 17.78 -1.99 -31.86
N ALA F 206 17.21 -3.14 -31.50
CA ALA F 206 15.92 -3.21 -30.84
C ALA F 206 15.88 -2.40 -29.55
N VAL F 207 16.77 -2.73 -28.63
CA VAL F 207 16.76 -2.09 -27.33
C VAL F 207 17.12 -0.61 -27.43
N LEU F 208 17.96 -0.24 -28.39
CA LEU F 208 18.36 1.15 -28.54
C LEU F 208 17.26 2.00 -29.13
N MET F 209 16.49 1.45 -30.08
CA MET F 209 15.38 2.21 -30.62
C MET F 209 14.37 2.42 -29.54
N GLN F 210 14.24 1.45 -28.65
CA GLN F 210 13.26 1.58 -27.56
C GLN F 210 13.73 2.51 -26.47
N ALA F 211 15.05 2.58 -26.28
CA ALA F 211 15.62 3.59 -25.39
C ALA F 211 15.29 4.97 -25.95
N TYR F 212 15.33 5.06 -27.29
CA TYR F 212 15.06 6.30 -27.97
C TYR F 212 13.60 6.70 -27.80
N ARG F 213 12.70 5.74 -27.96
CA ARG F 213 11.27 5.96 -27.80
C ARG F 213 10.92 6.72 -26.53
N TRP F 214 11.67 6.49 -25.45
CA TRP F 214 11.46 7.22 -24.17
C TRP F 214 12.29 8.51 -24.06
N ILE F 215 13.40 8.56 -24.80
CA ILE F 215 14.16 9.79 -24.87
C ILE F 215 13.33 10.93 -25.49
N ILE F 216 12.83 10.78 -26.74
CA ILE F 216 12.05 11.86 -27.44
C ILE F 216 10.56 12.00 -27.07
N ASP F 217 10.07 11.15 -26.17
CA ASP F 217 8.71 11.32 -25.65
C ASP F 217 8.70 12.65 -24.90
N SER F 218 8.05 13.64 -25.49
CA SER F 218 7.92 14.96 -24.88
C SER F 218 7.52 14.88 -23.40
N ARG F 219 6.75 13.86 -23.05
CA ARG F 219 6.18 13.73 -21.72
C ARG F 219 7.19 13.30 -20.65
N ASP F 220 8.34 12.76 -21.08
CA ASP F 220 9.32 12.16 -20.15
C ASP F 220 10.44 13.14 -19.77
N ASP F 221 10.65 13.29 -18.47
CA ASP F 221 11.55 14.30 -17.94
C ASP F 221 13.02 13.89 -17.80
N SER F 222 13.35 12.65 -18.15
CA SER F 222 14.66 12.05 -17.81
C SER F 222 15.62 11.82 -18.99
N ALA F 223 15.46 12.53 -20.11
CA ALA F 223 16.37 12.34 -21.24
C ALA F 223 17.83 12.23 -20.79
N ALA F 224 18.25 13.10 -19.88
CA ALA F 224 19.63 13.14 -19.35
C ALA F 224 20.06 11.77 -18.87
N GLU F 225 19.30 11.24 -17.93
CA GLU F 225 19.64 10.02 -17.22
C GLU F 225 19.52 8.78 -18.09
N ARG F 226 18.80 8.90 -19.20
CA ARG F 226 18.61 7.82 -20.17
C ARG F 226 19.74 7.81 -21.19
N LEU F 227 20.26 8.99 -21.50
CA LEU F 227 21.48 9.10 -22.30
C LEU F 227 22.69 8.79 -21.42
N ALA F 228 22.61 9.19 -20.15
CA ALA F 228 23.62 8.87 -19.14
C ALA F 228 23.92 7.38 -19.08
N ARG F 229 22.89 6.55 -19.29
CA ARG F 229 23.02 5.09 -19.16
C ARG F 229 23.69 4.40 -20.33
N MET F 230 23.88 5.09 -21.45
CA MET F 230 24.63 4.51 -22.58
C MET F 230 25.72 5.45 -23.12
N GLN F 231 26.31 6.21 -22.18
CA GLN F 231 27.47 7.07 -22.43
C GLN F 231 28.73 6.28 -22.84
N ASP F 232 28.99 5.15 -22.18
CA ASP F 232 30.15 4.29 -22.51
C ASP F 232 30.24 3.89 -24.00
N GLY F 233 31.44 3.45 -24.40
CA GLY F 233 31.77 3.22 -25.81
C GLY F 233 31.25 1.95 -26.45
N PHE F 234 30.57 1.12 -25.67
CA PHE F 234 29.94 -0.10 -26.17
C PHE F 234 28.42 -0.02 -26.27
N SER F 235 27.77 0.35 -25.17
CA SER F 235 26.29 0.34 -25.08
C SER F 235 25.59 0.72 -26.37
N ALA F 236 25.71 1.98 -26.76
CA ALA F 236 25.13 2.48 -28.00
C ALA F 236 26.16 2.61 -29.14
N PHE F 237 27.41 2.90 -28.78
CA PHE F 237 28.43 3.28 -29.76
C PHE F 237 29.04 2.16 -30.61
N LYS F 238 28.78 0.92 -30.23
CA LYS F 238 29.26 -0.22 -31.00
C LYS F 238 28.36 -0.50 -32.23
N CYS F 239 27.52 0.49 -32.57
CA CYS F 239 26.77 0.49 -33.82
C CYS F 239 27.69 1.01 -34.89
N HIS F 240 28.11 0.11 -35.77
CA HIS F 240 29.01 0.44 -36.86
C HIS F 240 28.27 0.59 -38.18
N THR F 241 27.01 0.98 -38.10
CA THR F 241 26.21 1.36 -39.22
C THR F 241 26.09 0.30 -40.25
N ILE F 242 25.98 -0.94 -39.85
CA ILE F 242 25.86 -2.00 -40.83
C ILE F 242 24.60 -1.83 -41.61
N MET F 243 23.51 -1.55 -40.92
CA MET F 243 22.23 -1.35 -41.56
C MET F 243 21.34 -2.53 -41.84
N ASN F 244 21.67 -3.71 -41.35
CA ASN F 244 20.84 -4.91 -41.49
C ASN F 244 19.52 -4.83 -40.78
N CYS F 245 19.55 -4.23 -39.62
CA CYS F 245 18.42 -4.11 -38.72
C CYS F 245 17.28 -3.45 -39.44
N THR F 246 17.52 -2.25 -39.94
CA THR F 246 16.50 -1.55 -40.68
C THR F 246 16.10 -2.33 -41.93
N LYS F 247 17.06 -3.00 -42.56
CA LYS F 247 16.78 -3.83 -43.72
C LYS F 247 15.93 -5.07 -43.41
N THR F 248 16.06 -5.65 -42.21
CA THR F 248 15.35 -6.91 -41.88
C THR F 248 14.00 -6.73 -41.18
N CYS F 249 13.77 -5.57 -40.59
CA CYS F 249 12.61 -5.38 -39.74
C CYS F 249 11.29 -5.73 -40.43
N PRO F 250 10.65 -6.81 -40.00
CA PRO F 250 9.39 -7.18 -40.62
C PRO F 250 8.24 -6.20 -40.33
N LYS F 251 8.49 -5.15 -39.56
CA LYS F 251 7.50 -4.10 -39.34
C LYS F 251 7.93 -2.79 -40.01
N HIS F 252 8.93 -2.88 -40.89
CA HIS F 252 9.37 -1.75 -41.70
C HIS F 252 9.71 -0.51 -40.88
N LEU F 253 10.19 -0.76 -39.65
CA LEU F 253 10.73 0.28 -38.77
C LEU F 253 12.25 0.44 -39.01
N ASN F 254 12.84 1.42 -38.35
CA ASN F 254 14.19 1.84 -38.68
C ASN F 254 14.96 2.14 -37.41
N PRO F 255 15.54 1.10 -36.80
CA PRO F 255 16.33 1.30 -35.58
C PRO F 255 17.64 2.02 -35.86
N ALA F 256 18.17 1.77 -37.06
CA ALA F 256 19.42 2.37 -37.53
C ALA F 256 19.34 3.89 -37.47
N ARG F 257 18.21 4.43 -37.92
CA ARG F 257 17.93 5.87 -37.86
C ARG F 257 17.93 6.30 -36.41
N ALA F 258 17.23 5.56 -35.57
CA ALA F 258 17.06 5.97 -34.18
C ALA F 258 18.33 5.85 -33.37
N ILE F 259 19.23 4.93 -33.73
CA ILE F 259 20.53 4.87 -33.06
C ILE F 259 21.33 6.10 -33.42
N GLY F 260 21.40 6.39 -34.72
CA GLY F 260 22.08 7.59 -35.20
C GLY F 260 21.61 8.84 -34.46
N GLU F 261 20.31 8.89 -34.18
CA GLU F 261 19.75 10.02 -33.47
C GLU F 261 20.22 9.97 -32.01
N ILE F 262 20.34 8.76 -31.46
CA ILE F 262 20.92 8.59 -30.13
C ILE F 262 22.38 9.02 -30.10
N LYS F 263 23.11 8.74 -31.18
CA LYS F 263 24.49 9.19 -31.29
C LYS F 263 24.54 10.71 -31.28
N MET F 264 23.77 11.35 -32.16
CA MET F 264 23.72 12.81 -32.16
C MET F 264 23.48 13.38 -30.77
N LEU F 265 22.45 12.89 -30.10
CA LEU F 265 22.15 13.31 -28.72
C LEU F 265 23.30 13.08 -27.76
N LEU F 266 23.98 11.95 -27.92
CA LEU F 266 25.05 11.54 -27.02
C LEU F 266 26.30 12.42 -27.12
N THR F 267 26.55 12.91 -28.33
CA THR F 267 27.73 13.71 -28.60
C THR F 267 27.43 15.21 -28.47
N LYS F 268 26.26 15.53 -27.90
CA LYS F 268 25.81 16.91 -27.70
C LYS F 268 25.68 17.71 -29.00
N MET F 269 25.75 17.01 -30.14
CA MET F 269 25.50 17.63 -31.45
C MET F 269 24.05 18.05 -31.56
N LYS F 270 23.18 17.34 -30.86
CA LYS F 270 21.78 17.72 -30.76
C LYS F 270 21.34 17.65 -29.31
N THR F 271 20.24 18.34 -29.04
CA THR F 271 19.52 18.11 -27.80
C THR F 271 18.03 18.07 -28.08
N LYS F 272 17.33 17.51 -27.10
CA LYS F 272 15.92 17.22 -27.18
C LYS F 272 15.17 18.51 -26.84
N PRO F 273 14.24 18.94 -27.70
CA PRO F 273 13.40 20.11 -27.42
C PRO F 273 12.80 20.11 -26.01
N ALA F 274 12.37 21.27 -25.53
CA ALA F 274 11.59 21.31 -24.30
C ALA F 274 10.14 21.06 -24.70
N PRO F 275 9.38 20.35 -23.84
CA PRO F 275 8.01 20.03 -24.22
C PRO F 275 7.19 21.30 -24.42
N LEU F 276 6.38 21.33 -25.46
CA LEU F 276 5.51 22.48 -25.72
C LEU F 276 4.71 22.75 -24.44
N PRO F 277 4.42 24.03 -24.13
CA PRO F 277 3.91 24.37 -22.81
C PRO F 277 2.44 24.02 -22.69
N THR F 278 2.08 23.43 -21.57
CA THR F 278 0.72 22.92 -21.38
C THR F 278 -0.32 24.07 -21.38
N PRO F 279 -1.16 24.20 -22.43
CA PRO F 279 -2.11 25.33 -22.59
C PRO F 279 -2.92 25.63 -21.33
N ALA F 280 -3.60 26.78 -21.31
CA ALA F 280 -4.12 27.35 -20.05
C ALA F 280 -5.48 26.77 -19.58
N ASN F 281 -6.34 26.41 -20.52
CA ASN F 281 -7.66 25.85 -20.17
C ASN F 281 -7.63 24.32 -20.11
N PHE F 282 -6.47 23.73 -20.38
CA PHE F 282 -6.27 22.26 -20.45
C PHE F 282 -6.41 21.59 -19.09
N GLU G 34 35.06 0.48 -16.56
CA GLU G 34 33.98 -0.11 -15.72
C GLU G 34 32.84 -0.62 -16.62
N LYS G 35 31.85 -1.31 -16.07
CA LYS G 35 30.69 -1.80 -16.85
C LYS G 35 29.38 -1.30 -16.25
N THR G 36 28.36 -1.08 -17.08
CA THR G 36 27.02 -0.79 -16.58
C THR G 36 26.49 -2.05 -15.92
N PRO G 37 25.56 -1.91 -14.96
CA PRO G 37 25.07 -3.11 -14.27
C PRO G 37 24.54 -4.21 -15.21
N ILE G 38 23.91 -3.79 -16.32
CA ILE G 38 23.41 -4.73 -17.34
C ILE G 38 24.53 -5.52 -18.03
N GLN G 39 25.65 -4.85 -18.30
CA GLN G 39 26.81 -5.50 -18.92
C GLN G 39 27.47 -6.55 -18.02
N VAL G 40 27.34 -6.36 -16.71
CA VAL G 40 27.76 -7.37 -15.74
C VAL G 40 26.75 -8.51 -15.81
N TRP G 41 25.47 -8.19 -15.62
CA TRP G 41 24.42 -9.19 -15.71
C TRP G 41 24.63 -10.03 -16.98
N GLY G 42 24.84 -9.35 -18.10
CA GLY G 42 25.03 -10.00 -19.40
C GLY G 42 26.23 -10.93 -19.50
N TRP G 43 27.34 -10.56 -18.88
CA TRP G 43 28.49 -11.43 -18.88
C TRP G 43 28.11 -12.69 -18.12
N ASP G 44 27.68 -12.53 -16.88
CA ASP G 44 27.28 -13.68 -16.06
C ASP G 44 26.21 -14.52 -16.80
N TYR G 45 25.46 -13.89 -17.72
CA TYR G 45 24.55 -14.61 -18.62
C TYR G 45 25.36 -15.51 -19.55
N LEU G 46 26.26 -14.93 -20.33
CA LEU G 46 27.09 -15.72 -21.23
C LEU G 46 27.71 -16.94 -20.55
N MET G 47 28.15 -16.81 -19.30
CA MET G 47 28.76 -17.93 -18.58
C MET G 47 27.75 -19.04 -18.30
N ARG G 48 26.55 -18.68 -17.83
CA ARG G 48 25.44 -19.65 -17.70
C ARG G 48 25.13 -20.38 -19.00
N GLN G 49 25.23 -19.66 -20.12
CA GLN G 49 24.94 -20.22 -21.44
C GLN G 49 26.02 -21.19 -21.91
N ARG G 50 27.29 -20.82 -21.72
CA ARG G 50 28.40 -21.75 -21.93
C ARG G 50 28.16 -23.00 -21.09
N ALA G 51 27.86 -22.79 -19.81
CA ALA G 51 27.65 -23.86 -18.84
C ALA G 51 26.67 -24.90 -19.34
N LEU G 52 25.57 -24.48 -19.94
CA LEU G 52 24.54 -25.42 -20.37
C LEU G 52 24.93 -26.14 -21.67
N LYS G 53 26.09 -25.81 -22.24
CA LYS G 53 26.55 -26.39 -23.51
C LYS G 53 25.51 -26.26 -24.62
N ARG G 54 24.90 -25.07 -24.73
CA ARG G 54 23.89 -24.79 -25.76
C ARG G 54 24.52 -24.31 -27.06
N PRO G 55 24.11 -24.88 -28.20
CA PRO G 55 24.70 -24.42 -29.46
C PRO G 55 24.35 -22.96 -29.79
N ILE G 56 25.28 -22.24 -30.39
CA ILE G 56 25.04 -20.87 -30.83
C ILE G 56 24.51 -20.94 -32.25
N ALA G 57 23.29 -20.47 -32.47
CA ALA G 57 22.63 -20.65 -33.77
C ALA G 57 23.48 -20.13 -34.90
N PRO G 58 23.41 -20.80 -36.07
CA PRO G 58 24.13 -20.34 -37.26
C PRO G 58 23.91 -18.86 -37.62
N HIS G 59 24.96 -18.23 -38.16
CA HIS G 59 24.96 -16.79 -38.46
C HIS G 59 25.60 -16.48 -39.82
N LEU G 60 26.93 -16.33 -39.89
CA LEU G 60 27.58 -15.91 -41.14
C LEU G 60 27.39 -16.90 -42.28
N THR G 61 27.41 -18.18 -41.94
CA THR G 61 27.28 -19.27 -42.93
C THR G 61 25.86 -19.40 -43.54
N ILE G 62 24.84 -18.91 -42.83
CA ILE G 62 23.44 -19.04 -43.28
C ILE G 62 22.77 -17.75 -43.75
N TYR G 63 23.31 -16.61 -43.35
CA TYR G 63 22.62 -15.35 -43.56
C TYR G 63 22.76 -14.93 -45.01
N LYS G 64 21.79 -14.16 -45.49
CA LYS G 64 21.72 -13.78 -46.90
C LYS G 64 22.76 -12.72 -47.25
N PRO G 65 23.33 -12.80 -48.47
CA PRO G 65 24.13 -11.67 -48.93
C PRO G 65 23.26 -10.42 -49.06
N GLN G 66 23.69 -9.29 -48.50
CA GLN G 66 22.93 -8.04 -48.60
C GLN G 66 23.87 -6.85 -48.68
N MET G 67 23.51 -5.90 -49.55
CA MET G 67 24.33 -4.69 -49.80
C MET G 67 24.53 -3.85 -48.54
N THR G 68 23.77 -4.17 -47.49
CA THR G 68 23.95 -3.51 -46.21
C THR G 68 25.29 -3.87 -45.58
N TRP G 69 25.62 -5.17 -45.58
CA TRP G 69 26.83 -5.71 -44.90
C TRP G 69 28.00 -6.05 -45.80
N MET G 70 27.69 -6.49 -47.01
CA MET G 70 28.72 -6.67 -48.03
C MET G 70 29.54 -5.38 -48.11
N VAL G 71 28.85 -4.24 -48.23
CA VAL G 71 29.50 -2.93 -48.30
C VAL G 71 30.12 -2.48 -46.95
N SER G 72 29.62 -2.94 -45.80
CA SER G 72 30.29 -2.64 -44.51
C SER G 72 31.56 -3.45 -44.42
N GLY G 73 31.42 -4.76 -44.59
CA GLY G 73 32.59 -5.66 -44.65
C GLY G 73 33.72 -5.14 -45.51
N LEU G 74 33.38 -4.58 -46.68
CA LEU G 74 34.37 -3.96 -47.57
C LEU G 74 35.05 -2.74 -46.92
N HIS G 75 34.23 -1.80 -46.45
CA HIS G 75 34.72 -0.61 -45.75
C HIS G 75 35.70 -0.93 -44.63
N ARG G 76 35.41 -2.00 -43.89
CA ARG G 76 36.30 -2.45 -42.81
C ARG G 76 37.55 -3.06 -43.39
N VAL G 77 37.38 -3.93 -44.40
CA VAL G 77 38.54 -4.58 -45.03
C VAL G 77 39.46 -3.58 -45.73
N THR G 78 38.89 -2.58 -46.39
CA THR G 78 39.71 -1.55 -47.04
C THR G 78 40.48 -0.72 -46.02
N GLY G 79 39.84 -0.38 -44.90
CA GLY G 79 40.51 0.38 -43.85
C GLY G 79 41.65 -0.39 -43.19
N CYS G 80 41.42 -1.67 -42.94
CA CYS G 80 42.42 -2.55 -42.35
C CYS G 80 43.52 -2.91 -43.37
N ALA G 81 43.12 -3.20 -44.60
CA ALA G 81 44.09 -3.49 -45.66
C ALA G 81 45.08 -2.36 -45.84
N MET G 82 44.58 -1.14 -45.77
CA MET G 82 45.41 0.04 -45.98
C MET G 82 46.35 0.24 -44.79
N ALA G 83 45.83 0.19 -43.57
CA ALA G 83 46.64 0.41 -42.36
C ALA G 83 47.72 -0.66 -42.22
N GLY G 84 47.40 -1.87 -42.67
CA GLY G 84 48.36 -2.97 -42.75
C GLY G 84 49.43 -2.67 -43.76
N THR G 85 49.01 -2.27 -44.97
CA THR G 85 49.93 -1.85 -46.03
C THR G 85 50.93 -0.82 -45.52
N LEU G 86 50.42 0.21 -44.84
CA LEU G 86 51.26 1.26 -44.28
C LEU G 86 52.17 0.78 -43.16
N LEU G 87 51.73 -0.20 -42.38
CA LEU G 87 52.56 -0.71 -41.28
C LEU G 87 53.64 -1.63 -41.79
N ILE G 88 53.25 -2.61 -42.62
CA ILE G 88 54.21 -3.51 -43.28
C ILE G 88 55.24 -2.69 -44.04
N GLY G 89 54.83 -1.58 -44.64
CA GLY G 89 55.69 -0.77 -45.52
C GLY G 89 56.61 0.26 -44.88
N GLY G 90 56.18 0.90 -43.80
CA GLY G 90 57.02 1.90 -43.12
C GLY G 90 58.07 1.24 -42.26
N VAL G 91 57.60 0.42 -41.33
CA VAL G 91 58.44 -0.48 -40.54
C VAL G 91 59.18 -1.45 -41.45
N GLY G 92 58.59 -1.78 -42.59
CA GLY G 92 59.21 -2.70 -43.54
C GLY G 92 60.53 -2.19 -44.08
N PHE G 93 60.48 -1.04 -44.75
CA PHE G 93 61.67 -0.49 -45.42
C PHE G 93 62.70 0.11 -44.45
N SER G 94 62.37 0.14 -43.15
CA SER G 94 63.34 0.48 -42.10
C SER G 94 64.11 -0.77 -41.60
N VAL G 95 63.44 -1.69 -40.91
CA VAL G 95 64.10 -2.90 -40.40
C VAL G 95 64.93 -3.57 -41.49
N LEU G 96 64.54 -3.39 -42.75
CA LEU G 96 65.27 -3.94 -43.91
C LEU G 96 66.30 -2.95 -44.51
N PRO G 97 67.44 -3.49 -45.03
CA PRO G 97 68.50 -2.71 -45.67
C PRO G 97 68.05 -2.12 -47.01
N LEU G 98 67.01 -2.71 -47.58
CA LEU G 98 66.36 -2.23 -48.81
C LEU G 98 65.81 -0.81 -48.63
N ASP G 99 65.83 -0.05 -49.72
CA ASP G 99 65.18 1.26 -49.80
C ASP G 99 64.09 1.20 -50.87
N PHE G 100 63.26 2.24 -50.96
CA PHE G 100 62.12 2.20 -51.87
C PHE G 100 62.59 2.23 -53.33
N THR G 101 63.52 3.13 -53.63
CA THR G 101 64.01 3.31 -55.01
C THR G 101 64.39 1.99 -55.71
N THR G 102 65.10 1.12 -55.01
CA THR G 102 65.55 -0.16 -55.58
C THR G 102 64.39 -1.17 -55.80
N PHE G 103 63.31 -1.03 -55.02
CA PHE G 103 62.14 -1.89 -55.20
C PHE G 103 61.53 -1.68 -56.59
N VAL G 104 61.40 -0.43 -57.00
CA VAL G 104 60.82 -0.07 -58.30
C VAL G 104 61.57 -0.76 -59.46
N GLU G 105 62.88 -0.94 -59.27
CA GLU G 105 63.70 -1.71 -60.20
C GLU G 105 63.30 -3.19 -60.19
N PHE G 106 63.37 -3.84 -59.03
CA PHE G 106 63.15 -5.31 -58.96
C PHE G 106 61.82 -5.73 -59.57
N ILE G 107 60.80 -4.88 -59.47
CA ILE G 107 59.48 -5.20 -60.07
C ILE G 107 59.46 -4.95 -61.60
N ARG G 108 60.11 -3.87 -62.04
CA ARG G 108 60.21 -3.53 -63.46
C ARG G 108 60.98 -4.56 -64.28
N GLY G 109 62.11 -4.99 -63.72
CA GLY G 109 63.02 -5.95 -64.36
C GLY G 109 62.52 -7.38 -64.43
N LEU G 110 61.26 -7.61 -64.05
CA LEU G 110 60.55 -8.84 -64.40
C LEU G 110 59.85 -8.69 -65.75
N GLY G 111 59.79 -7.46 -66.26
CA GLY G 111 59.17 -7.16 -67.54
C GLY G 111 57.72 -7.60 -67.55
N ILE G 112 56.95 -7.13 -66.56
CA ILE G 112 55.51 -7.41 -66.49
C ILE G 112 54.75 -6.45 -67.43
N PRO G 113 53.72 -6.97 -68.14
CA PRO G 113 53.05 -6.24 -69.23
C PRO G 113 52.54 -4.82 -68.94
N TRP G 114 51.93 -4.22 -69.94
CA TRP G 114 51.41 -2.87 -69.82
C TRP G 114 50.12 -2.85 -68.97
N VAL G 115 49.20 -3.79 -69.25
CA VAL G 115 47.90 -3.87 -68.57
C VAL G 115 48.06 -4.26 -67.10
N ILE G 116 48.71 -5.39 -66.85
CA ILE G 116 48.79 -5.98 -65.49
C ILE G 116 49.30 -4.98 -64.43
N LEU G 117 50.08 -4.00 -64.84
CA LEU G 117 50.54 -2.93 -63.95
C LEU G 117 49.43 -1.94 -63.59
N ASP G 118 48.59 -1.59 -64.56
CA ASP G 118 47.47 -0.67 -64.34
C ASP G 118 46.37 -1.30 -63.47
N THR G 119 46.14 -2.60 -63.66
CA THR G 119 45.31 -3.39 -62.75
C THR G 119 45.78 -3.26 -61.30
N PHE G 120 47.10 -3.31 -61.09
CA PHE G 120 47.66 -3.19 -59.74
C PHE G 120 47.61 -1.74 -59.23
N LYS G 121 47.72 -0.75 -60.11
CA LYS G 121 47.54 0.65 -59.69
C LYS G 121 46.11 0.90 -59.23
N PHE G 122 45.16 0.24 -59.90
CA PHE G 122 43.72 0.29 -59.58
C PHE G 122 43.44 -0.39 -58.23
N ILE G 123 43.96 -1.59 -58.05
CA ILE G 123 43.88 -2.29 -56.76
C ILE G 123 44.52 -1.47 -55.61
N ILE G 124 45.26 -0.41 -55.95
CA ILE G 124 45.82 0.51 -54.94
C ILE G 124 44.90 1.71 -54.73
N ALA G 125 44.31 2.21 -55.82
CA ALA G 125 43.45 3.39 -55.75
C ALA G 125 42.07 3.07 -55.19
N PHE G 126 41.45 2.02 -55.72
CA PHE G 126 40.05 1.70 -55.41
C PHE G 126 39.74 1.60 -53.92
N PRO G 127 40.57 0.88 -53.13
CA PRO G 127 40.31 0.84 -51.69
C PRO G 127 40.38 2.23 -51.06
N ILE G 128 41.24 3.09 -51.57
CA ILE G 128 41.37 4.43 -51.00
C ILE G 128 40.08 5.20 -51.23
N ALA G 129 39.64 5.27 -52.48
CA ALA G 129 38.49 6.09 -52.88
C ALA G 129 37.15 5.57 -52.35
N PHE G 130 36.95 4.24 -52.40
CA PHE G 130 35.74 3.63 -51.83
C PHE G 130 35.66 3.98 -50.36
N HIS G 131 36.61 3.46 -49.59
CA HIS G 131 36.68 3.78 -48.20
C HIS G 131 36.46 5.27 -47.96
N THR G 132 37.07 6.13 -48.76
CA THR G 132 36.96 7.58 -48.51
C THR G 132 35.50 8.04 -48.65
N LEU G 133 34.89 7.70 -49.79
CA LEU G 133 33.50 8.09 -50.09
C LEU G 133 32.53 7.42 -49.12
N ASN G 134 32.64 6.09 -49.04
CA ASN G 134 31.79 5.31 -48.13
C ASN G 134 31.94 5.74 -46.68
N GLY G 135 33.10 6.30 -46.35
CA GLY G 135 33.35 6.84 -45.03
C GLY G 135 32.52 8.08 -44.75
N ILE G 136 32.19 8.84 -45.80
CA ILE G 136 31.31 10.01 -45.63
C ILE G 136 29.87 9.50 -45.54
N ARG G 137 29.52 8.51 -46.36
CA ARG G 137 28.18 7.89 -46.31
C ARG G 137 27.86 7.48 -44.88
N PHE G 138 28.77 6.69 -44.30
CA PHE G 138 28.69 6.18 -42.92
C PHE G 138 28.61 7.27 -41.86
N ILE G 139 29.37 8.36 -42.04
CA ILE G 139 29.26 9.50 -41.14
C ILE G 139 27.86 10.09 -41.23
N GLY G 140 27.27 10.05 -42.43
CA GLY G 140 25.85 10.33 -42.59
C GLY G 140 25.00 9.42 -41.70
N PHE G 141 25.16 8.12 -41.90
CA PHE G 141 24.40 7.16 -41.10
C PHE G 141 24.53 7.40 -39.59
N ASP G 142 25.65 8.01 -39.19
CA ASP G 142 25.87 8.38 -37.79
C ASP G 142 25.02 9.58 -37.39
N MET G 143 24.63 10.40 -38.34
CA MET G 143 23.81 11.60 -38.05
C MET G 143 22.36 11.42 -38.51
N ALA G 144 21.91 10.18 -38.59
CA ALA G 144 20.53 9.87 -38.99
C ALA G 144 20.26 10.07 -40.48
N LYS G 145 21.24 10.55 -41.23
CA LYS G 145 21.02 10.98 -42.60
C LYS G 145 21.14 9.83 -43.62
N GLY G 146 20.12 9.65 -44.43
CA GLY G 146 20.16 8.66 -45.52
C GLY G 146 19.79 7.24 -45.14
N THR G 147 19.16 7.07 -43.97
CA THR G 147 18.96 5.75 -43.39
C THR G 147 17.70 5.01 -43.82
N ASP G 148 16.94 5.57 -44.75
CA ASP G 148 15.80 4.83 -45.28
C ASP G 148 16.34 3.82 -46.28
N ILE G 149 15.73 2.64 -46.34
CA ILE G 149 16.23 1.57 -47.20
C ILE G 149 16.50 2.05 -48.63
N PRO G 150 15.53 2.75 -49.26
CA PRO G 150 15.82 3.29 -50.59
C PRO G 150 17.12 4.10 -50.70
N SER G 151 17.36 5.01 -49.74
CA SER G 151 18.60 5.77 -49.72
C SER G 151 19.81 4.88 -49.46
N ILE G 152 19.68 3.93 -48.53
CA ILE G 152 20.79 3.04 -48.21
C ILE G 152 21.32 2.38 -49.48
N TYR G 153 20.42 1.99 -50.38
CA TYR G 153 20.81 1.25 -51.58
C TYR G 153 21.34 2.14 -52.72
N ARG G 154 20.82 3.35 -52.87
CA ARG G 154 21.43 4.29 -53.81
C ARG G 154 22.81 4.64 -53.30
N GLY G 155 22.88 5.12 -52.07
CA GLY G 155 24.16 5.39 -51.41
C GLY G 155 25.21 4.34 -51.72
N ALA G 156 24.89 3.08 -51.44
CA ALA G 156 25.79 1.97 -51.70
C ALA G 156 26.27 1.96 -53.15
N TYR G 157 25.35 1.73 -54.10
CA TYR G 157 25.65 1.67 -55.54
C TYR G 157 26.44 2.88 -56.05
N LEU G 158 25.92 4.08 -55.79
CA LEU G 158 26.62 5.33 -56.11
C LEU G 158 28.07 5.29 -55.62
N VAL G 159 28.28 4.91 -54.36
CA VAL G 159 29.63 4.92 -53.75
C VAL G 159 30.58 3.91 -54.38
N LEU G 160 30.14 2.68 -54.61
CA LEU G 160 30.91 1.71 -55.39
C LEU G 160 31.26 2.24 -56.79
N GLY G 161 30.26 2.83 -57.45
CA GLY G 161 30.45 3.40 -58.75
C GLY G 161 31.40 4.58 -58.72
N LEU G 162 31.03 5.62 -57.97
CA LEU G 162 31.87 6.80 -57.82
C LEU G 162 33.31 6.48 -57.43
N ALA G 163 33.48 5.48 -56.55
CA ALA G 163 34.82 5.02 -56.18
C ALA G 163 35.59 4.53 -57.41
N ALA G 164 35.13 3.42 -58.00
CA ALA G 164 35.77 2.79 -59.18
C ALA G 164 35.89 3.68 -60.42
N LEU G 165 35.03 4.70 -60.53
CA LEU G 165 35.16 5.72 -61.59
C LEU G 165 36.44 6.51 -61.39
N ILE G 166 36.60 7.09 -60.20
CA ILE G 166 37.79 7.86 -59.81
C ILE G 166 39.05 6.98 -59.79
N SER G 167 38.90 5.69 -59.49
CA SER G 167 40.03 4.76 -59.53
C SER G 167 40.46 4.38 -60.94
N LEU G 168 39.50 4.20 -61.85
CA LEU G 168 39.78 3.89 -63.26
C LEU G 168 40.04 5.16 -64.07
N ALA G 169 39.72 6.32 -63.49
CA ALA G 169 40.04 7.62 -64.11
C ALA G 169 41.50 8.01 -63.87
N VAL G 170 41.99 7.85 -62.64
CA VAL G 170 43.37 8.22 -62.27
C VAL G 170 44.44 7.24 -62.80
N VAL G 171 44.08 5.96 -62.98
CA VAL G 171 45.00 4.97 -63.57
C VAL G 171 45.11 5.10 -65.10
N VAL G 172 43.98 5.22 -65.79
CA VAL G 172 44.00 5.29 -67.26
C VAL G 172 44.32 6.69 -67.82
N TYR G 173 44.46 7.70 -66.98
CA TYR G 173 44.76 9.05 -67.46
C TYR G 173 46.26 9.29 -67.77
N PRO G 174 47.18 8.88 -66.87
CA PRO G 174 48.61 8.87 -67.25
C PRO G 174 49.04 7.69 -68.16
N ARG G 175 48.16 6.73 -68.45
CA ARG G 175 48.42 5.65 -69.45
C ARG G 175 47.86 6.01 -70.84
N TRP G 176 46.79 6.80 -70.88
CA TRP G 176 46.31 7.41 -72.12
C TRP G 176 47.15 8.66 -72.46
N GLU G 177 48.10 9.00 -71.58
CA GLU G 177 49.15 9.99 -71.85
C GLU G 177 50.50 9.34 -72.22
N ARG G 178 50.61 8.02 -72.00
CA ARG G 178 51.82 7.24 -72.34
C ARG G 178 51.65 6.25 -73.52
N HIS G 179 50.40 6.08 -73.97
CA HIS G 179 50.11 5.46 -75.28
C HIS G 179 50.01 6.57 -76.35
N LYS G 180 49.53 7.75 -75.94
CA LYS G 180 49.61 8.98 -76.75
C LYS G 180 51.05 9.40 -77.05
N LYS G 181 51.97 9.10 -76.13
CA LYS G 181 53.37 9.55 -76.19
C LYS G 181 54.30 8.53 -76.89
N ALA G 182 53.96 7.24 -76.81
CA ALA G 182 54.72 6.17 -77.47
C ALA G 182 54.55 6.13 -79.00
N THR G 183 53.62 6.93 -79.51
CA THR G 183 53.39 7.13 -80.96
C THR G 183 52.36 8.24 -81.22
N LEU G 184 52.78 9.32 -81.89
CA LEU G 184 52.04 10.60 -81.87
C LEU G 184 52.24 11.47 -83.13
N PRO G 185 51.46 12.58 -83.28
CA PRO G 185 51.62 13.47 -84.45
C PRO G 185 52.94 14.28 -84.50
N THR G 186 54.07 13.60 -84.36
CA THR G 186 55.39 14.25 -84.29
C THR G 186 56.50 13.21 -84.32
N THR H 28 7.33 -37.76 -7.74
CA THR H 28 6.37 -37.26 -6.73
C THR H 28 6.83 -35.90 -6.18
N SER H 29 5.92 -35.27 -5.42
CA SER H 29 6.25 -34.06 -4.66
C SER H 29 6.98 -34.40 -3.34
N ALA H 30 8.26 -34.77 -3.50
CA ALA H 30 9.22 -34.85 -2.39
C ALA H 30 10.49 -34.09 -2.86
N ALA H 31 10.43 -32.77 -2.61
CA ALA H 31 11.00 -31.75 -3.49
C ALA H 31 11.92 -30.80 -2.78
N VAL H 32 12.53 -29.91 -3.55
CA VAL H 32 13.49 -28.93 -3.02
C VAL H 32 12.95 -27.49 -3.20
N THR H 33 13.26 -26.60 -2.26
CA THR H 33 12.92 -25.18 -2.46
C THR H 33 13.78 -24.62 -3.60
N GLY H 34 13.19 -23.75 -4.41
CA GLY H 34 13.88 -23.14 -5.55
C GLY H 34 14.00 -21.64 -5.34
N ALA H 35 14.89 -21.03 -6.12
CA ALA H 35 15.13 -19.59 -6.05
C ALA H 35 14.52 -18.89 -7.26
N ALA H 36 14.25 -17.60 -7.11
CA ALA H 36 13.72 -16.78 -8.20
C ALA H 36 14.74 -16.73 -9.35
N PRO H 37 14.26 -16.82 -10.60
CA PRO H 37 15.16 -16.99 -11.71
C PRO H 37 15.86 -15.68 -12.07
N PRO H 38 17.06 -15.77 -12.65
CA PRO H 38 17.91 -14.57 -12.81
C PRO H 38 17.26 -13.53 -13.72
N GLN H 39 17.03 -12.35 -13.15
CA GLN H 39 16.19 -11.33 -13.76
C GLN H 39 16.81 -9.97 -13.42
N PHE H 40 17.05 -9.15 -14.44
CA PHE H 40 17.72 -7.88 -14.23
C PHE H 40 16.78 -6.92 -13.51
N ASP H 41 17.20 -6.40 -12.36
CA ASP H 41 16.41 -5.38 -11.69
C ASP H 41 16.92 -4.00 -12.10
N PRO H 42 16.13 -3.24 -12.88
CA PRO H 42 16.64 -1.97 -13.37
C PRO H 42 16.71 -0.87 -12.32
N ILE H 43 16.10 -1.06 -11.17
CA ILE H 43 16.14 -0.07 -10.11
C ILE H 43 17.11 -0.49 -9.02
N ALA H 44 17.08 -1.78 -8.66
CA ALA H 44 18.04 -2.33 -7.69
C ALA H 44 19.49 -2.13 -8.15
N ALA H 45 19.68 -2.05 -9.45
CA ALA H 45 20.90 -1.57 -10.05
C ALA H 45 21.16 -0.10 -9.82
N GLU H 46 20.10 0.70 -9.91
CA GLU H 46 20.29 2.15 -9.95
C GLU H 46 20.91 2.67 -8.70
N LYS H 47 20.51 2.17 -7.54
CA LYS H 47 21.12 2.70 -6.36
C LYS H 47 22.56 2.36 -6.63
N GLY H 48 23.46 3.30 -6.39
CA GLY H 48 24.84 3.14 -6.81
C GLY H 48 24.93 3.44 -8.28
N PHE H 49 26.02 3.05 -8.92
CA PHE H 49 26.20 3.30 -10.35
C PHE H 49 26.00 4.74 -10.74
N LYS H 50 26.65 5.65 -10.05
CA LYS H 50 26.52 7.06 -10.38
C LYS H 50 27.05 7.38 -11.77
N PRO H 51 28.10 6.68 -12.15
CA PRO H 51 29.24 7.20 -12.88
C PRO H 51 28.90 7.87 -14.20
N LEU H 52 29.64 8.96 -14.47
CA LEU H 52 29.56 9.75 -15.69
C LEU H 52 30.86 9.57 -16.47
N HIS H 53 30.77 9.12 -17.71
CA HIS H 53 31.97 8.92 -18.50
C HIS H 53 31.69 8.98 -19.97
N SER H 54 31.25 10.10 -20.50
CA SER H 54 30.68 10.04 -21.81
C SER H 54 31.72 9.94 -22.86
N HIS H 55 31.63 8.87 -23.62
CA HIS H 55 32.48 8.64 -24.72
C HIS H 55 32.25 9.67 -25.73
N GLY H 56 31.02 10.07 -25.89
CA GLY H 56 30.60 10.55 -27.17
C GLY H 56 31.43 11.69 -27.65
N THR H 57 31.78 12.61 -26.78
CA THR H 57 32.47 13.78 -27.25
C THR H 57 33.72 13.26 -27.89
N LEU H 58 34.34 12.29 -27.26
CA LEU H 58 35.47 11.60 -27.92
C LEU H 58 35.06 11.08 -29.31
N PHE H 59 33.93 10.37 -29.36
CA PHE H 59 33.38 9.85 -30.63
C PHE H 59 33.21 10.97 -31.65
N LYS H 60 32.70 12.12 -31.19
CA LYS H 60 32.50 13.29 -32.03
C LYS H 60 33.79 13.58 -32.79
N ILE H 61 34.89 13.73 -32.05
CA ILE H 61 36.15 14.14 -32.67
C ILE H 61 36.74 13.05 -33.57
N GLU H 62 36.45 11.78 -33.30
CA GLU H 62 36.80 10.71 -34.24
C GLU H 62 36.27 11.00 -35.65
N ARG H 63 35.05 11.54 -35.73
CA ARG H 63 34.35 11.75 -37.01
C ARG H 63 34.66 13.11 -37.63
N TYR H 64 34.75 14.14 -36.81
CA TYR H 64 35.14 15.45 -37.31
C TYR H 64 36.53 15.35 -37.93
N PHE H 65 37.40 14.55 -37.32
CA PHE H 65 38.71 14.33 -37.88
C PHE H 65 38.59 13.64 -39.24
N ALA H 66 37.76 12.60 -39.31
CA ALA H 66 37.58 11.85 -40.55
C ALA H 66 37.06 12.75 -41.66
N ALA H 67 36.20 13.69 -41.28
CA ALA H 67 35.68 14.73 -42.16
C ALA H 67 36.79 15.70 -42.62
N ALA H 68 37.65 16.08 -41.68
CA ALA H 68 38.82 16.90 -41.99
C ALA H 68 39.74 16.21 -43.01
N MET H 69 39.76 14.88 -43.00
CA MET H 69 40.59 14.14 -43.94
C MET H 69 40.04 14.10 -45.37
N VAL H 70 38.74 14.37 -45.53
CA VAL H 70 38.13 14.31 -46.86
C VAL H 70 38.83 15.27 -47.84
N PRO H 71 39.05 16.54 -47.44
CA PRO H 71 39.80 17.43 -48.33
C PRO H 71 41.28 17.05 -48.50
N LEU H 72 41.93 16.61 -47.43
CA LEU H 72 43.38 16.33 -47.43
C LEU H 72 43.79 15.26 -48.45
N ILE H 73 42.96 14.24 -48.66
CA ILE H 73 43.30 13.12 -49.56
C ILE H 73 43.48 13.56 -51.03
N PRO H 74 42.52 14.29 -51.58
CA PRO H 74 42.76 14.86 -52.92
C PRO H 74 43.77 16.02 -52.89
N ALA H 75 43.87 16.72 -51.77
CA ALA H 75 44.89 17.76 -51.62
C ALA H 75 46.31 17.18 -51.72
N ALA H 76 46.50 15.99 -51.18
CA ALA H 76 47.78 15.29 -51.21
C ALA H 76 48.09 14.67 -52.58
N TYR H 77 47.06 14.43 -53.37
CA TYR H 77 47.24 14.06 -54.77
C TYR H 77 47.80 15.27 -55.54
N PHE H 78 47.27 16.46 -55.26
CA PHE H 78 47.63 17.67 -55.98
C PHE H 78 48.87 18.40 -55.44
N ILE H 79 49.19 18.27 -54.16
CA ILE H 79 50.46 18.82 -53.63
C ILE H 79 51.25 17.71 -52.94
N HIS H 80 52.52 17.56 -53.30
CA HIS H 80 53.41 16.53 -52.76
C HIS H 80 54.47 17.17 -51.86
N GLY H 81 55.43 16.37 -51.37
CA GLY H 81 56.56 16.92 -50.63
C GLY H 81 56.61 16.66 -49.13
N ARG H 82 57.62 17.27 -48.48
CA ARG H 82 58.06 16.85 -47.14
C ARG H 82 57.10 17.29 -46.02
N GLU H 83 56.18 18.18 -46.35
CA GLU H 83 55.25 18.74 -45.36
C GLU H 83 53.89 18.01 -45.43
N MET H 84 53.41 17.70 -46.64
CA MET H 84 52.19 16.89 -46.80
C MET H 84 52.43 15.45 -46.33
N ASP H 85 53.61 14.91 -46.65
CA ASP H 85 54.06 13.64 -46.09
C ASP H 85 53.93 13.62 -44.55
N LEU H 86 54.08 14.80 -43.95
CA LEU H 86 54.06 14.96 -42.51
C LEU H 86 52.62 15.00 -41.95
N CYS H 87 51.67 15.46 -42.78
CA CYS H 87 50.22 15.46 -42.43
C CYS H 87 49.59 14.10 -42.64
N LEU H 88 49.75 13.55 -43.84
CA LEU H 88 49.34 12.17 -44.10
C LEU H 88 49.81 11.20 -43.01
N ALA H 89 51.04 11.36 -42.54
CA ALA H 89 51.61 10.48 -41.51
C ALA H 89 51.01 10.69 -40.11
N LEU H 90 50.81 11.94 -39.73
CA LEU H 90 50.16 12.24 -38.46
C LEU H 90 48.67 11.93 -38.53
N ALA H 91 47.98 12.48 -39.52
CA ALA H 91 46.55 12.22 -39.69
C ALA H 91 46.27 10.74 -39.78
N LEU H 92 46.89 10.05 -40.74
CA LEU H 92 46.63 8.61 -40.95
C LEU H 92 46.94 7.76 -39.73
N THR H 93 47.98 8.11 -38.99
CA THR H 93 48.32 7.37 -37.77
C THR H 93 47.27 7.55 -36.68
N LEU H 94 46.80 8.78 -36.49
CA LEU H 94 45.75 9.04 -35.52
C LEU H 94 44.48 8.28 -35.90
N HIS H 95 43.99 8.52 -37.10
CA HIS H 95 42.77 7.88 -37.60
C HIS H 95 42.81 6.35 -37.49
N VAL H 96 43.84 5.74 -38.08
CA VAL H 96 44.03 4.28 -38.08
C VAL H 96 44.09 3.75 -36.66
N HIS H 97 44.71 4.53 -35.78
CA HIS H 97 44.79 4.19 -34.37
C HIS H 97 43.39 3.92 -33.87
N TRP H 98 42.50 4.89 -34.07
CA TRP H 98 41.12 4.79 -33.63
C TRP H 98 40.35 3.64 -34.30
N GLY H 99 40.69 3.36 -35.55
CA GLY H 99 40.07 2.26 -36.26
C GLY H 99 40.42 0.89 -35.70
N VAL H 100 41.71 0.57 -35.68
CA VAL H 100 42.16 -0.74 -35.21
C VAL H 100 41.79 -0.99 -33.75
N TRP H 101 41.64 0.09 -32.99
CA TRP H 101 41.21 0.01 -31.60
C TRP H 101 39.76 -0.48 -31.55
N GLY H 102 38.90 0.11 -32.40
CA GLY H 102 37.52 -0.35 -32.56
C GLY H 102 37.43 -1.78 -33.09
N VAL H 103 38.26 -2.09 -34.08
CA VAL H 103 38.28 -3.45 -34.68
C VAL H 103 38.80 -4.51 -33.68
N VAL H 104 39.82 -4.13 -32.93
CA VAL H 104 40.34 -4.95 -31.84
C VAL H 104 39.25 -5.16 -30.77
N ASN H 105 38.53 -4.10 -30.41
CA ASN H 105 37.41 -4.19 -29.45
C ASN H 105 36.22 -5.01 -29.95
N ASP H 106 36.04 -5.06 -31.27
CA ASP H 106 35.02 -5.92 -31.86
C ASP H 106 35.38 -7.42 -31.70
N TYR H 107 36.49 -7.85 -32.28
CA TYR H 107 36.84 -9.27 -32.25
C TYR H 107 37.66 -9.71 -31.03
N GLY H 108 38.21 -8.76 -30.26
CA GLY H 108 39.04 -9.10 -29.08
C GLY H 108 38.25 -9.52 -27.86
N ARG H 109 37.28 -10.42 -28.08
CA ARG H 109 36.21 -10.70 -27.13
C ARG H 109 36.72 -11.58 -26.00
N PRO H 110 36.52 -11.16 -24.75
CA PRO H 110 36.88 -12.01 -23.62
C PRO H 110 36.11 -13.33 -23.58
N PHE H 111 34.81 -13.30 -23.94
CA PHE H 111 34.04 -14.55 -24.02
C PHE H 111 34.73 -15.58 -24.93
N VAL H 112 35.48 -15.10 -25.92
CA VAL H 112 36.14 -16.00 -26.86
C VAL H 112 37.66 -16.16 -26.62
N LEU H 113 38.33 -15.22 -25.95
CA LEU H 113 39.80 -15.26 -25.81
C LEU H 113 40.34 -15.55 -24.41
N GLY H 114 39.54 -15.31 -23.37
CA GLY H 114 40.03 -15.31 -22.00
C GLY H 114 40.37 -13.87 -21.64
N ASP H 115 40.31 -13.54 -20.35
CA ASP H 115 40.38 -12.14 -19.92
C ASP H 115 41.77 -11.51 -20.03
N THR H 116 42.85 -12.30 -19.99
CA THR H 116 44.21 -11.74 -20.13
C THR H 116 44.72 -11.72 -21.58
N LEU H 117 44.35 -12.71 -22.39
CA LEU H 117 44.70 -12.69 -23.81
C LEU H 117 43.81 -11.71 -24.60
N ALA H 118 42.66 -11.34 -24.02
CA ALA H 118 41.83 -10.27 -24.57
C ALA H 118 42.42 -8.90 -24.25
N ALA H 119 43.02 -8.77 -23.07
CA ALA H 119 43.75 -7.56 -22.66
C ALA H 119 45.11 -7.40 -23.35
N ALA H 120 45.65 -8.51 -23.85
CA ALA H 120 46.91 -8.49 -24.61
C ALA H 120 46.71 -7.79 -25.93
N VAL H 121 45.71 -8.27 -26.68
CA VAL H 121 45.30 -7.72 -27.97
C VAL H 121 45.05 -6.21 -27.92
N ARG H 122 44.47 -5.73 -26.80
CA ARG H 122 44.22 -4.30 -26.58
C ARG H 122 45.51 -3.51 -26.58
N VAL H 123 46.45 -3.91 -25.71
CA VAL H 123 47.79 -3.31 -25.65
C VAL H 123 48.43 -3.35 -27.07
N GLY H 124 48.22 -4.47 -27.76
CA GLY H 124 48.71 -4.63 -29.13
C GLY H 124 48.20 -3.62 -30.13
N ALA H 125 46.96 -3.14 -29.95
CA ALA H 125 46.40 -2.09 -30.82
C ALA H 125 47.12 -0.75 -30.66
N TYR H 126 47.81 -0.58 -29.53
CA TYR H 126 48.70 0.56 -29.28
C TYR H 126 50.12 0.33 -29.83
N ILE H 127 50.68 -0.85 -29.59
CA ILE H 127 51.99 -1.22 -30.15
C ILE H 127 51.95 -0.91 -31.64
N PHE H 128 50.87 -1.38 -32.29
CA PHE H 128 50.62 -1.18 -33.72
C PHE H 128 50.73 0.29 -34.09
N THR H 129 49.96 1.13 -33.40
CA THR H 129 49.94 2.56 -33.66
C THR H 129 51.33 3.16 -33.48
N ALA H 130 51.97 2.79 -32.37
CA ALA H 130 53.34 3.22 -32.09
C ALA H 130 54.29 2.91 -33.24
N CYS H 131 54.37 1.64 -33.62
CA CYS H 131 55.22 1.20 -34.74
C CYS H 131 54.84 1.90 -36.06
N LEU H 132 53.55 2.03 -36.34
CA LEU H 132 53.09 2.72 -37.55
C LEU H 132 53.60 4.16 -37.63
N LEU H 133 53.63 4.85 -36.49
CA LEU H 133 54.19 6.20 -36.46
C LEU H 133 55.71 6.20 -36.72
N ALA H 134 56.44 5.42 -35.94
CA ALA H 134 57.87 5.20 -36.19
C ALA H 134 58.05 4.84 -37.65
N GLY H 135 57.42 3.75 -38.07
CA GLY H 135 57.58 3.23 -39.43
C GLY H 135 57.37 4.27 -40.53
N LEU H 136 56.40 5.14 -40.35
CA LEU H 136 56.09 6.17 -41.34
C LEU H 136 57.11 7.29 -41.28
N LEU H 137 57.31 7.85 -40.10
CA LEU H 137 58.23 8.97 -39.93
C LEU H 137 59.60 8.65 -40.52
N TYR H 138 60.17 7.52 -40.10
CA TYR H 138 61.43 7.04 -40.66
C TYR H 138 61.38 7.08 -42.20
N PHE H 139 60.31 6.54 -42.79
CA PHE H 139 60.16 6.44 -44.24
C PHE H 139 60.04 7.80 -44.91
N ASN H 140 59.47 8.79 -44.23
CA ASN H 140 59.48 10.16 -44.73
C ASN H 140 60.89 10.72 -44.71
N GLU H 141 61.49 10.74 -43.52
CA GLU H 141 62.72 11.48 -43.25
C GLU H 141 63.98 10.84 -43.88
N HIS H 142 63.97 9.52 -44.10
CA HIS H 142 65.16 8.82 -44.61
C HIS H 142 65.02 8.20 -46.00
N ASP H 143 63.84 7.68 -46.32
CA ASP H 143 63.56 7.11 -47.64
C ASP H 143 62.94 8.22 -48.51
N VAL H 144 62.31 7.84 -49.62
CA VAL H 144 61.80 8.82 -50.59
C VAL H 144 60.83 9.83 -49.98
N GLY H 145 59.80 9.30 -49.33
CA GLY H 145 58.68 10.08 -48.78
C GLY H 145 57.38 9.59 -49.40
N LEU H 146 56.39 9.32 -48.56
CA LEU H 146 55.05 8.86 -49.01
C LEU H 146 54.58 9.40 -50.37
N THR H 147 54.37 10.72 -50.45
CA THR H 147 53.86 11.36 -51.66
C THR H 147 54.63 10.95 -52.92
N ARG H 148 55.96 10.95 -52.81
CA ARG H 148 56.85 10.51 -53.89
C ARG H 148 56.66 9.02 -54.16
N ALA H 149 56.56 8.21 -53.12
CA ALA H 149 56.48 6.75 -53.26
C ALA H 149 55.28 6.32 -54.10
N PHE H 150 54.21 7.10 -54.06
CA PHE H 150 53.07 6.85 -54.95
C PHE H 150 53.40 7.18 -56.42
N GLU H 151 54.09 8.30 -56.61
CA GLU H 151 54.56 8.69 -57.96
C GLU H 151 55.31 7.55 -58.63
N MET H 152 56.27 6.99 -57.91
CA MET H 152 57.17 5.98 -58.47
C MET H 152 56.44 4.69 -58.83
N VAL H 153 55.39 4.33 -58.08
CA VAL H 153 54.59 3.14 -58.43
C VAL H 153 53.57 3.42 -59.54
N TRP H 154 53.26 4.70 -59.79
CA TRP H 154 52.38 5.07 -60.90
C TRP H 154 53.14 5.20 -62.22
N GLU H 155 54.39 5.65 -62.16
CA GLU H 155 55.23 5.80 -63.36
C GLU H 155 55.37 4.51 -64.19
N LEU H 156 55.22 3.36 -63.54
CA LEU H 156 55.58 2.04 -64.12
C LEU H 156 54.87 1.65 -65.41
C1 MLI I . 3.06 23.72 26.12
C2 MLI I . 3.62 23.75 24.73
C3 MLI I . 1.86 24.62 26.14
O6 MLI I . 4.42 22.85 24.38
O7 MLI I . 3.28 24.70 23.99
O8 MLI I . 0.75 24.12 25.93
O9 MLI I . 2.05 25.84 26.34
PA FAD J . 6.09 10.87 24.07
O1A FAD J . 6.88 11.37 25.30
O2A FAD J . 4.75 11.42 23.65
O5B FAD J . 5.98 9.28 24.19
C5B FAD J . 7.10 8.50 24.53
C4B FAD J . 6.79 7.03 24.22
O4B FAD J . 8.02 6.29 24.21
C3B FAD J . 5.87 6.37 25.25
O3B FAD J . 4.89 5.56 24.59
C2B FAD J . 6.80 5.50 26.07
O2B FAD J . 6.21 4.30 26.56
C1B FAD J . 7.85 5.15 25.06
N9A FAD J . 9.06 4.75 25.79
C8A FAD J . 9.89 5.51 26.53
N7A FAD J . 10.87 4.74 27.05
C5A FAD J . 10.65 3.48 26.64
C6A FAD J . 11.29 2.18 26.82
N6A FAD J . 12.40 2.07 27.58
N1A FAD J . 10.72 1.11 26.21
C2A FAD J . 9.61 1.21 25.45
N3A FAD J . 8.98 2.37 25.26
C4A FAD J . 9.46 3.50 25.81
N1 FAD J . 3.93 20.29 22.04
C2 FAD J . 3.13 20.97 21.21
O2 FAD J . 3.47 21.00 19.99
N3 FAD J . 2.01 21.58 21.63
C4 FAD J . 1.63 21.55 22.91
O4 FAD J . 0.58 22.12 23.30
C4X FAD J . 2.45 20.82 23.89
N5 FAD J . 2.14 20.74 25.19
C5X FAD J . 2.94 20.08 26.04
C6 FAD J . 2.59 20.03 27.38
C7 FAD J . 3.38 19.34 28.28
C7M FAD J . 3.00 19.26 29.74
C8 FAD J . 4.60 18.66 27.77
C8M FAD J . 5.53 17.95 28.66
C9 FAD J . 4.97 18.72 26.45
C9A FAD J . 4.18 19.41 25.55
N10 FAD J . 4.51 19.50 24.21
C10 FAD J . 3.66 20.19 23.35
C1' FAD J . 5.68 18.83 23.62
C2' FAD J . 5.09 17.56 23.00
O2' FAD J . 3.87 17.16 23.65
C3' FAD J . 6.00 16.36 23.10
O3' FAD J . 7.29 16.79 22.69
C4' FAD J . 5.46 15.21 22.27
O4' FAD J . 4.26 14.77 22.90
C5' FAD J . 6.43 14.03 22.18
O5' FAD J . 5.86 12.90 21.51
P FAD J . 6.76 11.56 21.31
O1P FAD J . 5.91 10.48 20.64
O2P FAD J . 8.16 11.87 20.75
O3P FAD J . 7.08 11.05 22.81
FE1 FES K . -2.82 9.94 37.99
FE2 FES K . -1.84 10.22 35.47
S1 FES K . -0.82 9.39 37.25
S2 FES K . -3.94 10.04 36.08
FE1 SF4 L . -12.06 7.42 33.36
FE2 SF4 L . -14.81 6.34 32.76
FE3 SF4 L . -13.46 8.15 30.74
FE4 SF4 L . -14.58 9.26 33.35
S1 SF4 L . -15.33 8.12 31.75
S2 SF4 L . -12.68 9.24 32.39
S3 SF4 L . -13.96 7.47 34.34
S4 SF4 L . -12.96 6.35 31.73
FE1 F3S M . -25.29 1.82 33.82
FE3 F3S M . -23.44 3.33 35.28
FE4 F3S M . -23.17 0.57 35.35
S1 F3S M . -25.35 3.91 34.40
S2 F3S M . -25.17 -0.12 34.82
S3 F3S M . -23.13 1.91 33.66
S4 F3S M . -22.50 2.08 36.80
CHA HEM N . -37.78 -4.43 37.41
CHB HEM N . -40.67 -0.71 36.48
CHC HEM N . -43.95 -2.47 39.63
CHD HEM N . -41.24 -6.48 40.09
C1A HEM N . -38.30 -3.27 36.90
C2A HEM N . -37.59 -2.42 36.03
C3A HEM N . -38.40 -1.37 35.76
C4A HEM N . -39.60 -1.59 36.47
CMA HEM N . -38.08 -0.20 34.86
CAA HEM N . -36.20 -2.64 35.48
CBA HEM N . -35.11 -2.30 36.52
CGA HEM N . -33.72 -2.57 36.01
O1A HEM N . -33.51 -2.91 34.80
O2A HEM N . -32.77 -2.45 36.84
C1B HEM N . -41.82 -0.85 37.28
C2B HEM N . -42.86 0.11 37.30
C3B HEM N . -43.81 -0.33 38.18
C4B HEM N . -43.30 -1.63 38.71
CMB HEM N . -42.91 1.41 36.51
CAB HEM N . -45.06 0.45 38.43
CBB HEM N . -46.08 0.07 39.21
C1C HEM N . -43.52 -3.73 40.01
C2C HEM N . -44.25 -4.61 40.83
C3C HEM N . -43.52 -5.77 40.99
C4C HEM N . -42.30 -5.61 40.23
CMC HEM N . -45.60 -4.38 41.46
CAC HEM N . -44.07 -6.89 41.79
CBC HEM N . -43.55 -8.10 41.91
C1D HEM N . -40.08 -6.17 39.39
C2D HEM N . -38.95 -7.12 39.36
C3D HEM N . -37.98 -6.57 38.62
C4D HEM N . -38.53 -5.26 38.22
CMD HEM N . -38.84 -8.48 40.01
CAD HEM N . -36.63 -7.27 38.40
CBD HEM N . -35.47 -6.60 37.62
CGD HEM N . -34.41 -5.79 38.40
O1D HEM N . -33.33 -5.55 37.84
O2D HEM N . -34.52 -5.35 39.57
NA HEM N . -39.51 -2.74 37.20
NB HEM N . -42.12 -1.85 38.11
NC HEM N . -42.33 -4.35 39.67
ND HEM N . -39.80 -5.06 38.68
FE HEM N . -40.88 -3.51 38.42
I 12J O . -26.27 -6.07 38.11
N 12J O . -26.31 -4.57 42.32
C1 12J O . -27.76 -5.00 39.14
O1 12J O . -26.11 -6.40 40.95
C2 12J O . -27.72 -4.82 40.51
O2 12J O . -22.47 -3.12 44.38
C3 12J O . -28.75 -4.10 41.14
C4 12J O . -29.80 -3.55 40.41
C5 12J O . -29.84 -3.73 39.03
C6 12J O . -28.82 -4.46 38.41
C7 12J O . -26.66 -5.34 41.26
C8 12J O . -25.32 -4.92 43.13
C9 12J O . -24.41 -3.93 43.39
C10 12J O . -23.34 -4.16 44.24
C11 12J O . -23.18 -5.42 44.82
C12 12J O . -24.10 -6.43 44.57
C13 12J O . -25.18 -6.18 43.73
C14 12J O . -22.29 -2.37 45.56
C15 12J O . -21.61 -3.22 46.61
C16 12J O . -21.36 -1.20 45.21
C1 EPH P . -54.34 -1.41 48.31
C2 EPH P . -54.25 -2.30 49.57
C4 EPH P . -53.64 -2.89 46.39
O2 EPH P . -54.66 -2.17 47.15
O4 EPH P . -53.78 -4.11 46.31
C18 EPH P . -52.49 -2.18 45.71
C19 EPH P . -51.27 -3.08 45.53
C20 EPH P . -50.99 -3.43 44.05
C21 EPH P . -49.68 -4.24 43.83
C22 EPH P . -49.66 -5.61 44.52
C23 EPH P . -48.43 -6.47 44.18
C24 EPH P . -47.46 -6.50 45.34
C25 EPH P . -47.44 -7.44 46.28
C26 EPH P . -46.39 -7.27 47.36
C27 EPH P . -46.43 -8.33 48.46
C28 EPH P . -45.61 -7.88 49.68
C29 EPH P . -44.26 -7.92 49.72
C30 EPH P . -43.48 -7.47 50.97
C31 EPH P . -41.98 -7.63 50.82
C37 EPH P . -54.99 -1.65 50.74
O5 EPH P . -56.38 -1.86 50.54
C3 EPH P . -52.01 -1.47 50.21
O1 EPH P . -52.89 -2.61 49.93
O3 EPH P . -52.18 -0.90 51.27
C5 EPH P . -50.91 -1.09 49.23
C6 EPH P . -50.85 0.41 48.89
C7 EPH P . -50.11 0.71 47.57
C8 EPH P . -49.89 2.20 47.35
C9 EPH P . -49.68 2.62 45.88
C10 EPH P . -48.20 2.88 45.50
C11 EPH P . -47.83 4.33 45.12
C12 EPH P . -47.94 4.61 43.62
C13 EPH P . -47.77 5.83 43.13
C14 EPH P . -47.90 6.08 41.64
C15 EPH P . -47.86 7.56 41.31
C16 EPH P . -48.56 8.14 40.33
C17 EPH P . -49.52 7.42 39.40
P1 EPH P . -57.52 -1.11 51.39
O6 EPH P . -58.49 -2.18 51.87
O7 EPH P . -56.85 -0.21 52.40
O8 EPH P . -58.29 -0.21 50.28
C38 EPH P . -59.38 0.66 50.62
C39 EPH P . -60.71 -0.06 50.41
N1 EPH P . -60.86 -0.47 49.03
C1 MLI Q . -11.80 -5.43 -31.87
C2 MLI Q . -12.31 -5.24 -30.48
C3 MLI Q . -11.74 -4.11 -32.59
O6 MLI Q . -12.24 -6.20 -29.70
O7 MLI Q . -12.79 -4.13 -30.15
O8 MLI Q . -12.74 -3.71 -33.22
O9 MLI Q . -10.68 -3.45 -32.52
PA FAD R . -4.77 -12.04 -22.43
O1A FAD R . -5.79 -12.95 -23.10
O2A FAD R . -4.28 -10.74 -23.01
O5B FAD R . -3.43 -12.86 -22.08
C5B FAD R . -3.58 -14.15 -21.51
C4B FAD R . -2.48 -14.41 -20.48
O4B FAD R . -2.77 -15.60 -19.75
C3B FAD R . -1.14 -14.60 -21.19
O3B FAD R . -0.14 -13.83 -20.52
C2B FAD R . -0.93 -16.11 -21.12
O2B FAD R . 0.45 -16.48 -21.13
C1B FAD R . -1.63 -16.46 -19.82
N9A FAD R . -1.95 -17.89 -19.77
C8A FAD R . -2.95 -18.53 -20.40
N7A FAD R . -2.93 -19.86 -20.12
C5A FAD R . -1.89 -20.08 -19.29
C6A FAD R . -1.28 -21.24 -18.61
N6A FAD R . -1.79 -22.48 -18.75
N1A FAD R . -0.20 -21.02 -17.84
C2A FAD R . 0.32 -19.79 -17.67
N3A FAD R . -0.19 -18.70 -18.26
C4A FAD R . -1.26 -18.77 -19.06
N1 FAD R . -10.79 -5.27 -26.55
C2 FAD R . -10.89 -3.94 -26.53
O2 FAD R . -11.38 -3.46 -25.48
N3 FAD R . -10.47 -3.17 -27.57
C4 FAD R . -9.93 -3.69 -28.69
O4 FAD R . -9.56 -2.97 -29.64
C4X FAD R . -9.77 -5.15 -28.78
N5 FAD R . -9.25 -5.78 -29.86
C5X FAD R . -9.15 -7.13 -29.87
C6 FAD R . -8.60 -7.81 -30.95
C7 FAD R . -8.51 -9.19 -30.92
C7M FAD R . -7.94 -9.90 -32.11
C8 FAD R . -8.99 -9.95 -29.73
C8M FAD R . -9.05 -11.44 -29.53
C9 FAD R . -9.53 -9.29 -28.67
C9A FAD R . -9.64 -7.92 -28.69
N10 FAD R . -10.19 -7.29 -27.58
C10 FAD R . -10.26 -5.91 -27.61
C1' FAD R . -10.62 -8.02 -26.39
C2' FAD R . -9.43 -7.95 -25.43
O2' FAD R . -8.21 -7.67 -26.13
C3' FAD R . -9.12 -9.21 -24.63
O3' FAD R . -10.32 -9.77 -24.09
C4' FAD R . -8.16 -8.90 -23.49
O4' FAD R . -6.99 -8.26 -24.04
C5' FAD R . -7.74 -10.13 -22.70
O5' FAD R . -6.72 -9.76 -21.80
P FAD R . -6.35 -10.62 -20.50
O1P FAD R . -5.47 -9.83 -19.55
O2P FAD R . -7.59 -11.32 -19.93
O3P FAD R . -5.31 -11.76 -20.95
FE1 FES S . 4.21 -14.50 -36.16
FE2 FES S . 2.91 -13.58 -33.88
S1 FES S . 3.55 -15.64 -34.39
S2 FES S . 4.49 -12.56 -35.06
FE1 SF4 T . 11.24 -6.73 -34.43
FE2 SF4 T . 13.79 -5.07 -34.18
FE3 SF4 T . 11.14 -4.04 -33.07
FE4 SF4 T . 11.75 -4.08 -36.10
S1 SF4 T . 12.67 -3.28 -34.36
S2 SF4 T . 10.25 -4.88 -34.78
S3 SF4 T . 12.70 -5.96 -35.78
S4 SF4 T . 12.30 -5.80 -32.84
FE1 F3S U . 24.11 -0.46 -36.37
FE3 F3S U . 21.92 -1.84 -37.53
FE4 F3S U . 24.00 -3.36 -36.22
S1 F3S U . 22.61 0.21 -37.83
S2 F3S U . 25.68 -1.97 -36.27
S3 F3S U . 22.67 -1.82 -35.47
S4 F3S U . 22.57 -3.91 -37.79
CHA HEM V . 37.19 3.47 -40.20
CHB HEM V . 36.25 7.63 -42.40
CHC HEM V . 40.34 7.17 -44.93
CHD HEM V . 41.60 3.39 -42.15
C1A HEM V . 36.57 4.62 -40.58
C2A HEM V . 35.31 5.09 -40.12
C3A HEM V . 35.06 6.27 -40.73
C4A HEM V . 36.15 6.53 -41.58
CMA HEM V . 33.83 7.12 -40.54
CAA HEM V . 34.40 4.44 -39.09
CBA HEM V . 33.81 3.08 -39.48
CGA HEM V . 33.24 2.42 -38.26
O1A HEM V . 33.74 2.56 -37.12
O2A HEM V . 32.22 1.70 -38.39
C1B HEM V . 37.28 7.85 -43.30
C2B HEM V . 37.27 8.95 -44.20
C3B HEM V . 38.39 8.87 -44.95
C4B HEM V . 39.11 7.65 -44.47
CMB HEM V . 36.19 10.00 -44.30
CAB HEM V . 38.69 9.87 -46.00
CBB HEM V . 39.75 9.86 -46.81
C1C HEM V . 41.07 6.11 -44.37
C2C HEM V . 42.33 5.71 -44.83
C3C HEM V . 42.75 4.64 -44.06
C4C HEM V . 41.69 4.39 -43.09
CMC HEM V . 43.14 6.31 -45.95
CAC HEM V . 44.07 4.02 -44.32
CBC HEM V . 44.62 3.05 -43.60
C1D HEM V . 40.45 3.15 -41.42
C2D HEM V . 40.35 1.97 -40.51
C3D HEM V . 39.13 1.97 -39.97
C4D HEM V . 38.47 3.15 -40.56
CMD HEM V . 41.40 0.93 -40.19
CAD HEM V . 38.70 0.87 -38.98
CBD HEM V . 37.24 0.71 -38.45
CGD HEM V . 36.41 -0.17 -39.35
O1D HEM V . 35.15 -0.15 -39.36
O2D HEM V . 36.96 -0.98 -40.11
NA HEM V . 37.08 5.50 -41.48
NB HEM V . 38.38 7.11 -43.49
NC HEM V . 40.69 5.28 -43.35
ND HEM V . 39.29 3.82 -41.41
FE HEM V . 38.85 5.37 -42.42
I 12J W . 31.30 -5.86 -36.04
N 12J W . 30.92 -7.61 -40.15
C1 12J W . 31.71 -4.97 -37.94
O1 12J W . 32.12 -7.77 -38.14
C2 12J W . 31.81 -5.72 -39.11
O2 12J W . 28.14 -10.57 -42.54
C3 12J W . 32.07 -5.08 -40.33
C4 12J W . 32.25 -3.70 -40.39
C5 12J W . 32.16 -2.94 -39.23
C6 12J W . 31.90 -3.59 -38.02
C7 12J W . 31.63 -7.12 -39.08
C8 12J W . 30.61 -8.91 -40.34
C9 12J W . 29.58 -9.15 -41.26
C10 12J W . 29.15 -10.44 -41.57
C11 12J W . 29.79 -11.53 -40.97
C12 12J W . 30.82 -11.30 -40.05
C13 12J W . 31.24 -10.01 -39.73
C14 12J W . 26.80 -11.11 -42.44
C15 12J W . 26.80 -12.63 -42.61
C16 12J W . 26.07 -10.67 -41.18
C1 EPH X . 48.38 10.51 -55.36
C2 EPH X . 49.05 9.30 -56.02
C4 EPH X . 48.85 10.60 -52.81
O2 EPH X . 49.10 10.98 -54.21
O4 EPH X . 49.85 10.55 -52.09
C18 EPH X . 47.47 10.31 -52.22
C19 EPH X . 47.48 9.19 -51.16
C20 EPH X . 46.30 9.24 -50.19
C21 EPH X . 46.44 8.41 -48.89
C22 EPH X . 47.47 7.27 -48.92
C23 EPH X . 47.27 6.19 -47.86
C24 EPH X . 46.85 4.90 -48.54
C25 EPH X . 47.65 3.84 -48.72
C26 EPH X . 47.06 2.65 -49.45
C27 EPH X . 47.88 1.37 -49.40
C28 EPH X . 47.40 0.36 -50.45
C29 EPH X . 46.67 -0.74 -50.17
C30 EPH X . 46.24 -1.69 -51.28
C31 EPH X . 45.58 -2.98 -50.75
C37 EPH X . 49.21 9.44 -57.55
O5 EPH X . 50.45 10.08 -57.90
C3 EPH X . 46.96 7.95 -56.18
O1 EPH X . 48.35 8.07 -55.71
O3 EPH X . 46.74 7.92 -57.38
C5 EPH X . 45.82 7.82 -55.18
C6 EPH X . 44.60 8.68 -55.55
C7 EPH X . 43.38 8.44 -54.65
C8 EPH X . 42.12 9.09 -55.21
C9 EPH X . 41.45 10.10 -54.27
C10 EPH X . 40.25 9.53 -53.51
C11 EPH X . 38.88 10.14 -53.91
C12 EPH X . 38.54 11.37 -53.07
C13 EPH X . 37.40 12.05 -53.27
C14 EPH X . 37.10 13.28 -52.43
C15 EPH X . 35.68 13.77 -52.66
C16 EPH X . 35.23 14.95 -52.20
C17 EPH X . 36.09 15.93 -51.45
P1 EPH X . 50.80 10.43 -59.46
O6 EPH X . 52.29 10.25 -59.64
O7 EPH X . 49.87 9.64 -60.35
O8 EPH X . 50.49 12.02 -59.60
C38 EPH X . 50.74 12.79 -60.79
C39 EPH X . 51.93 13.72 -60.61
N1 EPH X . 51.77 14.52 -59.41
#